data_3CXP
# 
_entry.id   3CXP 
# 
_audit_conform.dict_name       mmcif_pdbx.dic 
_audit_conform.dict_version    5.380 
_audit_conform.dict_location   http://mmcif.pdb.org/dictionaries/ascii/mmcif_pdbx.dic 
# 
loop_
_database_2.database_id 
_database_2.database_code 
_database_2.pdbx_database_accession 
_database_2.pdbx_DOI 
PDB   3CXP         pdb_00003cxp 10.2210/pdb3cxp/pdb 
RCSB  RCSB047340   ?            ?                   
WWPDB D_1000047340 ?            ?                   
# 
loop_
_pdbx_database_related.db_name 
_pdbx_database_related.db_id 
_pdbx_database_related.details 
_pdbx_database_related.content_type 
PDB 3CXQ 'glucosamine 6-phosphate N-acetyltransferase 1 with GlcN6P' unspecified 
PDB 3CXS 'glucosamine 6-phosphate N-acetyltransferase 1, apo-form'   unspecified 
# 
_pdbx_database_status.entry_id                        3CXP 
_pdbx_database_status.deposit_site                    RCSB 
_pdbx_database_status.process_site                    PDBJ 
_pdbx_database_status.recvd_initial_deposition_date   2008-04-25 
_pdbx_database_status.status_code                     REL 
_pdbx_database_status.status_code_sf                  REL 
_pdbx_database_status.status_code_mr                  ? 
_pdbx_database_status.SG_entry                        ? 
_pdbx_database_status.pdb_format_compatible           Y 
_pdbx_database_status.status_code_cs                  ? 
_pdbx_database_status.status_code_nmr_data            ? 
_pdbx_database_status.methods_development_category    ? 
# 
loop_
_audit_author.name 
_audit_author.pdbx_ordinal 
'Wang, J.'  1 
'Liu, X.'   2 
'Li, L.-F.' 3 
'Su, X.-D.' 4 
# 
_citation.id                        primary 
_citation.title                     
'Acceptor substrate binding revealed by crystal structure of human glucosamine-6-phosphate N-acetyltransferase 1' 
_citation.journal_abbrev            'Febs Lett.' 
_citation.journal_volume            582 
_citation.page_first                2973 
_citation.page_last                 2978 
_citation.year                      2008 
_citation.journal_id_ASTM           FEBLAL 
_citation.country                   NE 
_citation.journal_id_ISSN           0014-5793 
_citation.journal_id_CSD            0165 
_citation.book_publisher            ? 
_citation.pdbx_database_id_PubMed   18675810 
_citation.pdbx_database_id_DOI      10.1016/j.febslet.2008.07.040 
# 
loop_
_citation_author.citation_id 
_citation_author.name 
_citation_author.ordinal 
_citation_author.identifier_ORCID 
primary 'Wang, J.'     1 ? 
primary 'Liu, X.'      2 ? 
primary 'Liang, Y.-H.' 3 ? 
primary 'Li, L.-F.'    4 ? 
primary 'Su, X.-D.'    5 ? 
# 
_cell.length_a           51.340 
_cell.length_b           51.340 
_cell.length_c           142.610 
_cell.angle_alpha        90.000 
_cell.angle_beta         90.000 
_cell.angle_gamma        90.000 
_cell.entry_id           3CXP 
_cell.pdbx_unique_axis   ? 
_cell.Z_PDB              8 
_cell.length_a_esd       ? 
_cell.length_b_esd       ? 
_cell.length_c_esd       ? 
_cell.angle_alpha_esd    ? 
_cell.angle_beta_esd     ? 
_cell.angle_gamma_esd    ? 
# 
_symmetry.space_group_name_H-M             'P 43 21 2' 
_symmetry.entry_id                         3CXP 
_symmetry.Int_Tables_number                96 
_symmetry.pdbx_full_space_group_name_H-M   ? 
_symmetry.cell_setting                     ? 
_symmetry.space_group_name_Hall            ? 
# 
loop_
_entity.id 
_entity.type 
_entity.src_method 
_entity.pdbx_description 
_entity.formula_weight 
_entity.pdbx_number_of_molecules 
_entity.pdbx_ec 
_entity.pdbx_mutation 
_entity.pdbx_fragment 
_entity.details 
1 polymer     man 'Glucosamine 6-phosphate N-acetyltransferase' 20718.082 1   2.3.1.4 ? ? ? 
2 non-polymer syn 'CHLORIDE ION'                                35.453    1   ?       ? ? ? 
3 water       nat water                                         18.015    105 ?       ? ? ? 
# 
_entity_name_com.entity_id   1 
_entity_name_com.name        'Phosphoglucosamine transacetylase, Phosphoglucosamine acetylase' 
# 
_entity_poly.entity_id                      1 
_entity_poly.type                           'polypeptide(L)' 
_entity_poly.nstd_linkage                   no 
_entity_poly.nstd_monomer                   no 
_entity_poly.pdbx_seq_one_letter_code       
;MKPDETPMFDPSLLKEVDWSQNTATFSPAISPTHPGEGLVLRPLCTADLNRGFFKVLGQLTETGVVSPEQFMKSFEHMKK
SGDYYVTVVEDVTLGQIVATATLIIEHKFIHSCAKRGRVEDVVVSDECRGKQLGKLLLSTLTLLSKKLNCYKITLACLPQ
NVGFYKKFGYTVSEENYMCRRFLK
;
_entity_poly.pdbx_seq_one_letter_code_can   
;MKPDETPMFDPSLLKEVDWSQNTATFSPAISPTHPGEGLVLRPLCTADLNRGFFKVLGQLTETGVVSPEQFMKSFEHMKK
SGDYYVTVVEDVTLGQIVATATLIIEHKFIHSCAKRGRVEDVVVSDECRGKQLGKLLLSTLTLLSKKLNCYKITLACLPQ
NVGFYKKFGYTVSEENYMCRRFLK
;
_entity_poly.pdbx_strand_id                 A 
_entity_poly.pdbx_target_identifier         ? 
# 
loop_
_entity_poly_seq.entity_id 
_entity_poly_seq.num 
_entity_poly_seq.mon_id 
_entity_poly_seq.hetero 
1 1   MET n 
1 2   LYS n 
1 3   PRO n 
1 4   ASP n 
1 5   GLU n 
1 6   THR n 
1 7   PRO n 
1 8   MET n 
1 9   PHE n 
1 10  ASP n 
1 11  PRO n 
1 12  SER n 
1 13  LEU n 
1 14  LEU n 
1 15  LYS n 
1 16  GLU n 
1 17  VAL n 
1 18  ASP n 
1 19  TRP n 
1 20  SER n 
1 21  GLN n 
1 22  ASN n 
1 23  THR n 
1 24  ALA n 
1 25  THR n 
1 26  PHE n 
1 27  SER n 
1 28  PRO n 
1 29  ALA n 
1 30  ILE n 
1 31  SER n 
1 32  PRO n 
1 33  THR n 
1 34  HIS n 
1 35  PRO n 
1 36  GLY n 
1 37  GLU n 
1 38  GLY n 
1 39  LEU n 
1 40  VAL n 
1 41  LEU n 
1 42  ARG n 
1 43  PRO n 
1 44  LEU n 
1 45  CYS n 
1 46  THR n 
1 47  ALA n 
1 48  ASP n 
1 49  LEU n 
1 50  ASN n 
1 51  ARG n 
1 52  GLY n 
1 53  PHE n 
1 54  PHE n 
1 55  LYS n 
1 56  VAL n 
1 57  LEU n 
1 58  GLY n 
1 59  GLN n 
1 60  LEU n 
1 61  THR n 
1 62  GLU n 
1 63  THR n 
1 64  GLY n 
1 65  VAL n 
1 66  VAL n 
1 67  SER n 
1 68  PRO n 
1 69  GLU n 
1 70  GLN n 
1 71  PHE n 
1 72  MET n 
1 73  LYS n 
1 74  SER n 
1 75  PHE n 
1 76  GLU n 
1 77  HIS n 
1 78  MET n 
1 79  LYS n 
1 80  LYS n 
1 81  SER n 
1 82  GLY n 
1 83  ASP n 
1 84  TYR n 
1 85  TYR n 
1 86  VAL n 
1 87  THR n 
1 88  VAL n 
1 89  VAL n 
1 90  GLU n 
1 91  ASP n 
1 92  VAL n 
1 93  THR n 
1 94  LEU n 
1 95  GLY n 
1 96  GLN n 
1 97  ILE n 
1 98  VAL n 
1 99  ALA n 
1 100 THR n 
1 101 ALA n 
1 102 THR n 
1 103 LEU n 
1 104 ILE n 
1 105 ILE n 
1 106 GLU n 
1 107 HIS n 
1 108 LYS n 
1 109 PHE n 
1 110 ILE n 
1 111 HIS n 
1 112 SER n 
1 113 CYS n 
1 114 ALA n 
1 115 LYS n 
1 116 ARG n 
1 117 GLY n 
1 118 ARG n 
1 119 VAL n 
1 120 GLU n 
1 121 ASP n 
1 122 VAL n 
1 123 VAL n 
1 124 VAL n 
1 125 SER n 
1 126 ASP n 
1 127 GLU n 
1 128 CYS n 
1 129 ARG n 
1 130 GLY n 
1 131 LYS n 
1 132 GLN n 
1 133 LEU n 
1 134 GLY n 
1 135 LYS n 
1 136 LEU n 
1 137 LEU n 
1 138 LEU n 
1 139 SER n 
1 140 THR n 
1 141 LEU n 
1 142 THR n 
1 143 LEU n 
1 144 LEU n 
1 145 SER n 
1 146 LYS n 
1 147 LYS n 
1 148 LEU n 
1 149 ASN n 
1 150 CYS n 
1 151 TYR n 
1 152 LYS n 
1 153 ILE n 
1 154 THR n 
1 155 LEU n 
1 156 ALA n 
1 157 CYS n 
1 158 LEU n 
1 159 PRO n 
1 160 GLN n 
1 161 ASN n 
1 162 VAL n 
1 163 GLY n 
1 164 PHE n 
1 165 TYR n 
1 166 LYS n 
1 167 LYS n 
1 168 PHE n 
1 169 GLY n 
1 170 TYR n 
1 171 THR n 
1 172 VAL n 
1 173 SER n 
1 174 GLU n 
1 175 GLU n 
1 176 ASN n 
1 177 TYR n 
1 178 MET n 
1 179 CYS n 
1 180 ARG n 
1 181 ARG n 
1 182 PHE n 
1 183 LEU n 
1 184 LYS n 
# 
_entity_src_gen.entity_id                          1 
_entity_src_gen.pdbx_src_id                        1 
_entity_src_gen.pdbx_alt_source_flag               sample 
_entity_src_gen.pdbx_seq_type                      ? 
_entity_src_gen.pdbx_beg_seq_num                   ? 
_entity_src_gen.pdbx_end_seq_num                   ? 
_entity_src_gen.gene_src_common_name               human 
_entity_src_gen.gene_src_genus                     ? 
_entity_src_gen.pdbx_gene_src_gene                 GNPNAT1 
_entity_src_gen.gene_src_species                   ? 
_entity_src_gen.gene_src_strain                    ? 
_entity_src_gen.gene_src_tissue                    ? 
_entity_src_gen.gene_src_tissue_fraction           ? 
_entity_src_gen.gene_src_details                   ? 
_entity_src_gen.pdbx_gene_src_fragment             ? 
_entity_src_gen.pdbx_gene_src_scientific_name      'Homo sapiens' 
_entity_src_gen.pdbx_gene_src_ncbi_taxonomy_id     9606 
_entity_src_gen.pdbx_gene_src_variant              ? 
_entity_src_gen.pdbx_gene_src_cell_line            ? 
_entity_src_gen.pdbx_gene_src_atcc                 ? 
_entity_src_gen.pdbx_gene_src_organ                ? 
_entity_src_gen.pdbx_gene_src_organelle            ? 
_entity_src_gen.pdbx_gene_src_cell                 ? 
_entity_src_gen.pdbx_gene_src_cellular_location    ? 
_entity_src_gen.host_org_common_name               ? 
_entity_src_gen.pdbx_host_org_scientific_name      'Escherichia coli' 
_entity_src_gen.pdbx_host_org_ncbi_taxonomy_id     469008 
_entity_src_gen.host_org_genus                     ? 
_entity_src_gen.pdbx_host_org_gene                 ? 
_entity_src_gen.pdbx_host_org_organ                ? 
_entity_src_gen.host_org_species                   ? 
_entity_src_gen.pdbx_host_org_tissue               ? 
_entity_src_gen.pdbx_host_org_tissue_fraction      ? 
_entity_src_gen.pdbx_host_org_strain               'BL21 (DE3)' 
_entity_src_gen.pdbx_host_org_variant              ? 
_entity_src_gen.pdbx_host_org_cell_line            ? 
_entity_src_gen.pdbx_host_org_atcc                 ? 
_entity_src_gen.pdbx_host_org_culture_collection   ? 
_entity_src_gen.pdbx_host_org_cell                 ? 
_entity_src_gen.pdbx_host_org_organelle            ? 
_entity_src_gen.pdbx_host_org_cellular_location    ? 
_entity_src_gen.pdbx_host_org_vector_type          plasmid 
_entity_src_gen.pdbx_host_org_vector               ? 
_entity_src_gen.host_org_details                   ? 
_entity_src_gen.expression_system_id               ? 
_entity_src_gen.plasmid_name                       pET28a 
_entity_src_gen.plasmid_details                    ? 
_entity_src_gen.pdbx_description                   ? 
# 
_struct_ref.id                         1 
_struct_ref.db_name                    UNP 
_struct_ref.db_code                    GNA1_HUMAN 
_struct_ref.pdbx_db_accession          Q96EK6 
_struct_ref.entity_id                  1 
_struct_ref.pdbx_seq_one_letter_code   
;MKPDETPMFDPSLLKEVDWSQNTATFSPAISPTHPGEGLVLRPLCTADLNRGFFKVLGQLTETGVVSPEQFMKSFEHMKK
SGDYYVTVVEDVTLGQIVATATLIIEHKFIHSCAKRGRVEDVVVSDECRGKQLGKLLLSTLTLLSKKLNCYKITLECLPQ
NVGFYKKFGYTVSEENYMCRRFLK
;
_struct_ref.pdbx_align_begin           1 
_struct_ref.pdbx_db_isoform            ? 
# 
_struct_ref_seq.align_id                      1 
_struct_ref_seq.ref_id                        1 
_struct_ref_seq.pdbx_PDB_id_code              3CXP 
_struct_ref_seq.pdbx_strand_id                A 
_struct_ref_seq.seq_align_beg                 1 
_struct_ref_seq.pdbx_seq_align_beg_ins_code   ? 
_struct_ref_seq.seq_align_end                 184 
_struct_ref_seq.pdbx_seq_align_end_ins_code   ? 
_struct_ref_seq.pdbx_db_accession             Q96EK6 
_struct_ref_seq.db_align_beg                  1 
_struct_ref_seq.pdbx_db_align_beg_ins_code    ? 
_struct_ref_seq.db_align_end                  184 
_struct_ref_seq.pdbx_db_align_end_ins_code    ? 
_struct_ref_seq.pdbx_auth_seq_align_beg       1 
_struct_ref_seq.pdbx_auth_seq_align_end       184 
# 
_struct_ref_seq_dif.align_id                     1 
_struct_ref_seq_dif.pdbx_pdb_id_code             3CXP 
_struct_ref_seq_dif.mon_id                       ALA 
_struct_ref_seq_dif.pdbx_pdb_strand_id           A 
_struct_ref_seq_dif.seq_num                      156 
_struct_ref_seq_dif.pdbx_pdb_ins_code            ? 
_struct_ref_seq_dif.pdbx_seq_db_name             UNP 
_struct_ref_seq_dif.pdbx_seq_db_accession_code   Q96EK6 
_struct_ref_seq_dif.db_mon_id                    GLU 
_struct_ref_seq_dif.pdbx_seq_db_seq_num          156 
_struct_ref_seq_dif.details                      'engineered mutation' 
_struct_ref_seq_dif.pdbx_auth_seq_num            156 
_struct_ref_seq_dif.pdbx_ordinal                 1 
# 
loop_
_chem_comp.id 
_chem_comp.type 
_chem_comp.mon_nstd_flag 
_chem_comp.name 
_chem_comp.pdbx_synonyms 
_chem_comp.formula 
_chem_comp.formula_weight 
ALA 'L-peptide linking' y ALANINE         ? 'C3 H7 N O2'     89.093  
ARG 'L-peptide linking' y ARGININE        ? 'C6 H15 N4 O2 1' 175.209 
ASN 'L-peptide linking' y ASPARAGINE      ? 'C4 H8 N2 O3'    132.118 
ASP 'L-peptide linking' y 'ASPARTIC ACID' ? 'C4 H7 N O4'     133.103 
CL  non-polymer         . 'CHLORIDE ION'  ? 'Cl -1'          35.453  
CYS 'L-peptide linking' y CYSTEINE        ? 'C3 H7 N O2 S'   121.158 
GLN 'L-peptide linking' y GLUTAMINE       ? 'C5 H10 N2 O3'   146.144 
GLU 'L-peptide linking' y 'GLUTAMIC ACID' ? 'C5 H9 N O4'     147.129 
GLY 'peptide linking'   y GLYCINE         ? 'C2 H5 N O2'     75.067  
HIS 'L-peptide linking' y HISTIDINE       ? 'C6 H10 N3 O2 1' 156.162 
HOH non-polymer         . WATER           ? 'H2 O'           18.015  
ILE 'L-peptide linking' y ISOLEUCINE      ? 'C6 H13 N O2'    131.173 
LEU 'L-peptide linking' y LEUCINE         ? 'C6 H13 N O2'    131.173 
LYS 'L-peptide linking' y LYSINE          ? 'C6 H15 N2 O2 1' 147.195 
MET 'L-peptide linking' y METHIONINE      ? 'C5 H11 N O2 S'  149.211 
PHE 'L-peptide linking' y PHENYLALANINE   ? 'C9 H11 N O2'    165.189 
PRO 'L-peptide linking' y PROLINE         ? 'C5 H9 N O2'     115.130 
SER 'L-peptide linking' y SERINE          ? 'C3 H7 N O3'     105.093 
THR 'L-peptide linking' y THREONINE       ? 'C4 H9 N O3'     119.119 
TRP 'L-peptide linking' y TRYPTOPHAN      ? 'C11 H12 N2 O2'  204.225 
TYR 'L-peptide linking' y TYROSINE        ? 'C9 H11 N O3'    181.189 
VAL 'L-peptide linking' y VALINE          ? 'C5 H11 N O2'    117.146 
# 
_exptl.crystals_number   1 
_exptl.entry_id          3CXP 
_exptl.method            'X-RAY DIFFRACTION' 
# 
_exptl_crystal.id                    1 
_exptl_crystal.pdbx_mosaicity        ? 
_exptl_crystal.pdbx_mosaicity_esd    ? 
_exptl_crystal.density_Matthews      2.29 
_exptl_crystal.density_diffrn        ? 
_exptl_crystal.density_meas          ? 
_exptl_crystal.density_meas_temp     ? 
_exptl_crystal.density_percent_sol   45.76 
_exptl_crystal.size_max              ? 
_exptl_crystal.size_mid              ? 
_exptl_crystal.size_min              ? 
_exptl_crystal.size_rad              ? 
_exptl_crystal.description           ? 
_exptl_crystal.F_000                 ? 
_exptl_crystal.preparation           ? 
# 
_exptl_crystal_grow.crystal_id      1 
_exptl_crystal_grow.method          'VAPOR DIFFUSION, SITTING DROP' 
_exptl_crystal_grow.pH              6.9 
_exptl_crystal_grow.temp            289 
_exptl_crystal_grow.pdbx_details    
'0.1M K Thiocyanate, 30% w/v PEG MME 2000, pH 6.9, VAPOR DIFFUSION, SITTING DROP, temperature 289K' 
_exptl_crystal_grow.temp_details    ? 
_exptl_crystal_grow.pdbx_pH_range   . 
# 
_diffrn.id                     1 
_diffrn.ambient_temp           100 
_diffrn.ambient_temp_details   ? 
_diffrn.crystal_id             1 
# 
_diffrn_detector.diffrn_id              1 
_diffrn_detector.detector               CCD 
_diffrn_detector.type                   'MAR CCD 165 mm' 
_diffrn_detector.pdbx_collection_date   2008-02-23 
_diffrn_detector.details                ? 
# 
_diffrn_radiation.diffrn_id                        1 
_diffrn_radiation.pdbx_diffrn_protocol             'SINGLE WAVELENGTH' 
_diffrn_radiation.monochromator                    ? 
_diffrn_radiation.wavelength_id                    1 
_diffrn_radiation.pdbx_monochromatic_or_laue_m_l   M 
_diffrn_radiation.pdbx_scattering_type             x-ray 
# 
_diffrn_radiation_wavelength.id           1 
_diffrn_radiation_wavelength.wavelength   1.0001 
_diffrn_radiation_wavelength.wt           1.0 
# 
_diffrn_source.diffrn_id                   1 
_diffrn_source.source                      SYNCHROTRON 
_diffrn_source.type                        'BSRF BEAMLINE 3W1A' 
_diffrn_source.pdbx_wavelength_list        1.0001 
_diffrn_source.pdbx_wavelength             ? 
_diffrn_source.pdbx_synchrotron_site       BSRF 
_diffrn_source.pdbx_synchrotron_beamline   3W1A 
# 
_reflns.entry_id                     3CXP 
_reflns.d_resolution_high            2.000 
_reflns.number_obs                   13549 
_reflns.pdbx_Rmerge_I_obs            0.078 
_reflns.pdbx_netI_over_sigmaI        42.220 
_reflns.percent_possible_obs         99.600 
_reflns.B_iso_Wilson_estimate        30.437 
_reflns.observed_criterion_sigma_I   -3.00 
_reflns.observed_criterion_sigma_F   ? 
_reflns.d_resolution_low             20.00 
_reflns.number_all                   ? 
_reflns.pdbx_Rsym_value              ? 
_reflns.pdbx_redundancy              ? 
_reflns.R_free_details               ? 
_reflns.limit_h_max                  ? 
_reflns.limit_h_min                  ? 
_reflns.limit_k_max                  ? 
_reflns.limit_k_min                  ? 
_reflns.limit_l_max                  ? 
_reflns.limit_l_min                  ? 
_reflns.observed_criterion_F_max     ? 
_reflns.observed_criterion_F_min     ? 
_reflns.pdbx_chi_squared             ? 
_reflns.pdbx_scaling_rejects         ? 
_reflns.pdbx_diffrn_id               1 
_reflns.pdbx_ordinal                 1 
# 
loop_
_reflns_shell.d_res_high 
_reflns_shell.d_res_low 
_reflns_shell.number_measured_obs 
_reflns_shell.number_measured_all 
_reflns_shell.number_unique_obs 
_reflns_shell.Rmerge_I_obs 
_reflns_shell.meanI_over_sigI_obs 
_reflns_shell.pdbx_Rsym_value 
_reflns_shell.pdbx_chi_squared 
_reflns_shell.pdbx_redundancy 
_reflns_shell.percent_possible_obs 
_reflns_shell.number_unique_all 
_reflns_shell.percent_possible_all 
_reflns_shell.pdbx_diffrn_id 
_reflns_shell.pdbx_ordinal 
2.00 2.12 62394 ? 2103 0.414 10.8  ? ? ? ? ? 99.10  ? 1 
2.12 2.26 61457 ? 1980 0.307 15.4  ? ? ? ? ? 99.90  ? 2 
2.26 2.44 58988 ? 1876 0.217 21.3  ? ? ? ? ? 100.00 ? 3 
2.44 2.67 54058 ? 1717 0.154 29.3  ? ? ? ? ? 100.00 ? 4 
2.67 2.98 49324 ? 1577 0.100 40.3  ? ? ? ? ? 100.00 ? 5 
2.98 3.43 44172 ? 1428 0.058 62.5  ? ? ? ? ? 100.00 ? 6 
3.43 4.17 37055 ? 1217 0.041 88.1  ? ? ? ? ? 100.00 ? 7 
4.17 5.77 29371 ? 997  0.033 103.8 ? ? ? ? ? 100.00 ? 8 
5.77 ?    17352 ? 654  0.031 99.0  ? ? ? ? ? 95.80  ? 9 
# 
_refine.entry_id                                 3CXP 
_refine.ls_d_res_high                            2.010 
_refine.ls_d_res_low                             19.300 
_refine.pdbx_ls_sigma_F                          0.00 
_refine.ls_percent_reflns_obs                    99.830 
_refine.ls_number_reflns_obs                     13546 
_refine.pdbx_ls_cross_valid_method               THROUGHOUT 
_refine.pdbx_R_Free_selection_details            RANDOM 
_refine.ls_R_factor_obs                          0.200 
_refine.ls_R_factor_R_work                       0.199 
_refine.ls_R_factor_R_free                       0.232 
_refine.ls_percent_reflns_R_free                 5.000 
_refine.ls_number_reflns_R_free                  678 
_refine.B_iso_mean                               21.927 
_refine.aniso_B[1][1]                            0.650 
_refine.aniso_B[2][2]                            0.650 
_refine.aniso_B[3][3]                            -1.310 
_refine.aniso_B[1][2]                            0.000 
_refine.aniso_B[1][3]                            0.000 
_refine.aniso_B[2][3]                            0.000 
_refine.correlation_coeff_Fo_to_Fc               0.949 
_refine.correlation_coeff_Fo_to_Fc_free          0.933 
_refine.pdbx_overall_ESU_R                       0.192 
_refine.pdbx_overall_ESU_R_Free                  0.163 
_refine.overall_SU_ML                            0.109 
_refine.overall_SU_B                             3.836 
_refine.solvent_model_details                    MASK 
_refine.pdbx_solvent_vdw_probe_radii             1.200 
_refine.pdbx_solvent_ion_probe_radii             0.800 
_refine.pdbx_solvent_shrinkage_radii             0.800 
_refine.pdbx_method_to_determine_struct          'MOLECULAR REPLACEMENT' 
_refine.pdbx_stereochemistry_target_values       'MAXIMUM LIKELIHOOD' 
_refine.pdbx_ls_sigma_I                          ? 
_refine.ls_number_reflns_all                     ? 
_refine.ls_R_factor_all                          ? 
_refine.ls_redundancy_reflns_obs                 ? 
_refine.pdbx_data_cutoff_high_absF               ? 
_refine.pdbx_data_cutoff_low_absF                ? 
_refine.ls_number_parameters                     ? 
_refine.ls_number_restraints                     ? 
_refine.ls_R_factor_R_free_error                 ? 
_refine.ls_R_factor_R_free_error_details         ? 
_refine.pdbx_starting_model                      'PDB ENTRY 2HUZ' 
_refine.pdbx_stereochem_target_val_spec_case     ? 
_refine.solvent_model_param_bsol                 ? 
_refine.solvent_model_param_ksol                 ? 
_refine.occupancy_max                            ? 
_refine.occupancy_min                            ? 
_refine.pdbx_isotropic_thermal_model             ? 
_refine.details                                  ? 
_refine.B_iso_min                                ? 
_refine.B_iso_max                                ? 
_refine.overall_SU_R_Cruickshank_DPI             ? 
_refine.overall_SU_R_free                        ? 
_refine.pdbx_data_cutoff_high_rms_absF           ? 
_refine.ls_wR_factor_R_free                      ? 
_refine.ls_wR_factor_R_work                      ? 
_refine.overall_FOM_free_R_set                   ? 
_refine.overall_FOM_work_R_set                   ? 
_refine.pdbx_overall_phase_error                 ? 
_refine.pdbx_refine_id                           'X-RAY DIFFRACTION' 
_refine.pdbx_diffrn_id                           1 
_refine.pdbx_TLS_residual_ADP_flag               ? 
_refine.pdbx_overall_SU_R_free_Cruickshank_DPI   ? 
_refine.pdbx_overall_SU_R_Blow_DPI               ? 
_refine.pdbx_overall_SU_R_free_Blow_DPI          ? 
# 
_refine_hist.pdbx_refine_id                   'X-RAY DIFFRACTION' 
_refine_hist.cycle_id                         LAST 
_refine_hist.pdbx_number_atoms_protein        1416 
_refine_hist.pdbx_number_atoms_nucleic_acid   0 
_refine_hist.pdbx_number_atoms_ligand         1 
_refine_hist.number_atoms_solvent             105 
_refine_hist.number_atoms_total               1522 
_refine_hist.d_res_high                       2.010 
_refine_hist.d_res_low                        19.300 
# 
loop_
_refine_ls_restr.type 
_refine_ls_restr.number 
_refine_ls_restr.dev_ideal 
_refine_ls_restr.dev_ideal_target 
_refine_ls_restr.weight 
_refine_ls_restr.pdbx_refine_id 
_refine_ls_restr.pdbx_restraint_function 
r_bond_refined_d         1449 0.007  0.022  ? 'X-RAY DIFFRACTION' ? 
r_angle_refined_deg      1970 0.967  1.972  ? 'X-RAY DIFFRACTION' ? 
r_dihedral_angle_1_deg   189  5.425  5.000  ? 'X-RAY DIFFRACTION' ? 
r_dihedral_angle_2_deg   53   31.625 23.774 ? 'X-RAY DIFFRACTION' ? 
r_dihedral_angle_3_deg   247  12.424 15.000 ? 'X-RAY DIFFRACTION' ? 
r_dihedral_angle_4_deg   6    11.503 15.000 ? 'X-RAY DIFFRACTION' ? 
r_chiral_restr           232  0.064  0.200  ? 'X-RAY DIFFRACTION' ? 
r_gen_planes_refined     1066 0.003  0.020  ? 'X-RAY DIFFRACTION' ? 
r_nbd_refined            565  0.173  0.200  ? 'X-RAY DIFFRACTION' ? 
r_nbtor_refined          1010 0.295  0.200  ? 'X-RAY DIFFRACTION' ? 
r_xyhbond_nbd_refined    77   0.104  0.200  ? 'X-RAY DIFFRACTION' ? 
r_symmetry_vdw_refined   68   0.160  0.200  ? 'X-RAY DIFFRACTION' ? 
r_symmetry_hbond_refined 22   0.115  0.200  ? 'X-RAY DIFFRACTION' ? 
r_mcbond_it              961  0.441  1.500  ? 'X-RAY DIFFRACTION' ? 
r_mcangle_it             1504 0.715  2.000  ? 'X-RAY DIFFRACTION' ? 
r_scbond_it              560  0.913  3.000  ? 'X-RAY DIFFRACTION' ? 
r_scangle_it             463  1.456  4.500  ? 'X-RAY DIFFRACTION' ? 
# 
_refine_ls_shell.d_res_high                       2.006 
_refine_ls_shell.d_res_low                        2.057 
_refine_ls_shell.pdbx_total_number_of_bins_used   20 
_refine_ls_shell.percent_reflns_obs               97.770 
_refine_ls_shell.number_reflns_R_work             912 
_refine_ls_shell.R_factor_all                     ? 
_refine_ls_shell.R_factor_R_work                  0.230 
_refine_ls_shell.R_factor_R_free                  0.272 
_refine_ls_shell.percent_reflns_R_free            ? 
_refine_ls_shell.number_reflns_R_free             53 
_refine_ls_shell.R_factor_R_free_error            ? 
_refine_ls_shell.number_reflns_all                965 
_refine_ls_shell.number_reflns_obs                ? 
_refine_ls_shell.redundancy_reflns_obs            ? 
_refine_ls_shell.pdbx_refine_id                   'X-RAY DIFFRACTION' 
# 
_struct.entry_id                  3CXP 
_struct.title                     'Crystal structure of human glucosamine 6-phosphate N-acetyltransferase 1 mutant E156A' 
_struct.pdbx_model_details        ? 
_struct.pdbx_CASP_flag            ? 
_struct.pdbx_model_type_details   ? 
# 
_struct_keywords.entry_id        3CXP 
_struct_keywords.text            'GNA1, Acyltransferase, Endosome, Golgi apparatus, Membrane, Transferase' 
_struct_keywords.pdbx_keywords   TRANSFERASE 
# 
loop_
_struct_asym.id 
_struct_asym.pdbx_blank_PDB_chainid_flag 
_struct_asym.pdbx_modified 
_struct_asym.entity_id 
_struct_asym.details 
A N N 1 ? 
B N N 2 ? 
C N N 3 ? 
# 
_struct_biol.id        1 
_struct_biol.details   ? 
# 
loop_
_struct_conf.conf_type_id 
_struct_conf.id 
_struct_conf.pdbx_PDB_helix_id 
_struct_conf.beg_label_comp_id 
_struct_conf.beg_label_asym_id 
_struct_conf.beg_label_seq_id 
_struct_conf.pdbx_beg_PDB_ins_code 
_struct_conf.end_label_comp_id 
_struct_conf.end_label_asym_id 
_struct_conf.end_label_seq_id 
_struct_conf.pdbx_end_PDB_ins_code 
_struct_conf.beg_auth_comp_id 
_struct_conf.beg_auth_asym_id 
_struct_conf.beg_auth_seq_id 
_struct_conf.end_auth_comp_id 
_struct_conf.end_auth_asym_id 
_struct_conf.end_auth_seq_id 
_struct_conf.pdbx_PDB_helix_class 
_struct_conf.details 
_struct_conf.pdbx_PDB_helix_length 
HELX_P HELX_P1 1 PRO A 11  ? GLU A 16  ? PRO A 11  GLU A 16  1 ? 6  
HELX_P HELX_P2 2 ASP A 18  ? ASN A 22  ? ASP A 18  ASN A 22  5 ? 5  
HELX_P HELX_P3 3 CYS A 45  ? ARG A 51  ? CYS A 45  ARG A 51  5 ? 7  
HELX_P HELX_P4 4 GLY A 52  ? THR A 61  ? GLY A 52  THR A 61  1 ? 10 
HELX_P HELX_P5 5 SER A 67  ? GLY A 82  ? SER A 67  GLY A 82  1 ? 16 
HELX_P HELX_P6 6 PHE A 109 ? ALA A 114 ? PHE A 109 ALA A 114 1 ? 6  
HELX_P HELX_P7 7 GLN A 132 ? LEU A 148 ? GLN A 132 LEU A 148 1 ? 17 
HELX_P HELX_P8 8 LEU A 158 ? GLN A 160 ? LEU A 158 GLN A 160 5 ? 3  
HELX_P HELX_P9 9 ASN A 161 ? LYS A 167 ? ASN A 161 LYS A 167 1 ? 7  
# 
_struct_conf_type.id          HELX_P 
_struct_conf_type.criteria    ? 
_struct_conf_type.reference   ? 
# 
loop_
_struct_mon_prot_cis.pdbx_id 
_struct_mon_prot_cis.label_comp_id 
_struct_mon_prot_cis.label_seq_id 
_struct_mon_prot_cis.label_asym_id 
_struct_mon_prot_cis.label_alt_id 
_struct_mon_prot_cis.pdbx_PDB_ins_code 
_struct_mon_prot_cis.auth_comp_id 
_struct_mon_prot_cis.auth_seq_id 
_struct_mon_prot_cis.auth_asym_id 
_struct_mon_prot_cis.pdbx_label_comp_id_2 
_struct_mon_prot_cis.pdbx_label_seq_id_2 
_struct_mon_prot_cis.pdbx_label_asym_id_2 
_struct_mon_prot_cis.pdbx_PDB_ins_code_2 
_struct_mon_prot_cis.pdbx_auth_comp_id_2 
_struct_mon_prot_cis.pdbx_auth_seq_id_2 
_struct_mon_prot_cis.pdbx_auth_asym_id_2 
_struct_mon_prot_cis.pdbx_PDB_model_num 
_struct_mon_prot_cis.pdbx_omega_angle 
1 SER 27 A . ? SER 27 A PRO 28 A ? PRO 28 A 1 -0.65 
2 SER 27 A . ? SER 27 A PRO 28 A ? PRO 28 A 1 -0.36 
# 
_struct_sheet.id               A 
_struct_sheet.type             ? 
_struct_sheet.number_strands   5 
_struct_sheet.details          ? 
# 
loop_
_struct_sheet_order.sheet_id 
_struct_sheet_order.range_id_1 
_struct_sheet_order.range_id_2 
_struct_sheet_order.offset 
_struct_sheet_order.sense 
A 1 2 ? anti-parallel 
A 2 3 ? anti-parallel 
A 3 4 ? anti-parallel 
A 4 5 ? parallel      
# 
loop_
_struct_sheet_range.sheet_id 
_struct_sheet_range.id 
_struct_sheet_range.beg_label_comp_id 
_struct_sheet_range.beg_label_asym_id 
_struct_sheet_range.beg_label_seq_id 
_struct_sheet_range.pdbx_beg_PDB_ins_code 
_struct_sheet_range.end_label_comp_id 
_struct_sheet_range.end_label_asym_id 
_struct_sheet_range.end_label_seq_id 
_struct_sheet_range.pdbx_end_PDB_ins_code 
_struct_sheet_range.beg_auth_comp_id 
_struct_sheet_range.beg_auth_asym_id 
_struct_sheet_range.beg_auth_seq_id 
_struct_sheet_range.end_auth_comp_id 
_struct_sheet_range.end_auth_asym_id 
_struct_sheet_range.end_auth_seq_id 
A 1 LEU A 39  ? PRO A 43  ? LEU A 39  PRO A 43  
A 2 TYR A 84  ? ASP A 91  ? TYR A 84  ASP A 91  
A 3 GLN A 96  ? HIS A 107 ? GLN A 96  HIS A 107 
A 4 LYS A 115 ? VAL A 124 ? LYS A 115 VAL A 124 
A 5 CYS A 150 ? THR A 154 ? CYS A 150 THR A 154 
# 
loop_
_pdbx_struct_sheet_hbond.sheet_id 
_pdbx_struct_sheet_hbond.range_id_1 
_pdbx_struct_sheet_hbond.range_id_2 
_pdbx_struct_sheet_hbond.range_1_label_atom_id 
_pdbx_struct_sheet_hbond.range_1_label_comp_id 
_pdbx_struct_sheet_hbond.range_1_label_asym_id 
_pdbx_struct_sheet_hbond.range_1_label_seq_id 
_pdbx_struct_sheet_hbond.range_1_PDB_ins_code 
_pdbx_struct_sheet_hbond.range_1_auth_atom_id 
_pdbx_struct_sheet_hbond.range_1_auth_comp_id 
_pdbx_struct_sheet_hbond.range_1_auth_asym_id 
_pdbx_struct_sheet_hbond.range_1_auth_seq_id 
_pdbx_struct_sheet_hbond.range_2_label_atom_id 
_pdbx_struct_sheet_hbond.range_2_label_comp_id 
_pdbx_struct_sheet_hbond.range_2_label_asym_id 
_pdbx_struct_sheet_hbond.range_2_label_seq_id 
_pdbx_struct_sheet_hbond.range_2_PDB_ins_code 
_pdbx_struct_sheet_hbond.range_2_auth_atom_id 
_pdbx_struct_sheet_hbond.range_2_auth_comp_id 
_pdbx_struct_sheet_hbond.range_2_auth_asym_id 
_pdbx_struct_sheet_hbond.range_2_auth_seq_id 
A 1 2 N ARG A 42  ? N ARG A 42  O VAL A 88  ? O VAL A 88  
A 2 3 N VAL A 89  ? N VAL A 89  O VAL A 98  ? O VAL A 98  
A 3 4 N GLU A 106 ? N GLU A 106 O ARG A 116 ? O ARG A 116 
A 4 5 N LYS A 115 ? N LYS A 115 O TYR A 151 ? O TYR A 151 
# 
_struct_site.id                   AC1 
_struct_site.pdbx_evidence_code   Software 
_struct_site.pdbx_auth_asym_id    A 
_struct_site.pdbx_auth_comp_id    CL 
_struct_site.pdbx_auth_seq_id     185 
_struct_site.pdbx_auth_ins_code   ? 
_struct_site.pdbx_num_residues    2 
_struct_site.details              'BINDING SITE FOR RESIDUE CL A 185' 
# 
loop_
_struct_site_gen.id 
_struct_site_gen.site_id 
_struct_site_gen.pdbx_num_res 
_struct_site_gen.label_comp_id 
_struct_site_gen.label_asym_id 
_struct_site_gen.label_seq_id 
_struct_site_gen.pdbx_auth_ins_code 
_struct_site_gen.auth_comp_id 
_struct_site_gen.auth_asym_id 
_struct_site_gen.auth_seq_id 
_struct_site_gen.label_atom_id 
_struct_site_gen.label_alt_id 
_struct_site_gen.symmetry 
_struct_site_gen.details 
1 AC1 2 ARG A 116 ? ARG A 116 . ? 1_555 ? 
2 AC1 2 HOH C .   ? HOH A 289 . ? 1_555 ? 
# 
_atom_sites.entry_id                    3CXP 
_atom_sites.fract_transf_matrix[1][1]   0.00031410 
_atom_sites.fract_transf_matrix[1][2]   -0.01824805 
_atom_sites.fract_transf_matrix[1][3]   0.00680458 
_atom_sites.fract_transf_matrix[2][1]   -0.01364841 
_atom_sites.fract_transf_matrix[2][2]   0.00464849 
_atom_sites.fract_transf_matrix[2][3]   0.01309599 
_atom_sites.fract_transf_matrix[3][1]   -0.00500141 
_atom_sites.fract_transf_matrix[3][2]   -0.00179250 
_atom_sites.fract_transf_matrix[3][3]   -0.00457613 
_atom_sites.fract_transf_vector[1]      -0.029659 
_atom_sites.fract_transf_vector[2]      -0.204035 
_atom_sites.fract_transf_vector[3]      -0.083998 
# 
loop_
_atom_type.symbol 
C  
CL 
N  
O  
S  
# 
loop_
_atom_site.group_PDB 
_atom_site.id 
_atom_site.type_symbol 
_atom_site.label_atom_id 
_atom_site.label_alt_id 
_atom_site.label_comp_id 
_atom_site.label_asym_id 
_atom_site.label_entity_id 
_atom_site.label_seq_id 
_atom_site.pdbx_PDB_ins_code 
_atom_site.Cartn_x 
_atom_site.Cartn_y 
_atom_site.Cartn_z 
_atom_site.occupancy 
_atom_site.B_iso_or_equiv 
_atom_site.pdbx_formal_charge 
_atom_site.auth_seq_id 
_atom_site.auth_comp_id 
_atom_site.auth_asym_id 
_atom_site.auth_atom_id 
_atom_site.pdbx_PDB_model_num 
ATOM   1    N  N   . MET A 1 1   ? -13.077 1.478   19.462  1.00 32.97 ? 1   MET A N   1 
ATOM   2    C  CA  . MET A 1 1   ? -12.936 1.620   20.943  1.00 32.75 ? 1   MET A CA  1 
ATOM   3    C  C   . MET A 1 1   ? -11.590 2.247   21.314  1.00 32.47 ? 1   MET A C   1 
ATOM   4    O  O   . MET A 1 1   ? -11.496 3.465   21.490  0.50 32.53 ? 1   MET A O   1 
ATOM   5    C  CB  . MET A 1 1   ? -13.120 0.265   21.635  1.00 32.94 ? 1   MET A CB  1 
ATOM   6    N  N   . LYS A 1 2   ? -10.560 1.413   21.439  1.00 32.07 ? 2   LYS A N   1 
ATOM   7    C  CA  . LYS A 1 2   ? -9.197  1.876   21.700  1.00 31.58 ? 2   LYS A CA  1 
ATOM   8    C  C   . LYS A 1 2   ? -8.257  1.330   20.626  1.00 31.03 ? 2   LYS A C   1 
ATOM   9    O  O   . LYS A 1 2   ? -8.431  0.187   20.191  1.00 30.92 ? 2   LYS A O   1 
ATOM   10   C  CB  . LYS A 1 2   ? -8.724  1.425   23.089  1.00 31.82 ? 2   LYS A CB  1 
ATOM   11   C  CG  . LYS A 1 2   ? -9.284  2.240   24.248  1.00 32.06 ? 2   LYS A CG  1 
ATOM   12   N  N   . PRO A 1 3   ? -7.265  2.140   20.189  1.00 30.48 ? 3   PRO A N   1 
ATOM   13   C  CA  . PRO A 1 3   ? -6.290  1.657   19.206  1.00 29.91 ? 3   PRO A CA  1 
ATOM   14   C  C   . PRO A 1 3   ? -5.600  0.384   19.690  1.00 29.52 ? 3   PRO A C   1 
ATOM   15   O  O   . PRO A 1 3   ? -5.201  0.306   20.855  1.00 29.44 ? 3   PRO A O   1 
ATOM   16   C  CB  . PRO A 1 3   ? -5.280  2.811   19.111  1.00 29.84 ? 3   PRO A CB  1 
ATOM   17   C  CG  . PRO A 1 3   ? -6.044  4.013   19.507  1.00 30.04 ? 3   PRO A CG  1 
ATOM   18   C  CD  . PRO A 1 3   ? -6.998  3.542   20.571  1.00 30.49 ? 3   PRO A CD  1 
ATOM   19   N  N   . ASP A 1 4   ? -5.483  -0.606  18.808  1.00 28.91 ? 4   ASP A N   1 
ATOM   20   C  CA  . ASP A 1 4   ? -4.873  -1.890  19.164  1.00 28.59 ? 4   ASP A CA  1 
ATOM   21   C  C   . ASP A 1 4   ? -4.041  -2.494  18.022  1.00 28.08 ? 4   ASP A C   1 
ATOM   22   O  O   . ASP A 1 4   ? -3.863  -1.874  16.968  1.00 27.85 ? 4   ASP A O   1 
ATOM   23   C  CB  . ASP A 1 4   ? -5.937  -2.885  19.668  1.00 28.83 ? 4   ASP A CB  1 
ATOM   24   C  CG  . ASP A 1 4   ? -6.973  -3.236  18.607  1.00 29.39 ? 4   ASP A CG  1 
ATOM   25   O  OD1 . ASP A 1 4   ? -6.605  -3.391  17.421  1.00 30.89 ? 4   ASP A OD1 1 
ATOM   26   O  OD2 . ASP A 1 4   ? -8.161  -3.371  18.961  1.00 29.59 ? 4   ASP A OD2 1 
ATOM   27   N  N   . GLU A 1 5   ? -3.553  -3.713  18.238  1.00 27.26 ? 5   GLU A N   1 
ATOM   28   C  CA  . GLU A 1 5   ? -2.611  -4.351  17.320  1.00 26.62 ? 5   GLU A CA  1 
ATOM   29   C  C   . GLU A 1 5   ? -3.263  -5.242  16.262  1.00 25.63 ? 5   GLU A C   1 
ATOM   30   O  O   . GLU A 1 5   ? -2.563  -5.924  15.512  1.00 25.48 ? 5   GLU A O   1 
ATOM   31   C  CB  . GLU A 1 5   ? -1.567  -5.160  18.106  1.00 27.21 ? 5   GLU A CB  1 
ATOM   32   C  CG  . GLU A 1 5   ? -0.916  -4.424  19.271  1.00 28.33 ? 5   GLU A CG  1 
ATOM   33   C  CD  . GLU A 1 5   ? -0.030  -3.271  18.836  1.00 30.37 ? 5   GLU A CD  1 
ATOM   34   O  OE1 . GLU A 1 5   ? 0.552   -3.335  17.730  1.00 31.73 ? 5   GLU A OE1 1 
ATOM   35   O  OE2 . GLU A 1 5   ? 0.089   -2.298  19.613  1.00 31.29 ? 5   GLU A OE2 1 
ATOM   36   N  N   . THR A 1 6   ? -4.592  -5.244  16.198  1.00 24.75 ? 6   THR A N   1 
ATOM   37   C  CA  . THR A 1 6   ? -5.312  -6.053  15.207  1.00 23.94 ? 6   THR A CA  1 
ATOM   38   C  C   . THR A 1 6   ? -5.028  -5.577  13.771  1.00 23.02 ? 6   THR A C   1 
ATOM   39   O  O   . THR A 1 6   ? -5.258  -4.409  13.447  1.00 23.07 ? 6   THR A O   1 
ATOM   40   C  CB  . THR A 1 6   ? -6.831  -6.075  15.485  1.00 24.24 ? 6   THR A CB  1 
ATOM   41   O  OG1 . THR A 1 6   ? -7.055  -6.432  16.857  1.00 24.30 ? 6   THR A OG1 1 
ATOM   42   C  CG2 . THR A 1 6   ? -7.548  -7.076  14.574  1.00 24.21 ? 6   THR A CG2 1 
ATOM   43   N  N   . PRO A 1 7   ? -4.511  -6.481  12.916  1.00 22.07 ? 7   PRO A N   1 
ATOM   44   C  CA  . PRO A 1 7   ? -4.202  -6.147  11.520  1.00 21.17 ? 7   PRO A CA  1 
ATOM   45   C  C   . PRO A 1 7   ? -5.457  -6.015  10.667  1.00 20.24 ? 7   PRO A C   1 
ATOM   46   O  O   . PRO A 1 7   ? -6.437  -6.722  10.897  1.00 20.14 ? 7   PRO A O   1 
ATOM   47   C  CB  . PRO A 1 7   ? -3.366  -7.339  11.040  1.00 21.10 ? 7   PRO A CB  1 
ATOM   48   C  CG  . PRO A 1 7   ? -3.721  -8.467  11.940  1.00 21.87 ? 7   PRO A CG  1 
ATOM   49   C  CD  . PRO A 1 7   ? -4.188  -7.886  13.243  1.00 21.92 ? 7   PRO A CD  1 
ATOM   50   N  N   . MET A 1 8   ? -5.416  -5.114  9.691   1.00 19.37 ? 8   MET A N   1 
ATOM   51   C  CA  . MET A 1 8   ? -6.543  -4.894  8.778   1.00 18.54 ? 8   MET A CA  1 
ATOM   52   C  C   . MET A 1 8   ? -6.874  -6.145  7.952   1.00 18.73 ? 8   MET A C   1 
ATOM   53   O  O   . MET A 1 8   ? -8.032  -6.389  7.620   1.00 18.29 ? 8   MET A O   1 
ATOM   54   C  CB  . MET A 1 8   ? -6.254  -3.706  7.853   1.00 18.48 ? 8   MET A CB  1 
ATOM   55   C  CG  . MET A 1 8   ? -7.417  -3.343  6.931   1.00 17.47 ? 8   MET A CG  1 
ATOM   56   S  SD  . MET A 1 8   ? -7.064  -1.944  5.855   1.00 16.28 ? 8   MET A SD  1 
ATOM   57   C  CE  . MET A 1 8   ? -7.152  -0.602  7.038   1.00 12.83 ? 8   MET A CE  1 
ATOM   58   N  N   . PHE A 1 9   ? -5.847  -6.923  7.621   1.00 19.22 ? 9   PHE A N   1 
ATOM   59   C  CA  . PHE A 1 9   ? -6.016  -8.167  6.871   1.00 19.77 ? 9   PHE A CA  1 
ATOM   60   C  C   . PHE A 1 9   ? -5.028  -9.235  7.350   1.00 20.34 ? 9   PHE A C   1 
ATOM   61   O  O   . PHE A 1 9   ? -4.163  -8.950  8.180   1.00 20.13 ? 9   PHE A O   1 
ATOM   62   C  CB  . PHE A 1 9   ? -5.902  -7.927  5.351   1.00 19.61 ? 9   PHE A CB  1 
ATOM   63   C  CG  . PHE A 1 9   ? -4.571  -7.357  4.903   1.00 19.90 ? 9   PHE A CG  1 
ATOM   64   C  CD1 . PHE A 1 9   ? -3.547  -8.198  4.460   1.00 19.99 ? 9   PHE A CD1 1 
ATOM   65   C  CD2 . PHE A 1 9   ? -4.351  -5.979  4.894   1.00 19.90 ? 9   PHE A CD2 1 
ATOM   66   C  CE1 . PHE A 1 9   ? -2.319  -7.673  4.032   1.00 19.00 ? 9   PHE A CE1 1 
ATOM   67   C  CE2 . PHE A 1 9   ? -3.132  -5.449  4.474   1.00 19.42 ? 9   PHE A CE2 1 
ATOM   68   C  CZ  . PHE A 1 9   ? -2.116  -6.296  4.041   1.00 19.51 ? 9   PHE A CZ  1 
ATOM   69   N  N   . ASP A 1 10  ? -5.174  -10.455 6.833   1.00 20.89 ? 10  ASP A N   1 
ATOM   70   C  CA  . ASP A 1 10  ? -4.285  -11.572 7.167   1.00 21.90 ? 10  ASP A CA  1 
ATOM   71   C  C   . ASP A 1 10  ? -2.853  -11.259 6.732   1.00 22.11 ? 10  ASP A C   1 
ATOM   72   O  O   . ASP A 1 10  ? -2.598  -11.105 5.540   1.00 21.97 ? 10  ASP A O   1 
ATOM   73   C  CB  . ASP A 1 10  ? -4.779  -12.861 6.488   1.00 21.91 ? 10  ASP A CB  1 
ATOM   74   C  CG  . ASP A 1 10  ? -4.130  -14.124 7.053   1.00 23.15 ? 10  ASP A CG  1 
ATOM   75   O  OD1 . ASP A 1 10  ? -3.043  -14.046 7.669   1.00 24.08 ? 10  ASP A OD1 1 
ATOM   76   O  OD2 . ASP A 1 10  ? -4.717  -15.212 6.865   0.50 23.74 ? 10  ASP A OD2 1 
ATOM   77   N  N   . PRO A 1 11  ? -1.914  -11.153 7.697   1.00 22.82 ? 11  PRO A N   1 
ATOM   78   C  CA  . PRO A 1 11  ? -0.522  -10.803 7.372   1.00 23.37 ? 11  PRO A CA  1 
ATOM   79   C  C   . PRO A 1 11  ? 0.210   -11.836 6.507   1.00 23.94 ? 11  PRO A C   1 
ATOM   80   O  O   . PRO A 1 11  ? 1.161   -11.477 5.802   1.00 24.00 ? 11  PRO A O   1 
ATOM   81   C  CB  . PRO A 1 11  ? 0.153   -10.683 8.748   1.00 23.30 ? 11  PRO A CB  1 
ATOM   82   C  CG  . PRO A 1 11  ? -0.955  -10.569 9.731   1.00 23.62 ? 11  PRO A CG  1 
ATOM   83   C  CD  . PRO A 1 11  ? -2.100  -11.339 9.147   1.00 22.92 ? 11  PRO A CD  1 
ATOM   84   N  N   . SER A 1 12  ? -0.231  -13.096 6.553   1.00 24.48 ? 12  SER A N   1 
ATOM   85   C  CA  . SER A 1 12  ? 0.375   -14.167 5.746   1.00 25.04 ? 12  SER A CA  1 
ATOM   86   C  C   . SER A 1 12  ? 0.226   -13.958 4.233   1.00 25.43 ? 12  SER A C   1 
ATOM   87   O  O   . SER A 1 12  ? 1.026   -14.477 3.451   1.00 25.63 ? 12  SER A O   1 
ATOM   88   C  CB  . SER A 1 12  ? -0.187  -15.538 6.151   1.00 25.31 ? 12  SER A CB  1 
ATOM   89   O  OG  . SER A 1 12  ? -1.551  -15.677 5.784   0.50 25.24 ? 12  SER A OG  1 
ATOM   90   N  N   . LEU A 1 13  ? -0.792  -13.198 3.826   1.00 25.66 ? 13  LEU A N   1 
ATOM   91   C  CA  . LEU A 1 13  ? -1.024  -12.888 2.412   1.00 25.82 ? 13  LEU A CA  1 
ATOM   92   C  C   . LEU A 1 13  ? 0.170   -12.208 1.741   1.00 25.96 ? 13  LEU A C   1 
ATOM   93   O  O   . LEU A 1 13  ? 0.449   -12.458 0.565   1.00 26.00 ? 13  LEU A O   1 
ATOM   94   C  CB  . LEU A 1 13  ? -2.276  -12.017 2.247   1.00 25.92 ? 13  LEU A CB  1 
ATOM   95   C  CG  . LEU A 1 13  ? -3.655  -12.677 2.361   1.00 26.19 ? 13  LEU A CG  1 
ATOM   96   C  CD1 . LEU A 1 13  ? -4.723  -11.605 2.500   1.00 26.57 ? 13  LEU A CD1 1 
ATOM   97   C  CD2 . LEU A 1 13  ? -3.948  -13.576 1.156   1.00 26.30 ? 13  LEU A CD2 1 
ATOM   98   N  N   . LEU A 1 14  ? 0.859   -11.348 2.490   1.00 26.01 ? 14  LEU A N   1 
ATOM   99   C  CA  . LEU A 1 14  ? 2.038   -10.635 1.992   1.00 26.50 ? 14  LEU A CA  1 
ATOM   100  C  C   . LEU A 1 14  ? 3.243   -11.563 1.825   1.00 27.19 ? 14  LEU A C   1 
ATOM   101  O  O   . LEU A 1 14  ? 3.998   -11.449 0.851   1.00 27.19 ? 14  LEU A O   1 
ATOM   102  C  CB  . LEU A 1 14  ? 2.396   -9.470  2.924   1.00 26.03 ? 14  LEU A CB  1 
ATOM   103  C  CG  . LEU A 1 14  ? 1.353   -8.356  3.087   1.00 25.59 ? 14  LEU A CG  1 
ATOM   104  C  CD1 . LEU A 1 14  ? 1.634   -7.499  4.323   1.00 23.77 ? 14  LEU A CD1 1 
ATOM   105  C  CD2 . LEU A 1 14  ? 1.260   -7.496  1.833   1.00 24.37 ? 14  LEU A CD2 1 
ATOM   106  N  N   . LYS A 1 15  ? 3.405   -12.480 2.776   1.00 28.07 ? 15  LYS A N   1 
ATOM   107  C  CA  . LYS A 1 15  ? 4.532   -13.412 2.801   1.00 28.90 ? 15  LYS A CA  1 
ATOM   108  C  C   . LYS A 1 15  ? 4.362   -14.554 1.800   1.00 29.41 ? 15  LYS A C   1 
ATOM   109  O  O   . LYS A 1 15  ? 5.348   -15.142 1.355   1.00 29.88 ? 15  LYS A O   1 
ATOM   110  C  CB  . LYS A 1 15  ? 4.720   -13.985 4.212   1.00 28.95 ? 15  LYS A CB  1 
ATOM   111  C  CG  . LYS A 1 15  ? 5.135   -12.963 5.262   1.00 29.40 ? 15  LYS A CG  1 
ATOM   112  N  N   . GLU A 1 16  ? 3.116   -14.865 1.452   1.00 29.95 ? 16  GLU A N   1 
ATOM   113  C  CA  . GLU A 1 16  ? 2.815   -15.983 0.553   1.00 30.34 ? 16  GLU A CA  1 
ATOM   114  C  C   . GLU A 1 16  ? 2.625   -15.555 -0.905  1.00 30.51 ? 16  GLU A C   1 
ATOM   115  O  O   . GLU A 1 16  ? 2.287   -16.365 -1.771  1.00 30.41 ? 16  GLU A O   1 
ATOM   116  C  CB  . GLU A 1 16  ? 1.618   -16.778 1.070   1.00 30.48 ? 16  GLU A CB  1 
ATOM   117  C  CG  . GLU A 1 16  ? 1.905   -17.474 2.400   1.00 31.21 ? 16  GLU A CG  1 
ATOM   118  C  CD  . GLU A 1 16  ? 0.682   -18.132 3.001   1.00 32.18 ? 16  GLU A CD  1 
ATOM   119  O  OE1 . GLU A 1 16  ? -0.216  -18.539 2.234   1.00 33.06 ? 16  GLU A OE1 1 
ATOM   120  O  OE2 . GLU A 1 16  ? 0.628   -18.248 4.246   0.60 32.27 ? 16  GLU A OE2 1 
ATOM   121  N  N   . VAL A 1 17  ? 2.858   -14.270 -1.160  1.00 30.60 ? 17  VAL A N   1 
ATOM   122  C  CA  . VAL A 1 17  ? 3.013   -13.752 -2.512  1.00 30.80 ? 17  VAL A CA  1 
ATOM   123  C  C   . VAL A 1 17  ? 4.152   -14.509 -3.226  1.00 30.81 ? 17  VAL A C   1 
ATOM   124  O  O   . VAL A 1 17  ? 5.205   -14.761 -2.636  1.00 30.85 ? 17  VAL A O   1 
ATOM   125  C  CB  . VAL A 1 17  ? 3.274   -12.220 -2.454  1.00 30.89 ? 17  VAL A CB  1 
ATOM   126  C  CG1 . VAL A 1 17  ? 4.128   -11.742 -3.601  1.00 31.09 ? 17  VAL A CG1 1 
ATOM   127  C  CG2 . VAL A 1 17  ? 1.948   -11.452 -2.385  1.00 30.88 ? 17  VAL A CG2 1 
ATOM   128  N  N   . ASP A 1 18  ? 3.924   -14.892 -4.482  1.00 30.96 ? 18  ASP A N   1 
ATOM   129  C  CA  . ASP A 1 18  ? 4.947   -15.578 -5.279  1.00 30.96 ? 18  ASP A CA  1 
ATOM   130  C  C   . ASP A 1 18  ? 6.059   -14.601 -5.675  1.00 30.78 ? 18  ASP A C   1 
ATOM   131  O  O   . ASP A 1 18  ? 6.024   -13.995 -6.749  1.00 30.59 ? 18  ASP A O   1 
ATOM   132  C  CB  . ASP A 1 18  ? 4.314   -16.245 -6.513  1.00 31.08 ? 18  ASP A CB  1 
ATOM   133  C  CG  . ASP A 1 18  ? 5.297   -17.119 -7.298  1.00 31.37 ? 18  ASP A CG  1 
ATOM   134  O  OD1 . ASP A 1 18  ? 6.501   -17.186 -6.956  1.00 31.08 ? 18  ASP A OD1 1 
ATOM   135  O  OD2 . ASP A 1 18  ? 4.850   -17.741 -8.282  1.00 32.38 ? 18  ASP A OD2 1 
ATOM   136  N  N   . TRP A 1 19  ? 7.049   -14.470 -4.791  1.00 30.85 ? 19  TRP A N   1 
ATOM   137  C  CA  . TRP A 1 19  ? 8.127   -13.484 -4.940  1.00 30.86 ? 19  TRP A CA  1 
ATOM   138  C  C   . TRP A 1 19  ? 9.048   -13.738 -6.140  1.00 31.11 ? 19  TRP A C   1 
ATOM   139  O  O   . TRP A 1 19  ? 9.758   -12.829 -6.587  1.00 30.96 ? 19  TRP A O   1 
ATOM   140  C  CB  . TRP A 1 19  ? 8.932   -13.372 -3.637  1.00 30.81 ? 19  TRP A CB  1 
ATOM   141  C  CG  . TRP A 1 19  ? 9.874   -12.190 -3.579  1.00 30.91 ? 19  TRP A CG  1 
ATOM   142  C  CD1 . TRP A 1 19  ? 11.237  -12.237 -3.471  1.00 30.96 ? 19  TRP A CD1 1 
ATOM   143  C  CD2 . TRP A 1 19  ? 9.525   -10.796 -3.632  1.00 30.85 ? 19  TRP A CD2 1 
ATOM   144  N  NE1 . TRP A 1 19  ? 11.757  -10.963 -3.454  1.00 30.99 ? 19  TRP A NE1 1 
ATOM   145  C  CE2 . TRP A 1 19  ? 10.730  -10.060 -3.547  1.00 30.91 ? 19  TRP A CE2 1 
ATOM   146  C  CE3 . TRP A 1 19  ? 8.312   -10.097 -3.740  1.00 30.63 ? 19  TRP A CE3 1 
ATOM   147  C  CZ2 . TRP A 1 19  ? 10.760  -8.658  -3.567  1.00 30.85 ? 19  TRP A CZ2 1 
ATOM   148  C  CZ3 . TRP A 1 19  ? 8.342   -8.701  -3.760  1.00 30.70 ? 19  TRP A CZ3 1 
ATOM   149  C  CH2 . TRP A 1 19  ? 9.560   -8.000  -3.672  1.00 30.65 ? 19  TRP A CH2 1 
ATOM   150  N  N   . SER A 1 20  ? 9.020   -14.962 -6.670  1.00 31.30 ? 20  SER A N   1 
ATOM   151  C  CA  . SER A 1 20  ? 9.774   -15.301 -7.884  1.00 31.67 ? 20  SER A CA  1 
ATOM   152  C  C   . SER A 1 20  ? 9.265   -14.549 -9.123  1.00 31.69 ? 20  SER A C   1 
ATOM   153  O  O   . SER A 1 20  ? 9.968   -14.448 -10.133 1.00 31.53 ? 20  SER A O   1 
ATOM   154  C  CB  . SER A 1 20  ? 9.747   -16.813 -8.131  1.00 31.69 ? 20  SER A CB  1 
ATOM   155  O  OG  . SER A 1 20  ? 8.585   -17.203 -8.844  1.00 32.19 ? 20  SER A OG  1 
ATOM   156  N  N   . GLN A 1 21  ? 8.045   -14.022 -9.034  1.00 31.77 ? 21  GLN A N   1 
ATOM   157  C  CA  . GLN A 1 21  ? 7.433   -13.289 -10.144 1.00 31.98 ? 21  GLN A CA  1 
ATOM   158  C  C   . GLN A 1 21  ? 7.698   -11.772 -10.103 1.00 32.00 ? 21  GLN A C   1 
ATOM   159  O  O   . GLN A 1 21  ? 7.260   -11.037 -10.994 1.00 32.04 ? 21  GLN A O   1 
ATOM   160  C  CB  . GLN A 1 21  ? 5.928   -13.586 -10.219 1.00 32.04 ? 21  GLN A CB  1 
ATOM   161  C  CG  . GLN A 1 21  ? 5.603   -15.011 -10.662 1.00 32.31 ? 21  GLN A CG  1 
ATOM   162  N  N   . ASN A 1 22  ? 8.414   -11.315 -9.076  1.00 32.02 ? 22  ASN A N   1 
ATOM   163  C  CA  . ASN A 1 22  ? 8.883   -9.927  -9.006  1.00 32.16 ? 22  ASN A CA  1 
ATOM   164  C  C   . ASN A 1 22  ? 9.801   -9.595  -10.183 1.00 32.43 ? 22  ASN A C   1 
ATOM   165  O  O   . ASN A 1 22  ? 10.616  -10.426 -10.587 1.00 32.50 ? 22  ASN A O   1 
ATOM   166  C  CB  . ASN A 1 22  ? 9.610   -9.670  -7.676  1.00 32.07 ? 22  ASN A CB  1 
ATOM   167  C  CG  . ASN A 1 22  ? 10.481  -8.420  -7.711  1.00 31.93 ? 22  ASN A CG  1 
ATOM   168  O  OD1 . ASN A 1 22  ? 9.978   -7.302  -7.825  1.00 31.58 ? 22  ASN A OD1 1 
ATOM   169  N  ND2 . ASN A 1 22  ? 11.793  -8.609  -7.615  1.00 30.08 ? 22  ASN A ND2 1 
ATOM   170  N  N   . THR A 1 23  ? 9.657   -8.390  -10.732 1.00 32.69 ? 23  THR A N   1 
ATOM   171  C  CA  . THR A 1 23  ? 10.478  -7.945  -11.866 1.00 33.04 ? 23  THR A CA  1 
ATOM   172  C  C   . THR A 1 23  ? 11.338  -6.714  -11.552 1.00 33.06 ? 23  THR A C   1 
ATOM   173  O  O   . THR A 1 23  ? 12.125  -6.266  -12.391 1.00 33.28 ? 23  THR A O   1 
ATOM   174  C  CB  . THR A 1 23  ? 9.626   -7.674  -13.132 1.00 33.07 ? 23  THR A CB  1 
ATOM   175  O  OG1 . THR A 1 23  ? 8.483   -6.878  -12.788 1.00 33.61 ? 23  THR A OG1 1 
ATOM   176  C  CG2 . THR A 1 23  ? 9.169   -8.986  -13.762 1.00 33.02 ? 23  THR A CG2 1 
ATOM   177  N  N   . ALA A 1 24  ? 11.187  -6.171  -10.346 1.00 33.05 ? 24  ALA A N   1 
ATOM   178  C  CA  . ALA A 1 24  ? 12.028  -5.069  -9.896  1.00 33.00 ? 24  ALA A CA  1 
ATOM   179  C  C   . ALA A 1 24  ? 13.374  -5.609  -9.416  1.00 33.01 ? 24  ALA A C   1 
ATOM   180  O  O   . ALA A 1 24  ? 13.448  -6.709  -8.864  1.00 33.08 ? 24  ALA A O   1 
ATOM   181  C  CB  . ALA A 1 24  ? 11.333  -4.283  -8.789  1.00 33.08 ? 24  ALA A CB  1 
ATOM   182  N  N   . THR A 1 25  ? 14.433  -4.832  -9.642  1.00 32.88 ? 25  THR A N   1 
ATOM   183  C  CA  . THR A 1 25  ? 15.782  -5.186  -9.194  1.00 32.86 ? 25  THR A CA  1 
ATOM   184  C  C   . THR A 1 25  ? 16.003  -4.739  -7.748  1.00 32.63 ? 25  THR A C   1 
ATOM   185  O  O   . THR A 1 25  ? 15.818  -3.567  -7.418  1.00 32.59 ? 25  THR A O   1 
ATOM   186  C  CB  . THR A 1 25  ? 16.860  -4.539  -10.108 1.00 32.91 ? 25  THR A CB  1 
ATOM   187  O  OG1 . THR A 1 25  ? 16.620  -4.905  -11.472 1.00 33.34 ? 25  THR A OG1 1 
ATOM   188  C  CG2 . THR A 1 25  ? 18.269  -4.984  -9.710  1.00 33.30 ? 25  THR A CG2 1 
ATOM   189  N  N   . PHE A 1 26  ? 16.395  -5.681  -6.892  1.00 32.42 ? 26  PHE A N   1 
ATOM   190  C  CA  . PHE A 1 26  ? 16.714  -5.383  -5.498  1.00 32.27 ? 26  PHE A CA  1 
ATOM   191  C  C   . PHE A 1 26  ? 18.185  -5.642  -5.166  1.00 32.44 ? 26  PHE A C   1 
ATOM   192  O  O   . PHE A 1 26  ? 18.659  -6.778  -5.261  1.00 32.48 ? 26  PHE A O   1 
ATOM   193  C  CB  . PHE A 1 26  ? 15.818  -6.189  -4.554  1.00 32.01 ? 26  PHE A CB  1 
ATOM   194  C  CG  . PHE A 1 26  ? 14.381  -5.743  -4.549  1.00 31.75 ? 26  PHE A CG  1 
ATOM   195  C  CD1 . PHE A 1 26  ? 13.453  -6.330  -5.401  1.00 30.83 ? 26  PHE A CD1 1 
ATOM   196  C  CD2 . PHE A 1 26  ? 13.959  -4.731  -3.691  1.00 30.87 ? 26  PHE A CD2 1 
ATOM   197  C  CE1 . PHE A 1 26  ? 12.123  -5.917  -5.400  1.00 31.30 ? 26  PHE A CE1 1 
ATOM   198  C  CE2 . PHE A 1 26  ? 12.629  -4.315  -3.677  1.00 31.40 ? 26  PHE A CE2 1 
ATOM   199  C  CZ  . PHE A 1 26  ? 11.711  -4.908  -4.536  1.00 31.36 ? 26  PHE A CZ  1 
ATOM   200  N  N   . SER A 1 27  ? 18.891  -4.579  -4.785  1.00 32.50 ? 27  SER A N   1 
ATOM   201  C  CA  A SER A 1 27  ? 20.281  -4.680  -4.345  0.50 32.52 ? 27  SER A CA  1 
ATOM   202  C  CA  B SER A 1 27  ? 20.276  -4.689  -4.336  0.50 32.54 ? 27  SER A CA  1 
ATOM   203  C  C   . SER A 1 27  ? 20.487  -3.906  -3.039  1.00 32.41 ? 27  SER A C   1 
ATOM   204  O  O   . SER A 1 27  ? 20.467  -2.674  -3.039  1.00 32.42 ? 27  SER A O   1 
ATOM   205  C  CB  A SER A 1 27  ? 21.233  -4.172  -5.433  0.50 32.55 ? 27  SER A CB  1 
ATOM   206  C  CB  B SER A 1 27  ? 21.249  -4.220  -5.420  0.50 32.57 ? 27  SER A CB  1 
ATOM   207  O  OG  A SER A 1 27  ? 21.075  -4.903  -6.638  0.50 32.76 ? 27  SER A OG  1 
ATOM   208  O  OG  B SER A 1 27  ? 22.581  -4.566  -5.081  0.50 32.86 ? 27  SER A OG  1 
ATOM   209  N  N   . PRO A 1 28  ? 20.675  -4.624  -1.909  1.00 32.37 ? 28  PRO A N   1 
ATOM   210  C  CA  . PRO A 1 28  ? 20.700  -6.083  -1.738  1.00 32.19 ? 28  PRO A CA  1 
ATOM   211  C  C   . PRO A 1 28  ? 19.308  -6.720  -1.853  1.00 32.07 ? 28  PRO A C   1 
ATOM   212  O  O   . PRO A 1 28  ? 18.293  -6.014  -1.849  1.00 32.10 ? 28  PRO A O   1 
ATOM   213  C  CB  . PRO A 1 28  ? 21.252  -6.260  -0.322  1.00 32.32 ? 28  PRO A CB  1 
ATOM   214  C  CG  . PRO A 1 28  ? 20.847  -5.025  0.394   1.00 32.44 ? 28  PRO A CG  1 
ATOM   215  C  CD  . PRO A 1 28  ? 20.883  -3.922  -0.628  1.00 32.31 ? 28  PRO A CD  1 
ATOM   216  N  N   . ALA A 1 29  ? 19.277  -8.043  -1.966  1.00 31.70 ? 29  ALA A N   1 
ATOM   217  C  CA  . ALA A 1 29  ? 18.032  -8.784  -2.078  1.00 31.24 ? 29  ALA A CA  1 
ATOM   218  C  C   . ALA A 1 29  ? 17.200  -8.658  -0.800  1.00 30.84 ? 29  ALA A C   1 
ATOM   219  O  O   . ALA A 1 29  ? 17.663  -8.978  0.300   1.00 30.83 ? 29  ALA A O   1 
ATOM   220  C  CB  . ALA A 1 29  ? 18.312  -10.243 -2.404  1.00 31.43 ? 29  ALA A CB  1 
ATOM   221  N  N   . ILE A 1 30  ? 15.987  -8.137  -0.959  1.00 30.15 ? 30  ILE A N   1 
ATOM   222  C  CA  . ILE A 1 30  ? 15.006  -8.078  0.125   1.00 29.23 ? 30  ILE A CA  1 
ATOM   223  C  C   . ILE A 1 30  ? 13.704  -8.714  -0.351  1.00 28.96 ? 30  ILE A C   1 
ATOM   224  O  O   . ILE A 1 30  ? 13.487  -8.863  -1.552  1.00 28.90 ? 30  ILE A O   1 
ATOM   225  C  CB  . ILE A 1 30  ? 14.767  -6.630  0.651   1.00 29.15 ? 30  ILE A CB  1 
ATOM   226  C  CG1 . ILE A 1 30  ? 14.274  -5.699  -0.466  1.00 28.77 ? 30  ILE A CG1 1 
ATOM   227  C  CG2 . ILE A 1 30  ? 16.029  -6.087  1.324   1.00 29.14 ? 30  ILE A CG2 1 
ATOM   228  C  CD1 . ILE A 1 30  ? 13.809  -4.325  0.005   1.00 28.68 ? 30  ILE A CD1 1 
ATOM   229  N  N   . SER A 1 31  ? 12.853  -9.100  0.597   1.00 28.54 ? 31  SER A N   1 
ATOM   230  C  CA  . SER A 1 31  ? 11.599  -9.775  0.288   1.00 28.09 ? 31  SER A CA  1 
ATOM   231  C  C   . SER A 1 31  ? 10.516  -9.305  1.262   1.00 27.89 ? 31  SER A C   1 
ATOM   232  O  O   . SER A 1 31  ? 10.831  -8.621  2.232   1.00 27.74 ? 31  SER A O   1 
ATOM   233  C  CB  . SER A 1 31  ? 11.789  -11.291 0.392   1.00 28.23 ? 31  SER A CB  1 
ATOM   234  O  OG  . SER A 1 31  ? 11.988  -11.692 1.736   1.00 27.72 ? 31  SER A OG  1 
ATOM   235  N  N   . PRO A 1 32  ? 9.236   -9.642  0.998   1.00 27.64 ? 32  PRO A N   1 
ATOM   236  C  CA  . PRO A 1 32  ? 8.200   -9.430  2.009   1.00 27.56 ? 32  PRO A CA  1 
ATOM   237  C  C   . PRO A 1 32  ? 8.512   -10.102 3.351   1.00 27.50 ? 32  PRO A C   1 
ATOM   238  O  O   . PRO A 1 32  ? 8.229   -9.524  4.398   1.00 27.46 ? 32  PRO A O   1 
ATOM   239  C  CB  . PRO A 1 32  ? 6.958   -10.059 1.369   1.00 27.58 ? 32  PRO A CB  1 
ATOM   240  C  CG  . PRO A 1 32  ? 7.198   -9.928  -0.088  1.00 27.46 ? 32  PRO A CG  1 
ATOM   241  C  CD  . PRO A 1 32  ? 8.666   -10.175 -0.253  1.00 27.75 ? 32  PRO A CD  1 
ATOM   242  N  N   . THR A 1 33  ? 9.105   -11.295 3.308   1.00 27.34 ? 33  THR A N   1 
ATOM   243  C  CA  . THR A 1 33  ? 9.465   -12.052 4.515   1.00 27.58 ? 33  THR A CA  1 
ATOM   244  C  C   . THR A 1 33  ? 10.649  -11.425 5.266   1.00 27.35 ? 33  THR A C   1 
ATOM   245  O  O   . THR A 1 33  ? 10.678  -11.425 6.499   1.00 27.45 ? 33  THR A O   1 
ATOM   246  C  CB  . THR A 1 33  ? 9.768   -13.541 4.173   1.00 27.61 ? 33  THR A CB  1 
ATOM   247  O  OG1 . THR A 1 33  ? 8.686   -14.082 3.407   1.00 28.45 ? 33  THR A OG1 1 
ATOM   248  C  CG2 . THR A 1 33  ? 9.942   -14.382 5.434   1.00 27.89 ? 33  THR A CG2 1 
ATOM   249  N  N   . HIS A 1 34  ? 11.610  -10.890 4.515   1.00 27.10 ? 34  HIS A N   1 
ATOM   250  C  CA  . HIS A 1 34  ? 12.799  -10.244 5.082   1.00 26.82 ? 34  HIS A CA  1 
ATOM   251  C  C   . HIS A 1 34  ? 13.060  -8.895  4.394   1.00 26.33 ? 34  HIS A C   1 
ATOM   252  O  O   . HIS A 1 34  ? 13.919  -8.800  3.512   1.00 26.08 ? 34  HIS A O   1 
ATOM   253  C  CB  . HIS A 1 34  ? 14.022  -11.162 4.956   1.00 27.08 ? 34  HIS A CB  1 
ATOM   254  C  CG  . HIS A 1 34  ? 13.872  -12.469 5.670   1.00 28.09 ? 34  HIS A CG  1 
ATOM   255  N  ND1 . HIS A 1 34  ? 13.527  -13.636 5.021   1.00 29.30 ? 34  HIS A ND1 1 
ATOM   256  C  CD2 . HIS A 1 34  ? 14.008  -12.791 6.977   1.00 28.71 ? 34  HIS A CD2 1 
ATOM   257  C  CE1 . HIS A 1 34  ? 13.460  -14.620 5.899   1.00 29.15 ? 34  HIS A CE1 1 
ATOM   258  N  NE2 . HIS A 1 34  ? 13.754  -14.136 7.092   1.00 29.63 ? 34  HIS A NE2 1 
ATOM   259  N  N   . PRO A 1 35  ? 12.303  -7.849  4.791   1.00 25.90 ? 35  PRO A N   1 
ATOM   260  C  CA  . PRO A 1 35  ? 12.330  -6.529  4.144   1.00 25.74 ? 35  PRO A CA  1 
ATOM   261  C  C   . PRO A 1 35  ? 13.580  -5.685  4.414   1.00 25.68 ? 35  PRO A C   1 
ATOM   262  O  O   . PRO A 1 35  ? 13.759  -4.640  3.788   1.00 25.42 ? 35  PRO A O   1 
ATOM   263  C  CB  . PRO A 1 35  ? 11.098  -5.835  4.736   1.00 25.78 ? 35  PRO A CB  1 
ATOM   264  C  CG  . PRO A 1 35  ? 10.919  -6.460  6.065   1.00 25.71 ? 35  PRO A CG  1 
ATOM   265  C  CD  . PRO A 1 35  ? 11.333  -7.892  5.904   1.00 25.82 ? 35  PRO A CD  1 
ATOM   266  N  N   . GLY A 1 36  ? 14.427  -6.136  5.336   1.00 25.63 ? 36  GLY A N   1 
ATOM   267  C  CA  . GLY A 1 36  ? 15.613  -5.388  5.746   1.00 25.54 ? 36  GLY A CA  1 
ATOM   268  C  C   . GLY A 1 36  ? 15.743  -5.406  7.255   1.00 25.29 ? 36  GLY A C   1 
ATOM   269  O  O   . GLY A 1 36  ? 14.752  -5.593  7.961   1.00 25.38 ? 36  GLY A O   1 
ATOM   270  N  N   . GLU A 1 37  ? 16.965  -5.208  7.748   1.00 25.23 ? 37  GLU A N   1 
ATOM   271  C  CA  . GLU A 1 37  ? 17.259  -5.271  9.186   1.00 24.80 ? 37  GLU A CA  1 
ATOM   272  C  C   . GLU A 1 37  ? 16.405  -4.313  10.017  1.00 24.50 ? 37  GLU A C   1 
ATOM   273  O  O   . GLU A 1 37  ? 16.311  -3.120  9.715   1.00 24.35 ? 37  GLU A O   1 
ATOM   274  C  CB  . GLU A 1 37  ? 18.750  -5.015  9.449   1.00 25.25 ? 37  GLU A CB  1 
ATOM   275  N  N   . GLY A 1 38  ? 15.779  -4.862  11.056  1.00 24.22 ? 38  GLY A N   1 
ATOM   276  C  CA  . GLY A 1 38  ? 14.940  -4.091  11.968  1.00 23.75 ? 38  GLY A CA  1 
ATOM   277  C  C   . GLY A 1 38  ? 13.598  -3.646  11.405  1.00 23.40 ? 38  GLY A C   1 
ATOM   278  O  O   . GLY A 1 38  ? 12.915  -2.837  12.031  1.00 23.45 ? 38  GLY A O   1 
ATOM   279  N  N   . LEU A 1 39  ? 13.219  -4.184  10.244  1.00 22.76 ? 39  LEU A N   1 
ATOM   280  C  CA  . LEU A 1 39  ? 11.974  -3.804  9.561   1.00 22.45 ? 39  LEU A CA  1 
ATOM   281  C  C   . LEU A 1 39  ? 10.960  -4.939  9.472   1.00 22.16 ? 39  LEU A C   1 
ATOM   282  O  O   . LEU A 1 39  ? 11.335  -6.105  9.353   1.00 22.07 ? 39  LEU A O   1 
ATOM   283  C  CB  . LEU A 1 39  ? 12.261  -3.303  8.140   1.00 22.45 ? 39  LEU A CB  1 
ATOM   284  C  CG  . LEU A 1 39  ? 13.279  -2.188  7.898   1.00 22.55 ? 39  LEU A CG  1 
ATOM   285  C  CD1 . LEU A 1 39  ? 13.340  -1.866  6.418   1.00 22.40 ? 39  LEU A CD1 1 
ATOM   286  C  CD2 . LEU A 1 39  ? 12.952  -0.939  8.703   1.00 22.72 ? 39  LEU A CD2 1 
ATOM   287  N  N   . VAL A 1 40  ? 9.677   -4.578  9.522   1.00 21.75 ? 40  VAL A N   1 
ATOM   288  C  CA  . VAL A 1 40  ? 8.576   -5.525  9.317   1.00 21.47 ? 40  VAL A CA  1 
ATOM   289  C  C   . VAL A 1 40  ? 7.581   -4.948  8.296   1.00 21.12 ? 40  VAL A C   1 
ATOM   290  O  O   . VAL A 1 40  ? 7.108   -3.818  8.455   1.00 20.89 ? 40  VAL A O   1 
ATOM   291  C  CB  . VAL A 1 40  ? 7.848   -5.876  10.649  1.00 21.51 ? 40  VAL A CB  1 
ATOM   292  C  CG1 . VAL A 1 40  ? 6.616   -6.750  10.396  1.00 21.98 ? 40  VAL A CG1 1 
ATOM   293  C  CG2 . VAL A 1 40  ? 8.791   -6.585  11.618  1.00 22.24 ? 40  VAL A CG2 1 
ATOM   294  N  N   . LEU A 1 41  ? 7.300   -5.718  7.245   1.00 20.61 ? 41  LEU A N   1 
ATOM   295  C  CA  . LEU A 1 41  ? 6.245   -5.386  6.287   1.00 20.38 ? 41  LEU A CA  1 
ATOM   296  C  C   . LEU A 1 41  ? 4.963   -6.058  6.754   1.00 20.34 ? 41  LEU A C   1 
ATOM   297  O  O   . LEU A 1 41  ? 4.902   -7.289  6.844   1.00 20.25 ? 41  LEU A O   1 
ATOM   298  C  CB  . LEU A 1 41  ? 6.611   -5.853  4.873   1.00 20.46 ? 41  LEU A CB  1 
ATOM   299  C  CG  . LEU A 1 41  ? 5.613   -5.582  3.733   1.00 20.27 ? 41  LEU A CG  1 
ATOM   300  C  CD1 . LEU A 1 41  ? 5.621   -4.112  3.353   1.00 20.25 ? 41  LEU A CD1 1 
ATOM   301  C  CD2 . LEU A 1 41  ? 5.942   -6.422  2.516   1.00 20.16 ? 41  LEU A CD2 1 
ATOM   302  N  N   . ARG A 1 42  ? 3.941   -5.253  7.049   1.00 19.87 ? 42  ARG A N   1 
ATOM   303  C  CA  . ARG A 1 42  ? 2.727   -5.771  7.679   1.00 19.54 ? 42  ARG A CA  1 
ATOM   304  C  C   . ARG A 1 42  ? 1.473   -4.931  7.385   1.00 19.33 ? 42  ARG A C   1 
ATOM   305  O  O   . ARG A 1 42  ? 1.577   -3.799  6.904   1.00 19.45 ? 42  ARG A O   1 
ATOM   306  C  CB  . ARG A 1 42  ? 2.936   -5.926  9.198   1.00 19.36 ? 42  ARG A CB  1 
ATOM   307  C  CG  . ARG A 1 42  ? 3.359   -4.652  9.943   1.00 19.77 ? 42  ARG A CG  1 
ATOM   308  C  CD  . ARG A 1 42  ? 3.121   -4.794  11.453  1.00 19.68 ? 42  ARG A CD  1 
ATOM   309  N  NE  . ARG A 1 42  ? 3.485   -3.598  12.224  1.00 20.30 ? 42  ARG A NE  1 
ATOM   310  C  CZ  . ARG A 1 42  ? 2.740   -2.499  12.339  1.00 21.01 ? 42  ARG A CZ  1 
ATOM   311  N  NH1 . ARG A 1 42  ? 1.572   -2.393  11.715  1.00 21.19 ? 42  ARG A NH1 1 
ATOM   312  N  NH2 . ARG A 1 42  ? 3.173   -1.487  13.075  1.00 21.48 ? 42  ARG A NH2 1 
ATOM   313  N  N   . PRO A 1 43  ? 0.279   -5.492  7.655   1.00 19.12 ? 43  PRO A N   1 
ATOM   314  C  CA  . PRO A 1 43  ? -0.924  -4.666  7.562   1.00 18.85 ? 43  PRO A CA  1 
ATOM   315  C  C   . PRO A 1 43  ? -0.916  -3.536  8.588   1.00 18.65 ? 43  PRO A C   1 
ATOM   316  O  O   . PRO A 1 43  ? -0.279  -3.648  9.644   1.00 18.62 ? 43  PRO A O   1 
ATOM   317  C  CB  . PRO A 1 43  ? -2.058  -5.643  7.896   1.00 18.69 ? 43  PRO A CB  1 
ATOM   318  C  CG  . PRO A 1 43  ? -1.488  -7.002  7.691   1.00 18.97 ? 43  PRO A CG  1 
ATOM   319  C  CD  . PRO A 1 43  ? -0.037  -6.887  8.020   1.00 18.96 ? 43  PRO A CD  1 
ATOM   320  N  N   . LEU A 1 44  ? -1.617  -2.455  8.266   1.00 17.97 ? 44  LEU A N   1 
ATOM   321  C  CA  . LEU A 1 44  ? -1.897  -1.412  9.239   1.00 17.63 ? 44  LEU A CA  1 
ATOM   322  C  C   . LEU A 1 44  ? -2.725  -1.970  10.398  1.00 17.62 ? 44  LEU A C   1 
ATOM   323  O  O   . LEU A 1 44  ? -3.570  -2.849  10.192  1.00 17.32 ? 44  LEU A O   1 
ATOM   324  C  CB  . LEU A 1 44  ? -2.666  -0.269  8.566   1.00 17.43 ? 44  LEU A CB  1 
ATOM   325  C  CG  . LEU A 1 44  ? -2.909  1.010   9.374   1.00 17.23 ? 44  LEU A CG  1 
ATOM   326  C  CD1 . LEU A 1 44  ? -1.605  1.780   9.560   1.00 17.52 ? 44  LEU A CD1 1 
ATOM   327  C  CD2 . LEU A 1 44  ? -3.959  1.884   8.709   1.00 16.88 ? 44  LEU A CD2 1 
ATOM   328  N  N   . CYS A 1 45  ? -2.461  -1.461  11.604  1.00 17.88 ? 45  CYS A N   1 
ATOM   329  C  CA  . CYS A 1 45  ? -3.328  -1.664  12.771  1.00 18.26 ? 45  CYS A CA  1 
ATOM   330  C  C   . CYS A 1 45  ? -3.668  -0.296  13.370  1.00 18.60 ? 45  CYS A C   1 
ATOM   331  O  O   . CYS A 1 45  ? -2.997  0.695   13.072  1.00 18.25 ? 45  CYS A O   1 
ATOM   332  C  CB  . CYS A 1 45  ? -2.658  -2.570  13.815  1.00 18.43 ? 45  CYS A CB  1 
ATOM   333  S  SG  . CYS A 1 45  ? -1.243  -1.854  14.697  1.00 19.44 ? 45  CYS A SG  1 
ATOM   334  N  N   . THR A 1 46  ? -4.701  -0.229  14.208  1.00 18.81 ? 46  THR A N   1 
ATOM   335  C  CA  . THR A 1 46  ? -5.128  1.061   14.781  1.00 19.31 ? 46  THR A CA  1 
ATOM   336  C  C   . THR A 1 46  ? -4.115  1.696   15.745  1.00 19.48 ? 46  THR A C   1 
ATOM   337  O  O   . THR A 1 46  ? -4.087  2.916   15.890  1.00 19.69 ? 46  THR A O   1 
ATOM   338  C  CB  . THR A 1 46  ? -6.509  0.983   15.469  1.00 19.19 ? 46  THR A CB  1 
ATOM   339  O  OG1 . THR A 1 46  ? -6.536  -0.132  16.368  1.00 19.53 ? 46  THR A OG1 1 
ATOM   340  C  CG2 . THR A 1 46  ? -7.630  0.840   14.430  1.00 19.47 ? 46  THR A CG2 1 
ATOM   341  N  N   . ALA A 1 47  ? -3.287  0.871   16.384  1.00 19.70 ? 47  ALA A N   1 
ATOM   342  C  CA  . ALA A 1 47  ? -2.222  1.358   17.271  1.00 20.15 ? 47  ALA A CA  1 
ATOM   343  C  C   . ALA A 1 47  ? -1.170  2.181   16.527  1.00 20.54 ? 47  ALA A C   1 
ATOM   344  O  O   . ALA A 1 47  ? -0.454  2.981   17.142  1.00 20.48 ? 47  ALA A O   1 
ATOM   345  C  CB  . ALA A 1 47  ? -1.556  0.196   17.987  1.00 20.18 ? 47  ALA A CB  1 
ATOM   346  N  N   . ASP A 1 48  ? -1.082  1.972   15.209  1.00 20.61 ? 48  ASP A N   1 
ATOM   347  C  CA  . ASP A 1 48  ? -0.160  2.716   14.339  1.00 20.57 ? 48  ASP A CA  1 
ATOM   348  C  C   . ASP A 1 48  ? -0.462  4.214   14.299  1.00 20.78 ? 48  ASP A C   1 
ATOM   349  O  O   . ASP A 1 48  ? 0.360   5.005   13.820  1.00 20.56 ? 48  ASP A O   1 
ATOM   350  C  CB  . ASP A 1 48  ? -0.167  2.134   12.917  1.00 20.47 ? 48  ASP A CB  1 
ATOM   351  C  CG  . ASP A 1 48  ? 0.478   0.758   12.841  1.00 20.34 ? 48  ASP A CG  1 
ATOM   352  O  OD1 . ASP A 1 48  ? 1.328   0.438   13.701  1.00 20.59 ? 48  ASP A OD1 1 
ATOM   353  O  OD2 . ASP A 1 48  ? 0.145   -0.007  11.908  1.00 19.68 ? 48  ASP A OD2 1 
ATOM   354  N  N   . LEU A 1 49  ? -1.639  4.591   14.800  1.00 21.06 ? 49  LEU A N   1 
ATOM   355  C  CA  . LEU A 1 49  ? -2.006  5.991   15.020  1.00 21.55 ? 49  LEU A CA  1 
ATOM   356  C  C   . LEU A 1 49  ? -0.953  6.702   15.865  1.00 22.05 ? 49  LEU A C   1 
ATOM   357  O  O   . LEU A 1 49  ? -0.711  7.902   15.702  1.00 22.02 ? 49  LEU A O   1 
ATOM   358  C  CB  . LEU A 1 49  ? -3.372  6.083   15.723  1.00 21.40 ? 49  LEU A CB  1 
ATOM   359  C  CG  . LEU A 1 49  ? -3.982  7.450   16.060  1.00 21.22 ? 49  LEU A CG  1 
ATOM   360  C  CD1 . LEU A 1 49  ? -4.401  8.191   14.802  1.00 21.47 ? 49  LEU A CD1 1 
ATOM   361  C  CD2 . LEU A 1 49  ? -5.169  7.296   17.011  1.00 21.63 ? 49  LEU A CD2 1 
ATOM   362  N  N   . ASN A 1 50  ? -0.335  5.940   16.765  1.00 22.55 ? 50  ASN A N   1 
ATOM   363  C  CA  . ASN A 1 50  ? 0.667   6.463   17.673  1.00 23.11 ? 50  ASN A CA  1 
ATOM   364  C  C   . ASN A 1 50  ? 2.085   6.069   17.270  1.00 23.32 ? 50  ASN A C   1 
ATOM   365  O  O   . ASN A 1 50  ? 3.020   6.200   18.070  1.00 23.80 ? 50  ASN A O   1 
ATOM   366  C  CB  . ASN A 1 50  ? 0.364   6.003   19.104  1.00 23.29 ? 50  ASN A CB  1 
ATOM   367  C  CG  . ASN A 1 50  ? -0.969  6.520   19.614  1.00 23.63 ? 50  ASN A CG  1 
ATOM   368  O  OD1 . ASN A 1 50  ? -1.761  5.765   20.182  1.00 25.10 ? 50  ASN A OD1 1 
ATOM   369  N  ND2 . ASN A 1 50  ? -1.228  7.810   19.408  1.00 23.11 ? 50  ASN A ND2 1 
ATOM   370  N  N   . ARG A 1 51  ? 2.233   5.598   16.029  1.00 22.99 ? 51  ARG A N   1 
ATOM   371  C  CA  . ARG A 1 51  ? 3.533   5.187   15.483  1.00 22.72 ? 51  ARG A CA  1 
ATOM   372  C  C   . ARG A 1 51  ? 3.928   5.979   14.229  1.00 21.84 ? 51  ARG A C   1 
ATOM   373  O  O   . ARG A 1 51  ? 4.699   5.493   13.397  1.00 22.16 ? 51  ARG A O   1 
ATOM   374  C  CB  . ARG A 1 51  ? 3.545   3.681   15.182  1.00 22.65 ? 51  ARG A CB  1 
ATOM   375  C  CG  . ARG A 1 51  ? 3.350   2.778   16.399  1.00 23.50 ? 51  ARG A CG  1 
ATOM   376  C  CD  . ARG A 1 51  ? 3.651   1.325   16.050  1.00 23.85 ? 51  ARG A CD  1 
ATOM   377  N  NE  . ARG A 1 51  ? 3.483   0.445   17.205  1.00 26.43 ? 51  ARG A NE  1 
ATOM   378  C  CZ  . ARG A 1 51  ? 2.457   -0.385  17.388  1.00 27.56 ? 51  ARG A CZ  1 
ATOM   379  N  NH1 . ARG A 1 51  ? 1.489   -0.479  16.481  1.00 27.21 ? 51  ARG A NH1 1 
ATOM   380  N  NH2 . ARG A 1 51  ? 2.404   -1.136  18.482  1.00 28.03 ? 51  ARG A NH2 1 
ATOM   381  N  N   . GLY A 1 52  ? 3.398   7.193   14.093  1.00 20.79 ? 52  GLY A N   1 
ATOM   382  C  CA  . GLY A 1 52  ? 3.769   8.085   12.999  1.00 19.51 ? 52  GLY A CA  1 
ATOM   383  C  C   . GLY A 1 52  ? 3.184   7.755   11.631  1.00 18.81 ? 52  GLY A C   1 
ATOM   384  O  O   . GLY A 1 52  ? 3.738   8.152   10.611  1.00 18.37 ? 52  GLY A O   1 
ATOM   385  N  N   . PHE A 1 53  ? 2.062   7.035   11.605  1.00 18.25 ? 53  PHE A N   1 
ATOM   386  C  CA  . PHE A 1 53  ? 1.372   6.738   10.347  1.00 17.67 ? 53  PHE A CA  1 
ATOM   387  C  C   . PHE A 1 53  ? 0.997   8.013   9.593   1.00 17.77 ? 53  PHE A C   1 
ATOM   388  O  O   . PHE A 1 53  ? 1.276   8.134   8.390   1.00 17.05 ? 53  PHE A O   1 
ATOM   389  C  CB  . PHE A 1 53  ? 0.134   5.853   10.581  1.00 17.21 ? 53  PHE A CB  1 
ATOM   390  C  CG  . PHE A 1 53  ? -0.640  5.549   9.324   1.00 16.61 ? 53  PHE A CG  1 
ATOM   391  C  CD1 . PHE A 1 53  ? -0.044  4.849   8.274   1.00 15.01 ? 53  PHE A CD1 1 
ATOM   392  C  CD2 . PHE A 1 53  ? -1.965  5.957   9.189   1.00 16.03 ? 53  PHE A CD2 1 
ATOM   393  C  CE1 . PHE A 1 53  ? -0.749  4.570   7.109   1.00 14.85 ? 53  PHE A CE1 1 
ATOM   394  C  CE2 . PHE A 1 53  ? -2.681  5.681   8.023   1.00 16.45 ? 53  PHE A CE2 1 
ATOM   395  C  CZ  . PHE A 1 53  ? -2.069  4.986   6.980   1.00 15.57 ? 53  PHE A CZ  1 
ATOM   396  N  N   . PHE A 1 54  ? 0.379   8.968   10.296  1.00 17.81 ? 54  PHE A N   1 
ATOM   397  C  CA  . PHE A 1 54  ? -0.030  10.224  9.660   1.00 18.15 ? 54  PHE A CA  1 
ATOM   398  C  C   . PHE A 1 54  ? 1.130   11.170  9.337   1.00 18.46 ? 54  PHE A C   1 
ATOM   399  O  O   . PHE A 1 54  ? 1.026   11.981  8.416   1.00 18.43 ? 54  PHE A O   1 
ATOM   400  C  CB  . PHE A 1 54  ? -1.138  10.928  10.452  1.00 17.91 ? 54  PHE A CB  1 
ATOM   401  C  CG  . PHE A 1 54  ? -2.490  10.295  10.273  1.00 18.03 ? 54  PHE A CG  1 
ATOM   402  C  CD1 . PHE A 1 54  ? -3.285  10.619  9.173   1.00 18.00 ? 54  PHE A CD1 1 
ATOM   403  C  CD2 . PHE A 1 54  ? -2.957  9.352   11.180  1.00 17.28 ? 54  PHE A CD2 1 
ATOM   404  C  CE1 . PHE A 1 54  ? -4.531  10.023  8.987   1.00 17.70 ? 54  PHE A CE1 1 
ATOM   405  C  CE2 . PHE A 1 54  ? -4.205  8.749   11.001  1.00 18.66 ? 54  PHE A CE2 1 
ATOM   406  C  CZ  . PHE A 1 54  ? -4.992  9.089   9.899   1.00 17.21 ? 54  PHE A CZ  1 
ATOM   407  N  N   . LYS A 1 55  ? 2.230   11.051  10.079  1.00 18.88 ? 55  LYS A N   1 
ATOM   408  C  CA  . LYS A 1 55  ? 3.463   11.787  9.765   1.00 19.45 ? 55  LYS A CA  1 
ATOM   409  C  C   . LYS A 1 55  ? 4.005   11.406  8.380   1.00 19.39 ? 55  LYS A C   1 
ATOM   410  O  O   . LYS A 1 55  ? 4.422   12.272  7.606   1.00 19.43 ? 55  LYS A O   1 
ATOM   411  C  CB  . LYS A 1 55  ? 4.525   11.537  10.839  1.00 19.48 ? 55  LYS A CB  1 
ATOM   412  C  CG  . LYS A 1 55  ? 5.832   12.314  10.640  1.00 19.88 ? 55  LYS A CG  1 
ATOM   413  C  CD  . LYS A 1 55  ? 6.908   11.812  11.598  1.00 20.20 ? 55  LYS A CD  1 
ATOM   414  N  N   . VAL A 1 56  ? 3.995   10.109  8.078   1.00 19.51 ? 56  VAL A N   1 
ATOM   415  C  CA  . VAL A 1 56  ? 4.452   9.596   6.780   1.00 19.60 ? 56  VAL A CA  1 
ATOM   416  C  C   . VAL A 1 56  ? 3.465   9.993   5.680   1.00 19.58 ? 56  VAL A C   1 
ATOM   417  O  O   . VAL A 1 56  ? 3.859   10.506  4.629   1.00 19.25 ? 56  VAL A O   1 
ATOM   418  C  CB  . VAL A 1 56  ? 4.637   8.045   6.821   1.00 19.56 ? 56  VAL A CB  1 
ATOM   419  C  CG1 . VAL A 1 56  ? 4.948   7.476   5.435   1.00 20.14 ? 56  VAL A CG1 1 
ATOM   420  C  CG2 . VAL A 1 56  ? 5.732   7.670   7.810   1.00 19.45 ? 56  VAL A CG2 1 
ATOM   421  N  N   . LEU A 1 57  ? 2.181   9.761   5.944   1.00 19.53 ? 57  LEU A N   1 
ATOM   422  C  CA  . LEU A 1 57  ? 1.117   10.063  4.996   1.00 20.02 ? 57  LEU A CA  1 
ATOM   423  C  C   . LEU A 1 57  ? 1.096   11.556  4.660   1.00 20.49 ? 57  LEU A C   1 
ATOM   424  O  O   . LEU A 1 57  ? 0.919   11.936  3.499   1.00 20.35 ? 57  LEU A O   1 
ATOM   425  C  CB  . LEU A 1 57  ? -0.230  9.605   5.573   1.00 19.94 ? 57  LEU A CB  1 
ATOM   426  C  CG  . LEU A 1 57  ? -1.341  9.044   4.681   1.00 20.60 ? 57  LEU A CG  1 
ATOM   427  C  CD1 . LEU A 1 57  ? -0.844  8.017   3.666   1.00 17.44 ? 57  LEU A CD1 1 
ATOM   428  C  CD2 . LEU A 1 57  ? -2.448  8.442   5.556   1.00 19.84 ? 57  LEU A CD2 1 
ATOM   429  N  N   . GLY A 1 58  ? 1.310   12.388  5.681   1.00 20.75 ? 58  GLY A N   1 
ATOM   430  C  CA  . GLY A 1 58  ? 1.367   13.843  5.521   1.00 21.64 ? 58  GLY A CA  1 
ATOM   431  C  C   . GLY A 1 58  ? 2.476   14.371  4.623   1.00 22.26 ? 58  GLY A C   1 
ATOM   432  O  O   . GLY A 1 58  ? 2.418   15.520  4.169   1.00 22.08 ? 58  GLY A O   1 
ATOM   433  N  N   . GLN A 1 59  ? 3.493   13.546  4.374   1.00 22.70 ? 59  GLN A N   1 
ATOM   434  C  CA  . GLN A 1 59  ? 4.555   13.899  3.428   1.00 23.86 ? 59  GLN A CA  1 
ATOM   435  C  C   . GLN A 1 59  ? 4.072   13.807  1.972   1.00 24.04 ? 59  GLN A C   1 
ATOM   436  O  O   . GLN A 1 59  ? 4.618   14.468  1.090   1.00 24.29 ? 59  GLN A O   1 
ATOM   437  C  CB  . GLN A 1 59  ? 5.802   13.029  3.645   1.00 23.83 ? 59  GLN A CB  1 
ATOM   438  C  CG  . GLN A 1 59  ? 6.531   13.288  4.974   1.00 24.19 ? 59  GLN A CG  1 
ATOM   439  C  CD  . GLN A 1 59  ? 7.680   12.320  5.234   1.00 24.48 ? 59  GLN A CD  1 
ATOM   440  O  OE1 . GLN A 1 59  ? 8.437   11.968  4.327   1.00 24.55 ? 59  GLN A OE1 1 
ATOM   441  N  NE2 . GLN A 1 59  ? 7.815   11.889  6.486   1.00 24.64 ? 59  GLN A NE2 1 
ATOM   442  N  N   . LEU A 1 60  ? 3.050   12.989  1.726   1.00 24.26 ? 60  LEU A N   1 
ATOM   443  C  CA  . LEU A 1 60  ? 2.486   12.829  0.382   1.00 24.35 ? 60  LEU A CA  1 
ATOM   444  C  C   . LEU A 1 60  ? 1.395   13.866  0.082   1.00 24.48 ? 60  LEU A C   1 
ATOM   445  O  O   . LEU A 1 60  ? 1.413   14.525  -0.962  1.00 24.12 ? 60  LEU A O   1 
ATOM   446  C  CB  . LEU A 1 60  ? 1.940   11.403  0.201   1.00 24.43 ? 60  LEU A CB  1 
ATOM   447  C  CG  . LEU A 1 60  ? 1.039   11.095  -1.006  1.00 24.75 ? 60  LEU A CG  1 
ATOM   448  C  CD1 . LEU A 1 60  ? 1.833   11.004  -2.298  1.00 24.76 ? 60  LEU A CD1 1 
ATOM   449  C  CD2 . LEU A 1 60  ? 0.235   9.823   -0.775  1.00 24.45 ? 60  LEU A CD2 1 
ATOM   450  N  N   . THR A 1 61  ? 0.439   13.986  1.000   1.00 24.58 ? 61  THR A N   1 
ATOM   451  C  CA  . THR A 1 61  ? -0.699  14.885  0.843   1.00 24.99 ? 61  THR A CA  1 
ATOM   452  C  C   . THR A 1 61  ? -1.135  15.360  2.224   1.00 24.85 ? 61  THR A C   1 
ATOM   453  O  O   . THR A 1 61  ? -0.797  14.737  3.230   1.00 24.87 ? 61  THR A O   1 
ATOM   454  C  CB  . THR A 1 61  ? -1.917  14.180  0.183   1.00 25.18 ? 61  THR A CB  1 
ATOM   455  O  OG1 . THR A 1 61  ? -1.476  13.153  -0.718  1.00 26.34 ? 61  THR A OG1 1 
ATOM   456  C  CG2 . THR A 1 61  ? -2.778  15.192  -0.571  1.00 25.54 ? 61  THR A CG2 1 
ATOM   457  N  N   . GLU A 1 62  ? -1.899  16.450  2.265   1.00 24.54 ? 62  GLU A N   1 
ATOM   458  C  CA  . GLU A 1 62  ? -2.519  16.915  3.505   1.00 24.48 ? 62  GLU A CA  1 
ATOM   459  C  C   . GLU A 1 62  ? -3.381  15.828  4.154   1.00 23.91 ? 62  GLU A C   1 
ATOM   460  O  O   . GLU A 1 62  ? -4.191  15.184  3.480   1.00 23.62 ? 62  GLU A O   1 
ATOM   461  C  CB  . GLU A 1 62  ? -3.382  18.145  3.232   1.00 24.27 ? 62  GLU A CB  1 
ATOM   462  C  CG  . GLU A 1 62  ? -2.589  19.424  2.993   1.00 25.56 ? 62  GLU A CG  1 
ATOM   463  C  CD  . GLU A 1 62  ? -3.472  20.612  2.655   1.00 25.59 ? 62  GLU A CD  1 
ATOM   464  O  OE1 . GLU A 1 62  ? -2.943  21.743  2.611   1.00 28.34 ? 62  GLU A OE1 1 
ATOM   465  O  OE2 . GLU A 1 62  ? -4.688  20.423  2.420   0.60 26.34 ? 62  GLU A OE2 1 
ATOM   466  N  N   . THR A 1 63  ? -3.185  15.620  5.456   1.00 23.65 ? 63  THR A N   1 
ATOM   467  C  CA  . THR A 1 63  ? -4.053  14.736  6.240   1.00 23.38 ? 63  THR A CA  1 
ATOM   468  C  C   . THR A 1 63  ? -5.011  15.542  7.127   1.00 23.46 ? 63  THR A C   1 
ATOM   469  O  O   . THR A 1 63  ? -5.940  14.983  7.721   1.00 23.51 ? 63  THR A O   1 
ATOM   470  C  CB  . THR A 1 63  ? -3.249  13.747  7.119   1.00 23.53 ? 63  THR A CB  1 
ATOM   471  O  OG1 . THR A 1 63  ? -2.384  14.474  8.002   1.00 23.22 ? 63  THR A OG1 1 
ATOM   472  C  CG2 . THR A 1 63  ? -2.421  12.781  6.258   1.00 23.13 ? 63  THR A CG2 1 
ATOM   473  N  N   . GLY A 1 64  ? -4.780  16.853  7.210   1.00 23.18 ? 64  GLY A N   1 
ATOM   474  C  CA  . GLY A 1 64  ? -5.600  17.739  8.042   1.00 22.97 ? 64  GLY A CA  1 
ATOM   475  C  C   . GLY A 1 64  ? -5.553  17.356  9.510   1.00 22.71 ? 64  GLY A C   1 
ATOM   476  O  O   . GLY A 1 64  ? -4.535  16.863  10.004  1.00 22.52 ? 64  GLY A O   1 
ATOM   477  N  N   . VAL A 1 65  ? -6.664  17.571  10.207  1.00 22.92 ? 65  VAL A N   1 
ATOM   478  C  CA  . VAL A 1 65  ? -6.782  17.180  11.611  1.00 22.91 ? 65  VAL A CA  1 
ATOM   479  C  C   . VAL A 1 65  ? -7.658  15.926  11.729  1.00 22.95 ? 65  VAL A C   1 
ATOM   480  O  O   . VAL A 1 65  ? -8.768  15.888  11.191  1.00 22.97 ? 65  VAL A O   1 
ATOM   481  C  CB  . VAL A 1 65  ? -7.307  18.351  12.489  1.00 23.21 ? 65  VAL A CB  1 
ATOM   482  C  CG1 . VAL A 1 65  ? -7.825  17.855  13.833  1.00 22.47 ? 65  VAL A CG1 1 
ATOM   483  C  CG2 . VAL A 1 65  ? -6.202  19.374  12.710  1.00 23.49 ? 65  VAL A CG2 1 
ATOM   484  N  N   . VAL A 1 66  ? -7.140  14.912  12.425  1.00 22.78 ? 66  VAL A N   1 
ATOM   485  C  CA  . VAL A 1 66  ? -7.804  13.605  12.562  1.00 22.84 ? 66  VAL A CA  1 
ATOM   486  C  C   . VAL A 1 66  ? -7.980  13.215  14.037  1.00 22.93 ? 66  VAL A C   1 
ATOM   487  O  O   . VAL A 1 66  ? -7.034  13.283  14.819  1.00 23.08 ? 66  VAL A O   1 
ATOM   488  C  CB  . VAL A 1 66  ? -7.021  12.482  11.800  1.00 22.64 ? 66  VAL A CB  1 
ATOM   489  C  CG1 . VAL A 1 66  ? -7.642  11.105  12.036  1.00 22.72 ? 66  VAL A CG1 1 
ATOM   490  C  CG2 . VAL A 1 66  ? -6.963  12.776  10.304  1.00 22.67 ? 66  VAL A CG2 1 
ATOM   491  N  N   . SER A 1 67  ? -9.195  12.814  14.408  1.00 23.13 ? 67  SER A N   1 
ATOM   492  C  CA  . SER A 1 67  ? -9.463  12.298  15.750  1.00 23.25 ? 67  SER A CA  1 
ATOM   493  C  C   . SER A 1 67  ? -9.270  10.779  15.788  1.00 23.31 ? 67  SER A C   1 
ATOM   494  O  O   . SER A 1 67  ? -9.374  10.121  14.746  1.00 23.04 ? 67  SER A O   1 
ATOM   495  C  CB  . SER A 1 67  ? -10.882 12.679  16.203  1.00 23.65 ? 67  SER A CB  1 
ATOM   496  O  OG  . SER A 1 67  ? -11.881 11.937  15.517  1.00 23.62 ? 67  SER A OG  1 
ATOM   497  N  N   . PRO A 1 68  ? -8.990  10.215  16.985  1.00 23.39 ? 68  PRO A N   1 
ATOM   498  C  CA  . PRO A 1 68  ? -8.902  8.761   17.129  1.00 23.28 ? 68  PRO A CA  1 
ATOM   499  C  C   . PRO A 1 68  ? -10.186 8.040   16.701  1.00 23.41 ? 68  PRO A C   1 
ATOM   500  O  O   . PRO A 1 68  ? -10.109 6.960   16.115  1.00 23.10 ? 68  PRO A O   1 
ATOM   501  C  CB  . PRO A 1 68  ? -8.654  8.572   18.631  1.00 23.41 ? 68  PRO A CB  1 
ATOM   502  C  CG  . PRO A 1 68  ? -8.000  9.842   19.058  1.00 23.49 ? 68  PRO A CG  1 
ATOM   503  C  CD  . PRO A 1 68  ? -8.721  10.896  18.269  1.00 23.40 ? 68  PRO A CD  1 
ATOM   504  N  N   . GLU A 1 69  ? -11.343 8.649   16.974  1.00 23.45 ? 69  GLU A N   1 
ATOM   505  C  CA  . GLU A 1 69  ? -12.645 8.090   16.588  1.00 23.87 ? 69  GLU A CA  1 
ATOM   506  C  C   . GLU A 1 69  ? -12.827 8.050   15.074  1.00 23.72 ? 69  GLU A C   1 
ATOM   507  O  O   . GLU A 1 69  ? -13.320 7.061   14.529  1.00 23.76 ? 69  GLU A O   1 
ATOM   508  C  CB  . GLU A 1 69  ? -13.788 8.888   17.225  1.00 24.08 ? 69  GLU A CB  1 
ATOM   509  C  CG  . GLU A 1 69  ? -14.073 8.523   18.673  1.00 24.97 ? 69  GLU A CG  1 
ATOM   510  N  N   . GLN A 1 70  ? -12.432 9.140   14.414  1.00 23.64 ? 70  GLN A N   1 
ATOM   511  C  CA  . GLN A 1 70  ? -12.468 9.273   12.961  1.00 23.62 ? 70  GLN A CA  1 
ATOM   512  C  C   . GLN A 1 70  ? -11.619 8.186   12.302  1.00 23.05 ? 70  GLN A C   1 
ATOM   513  O  O   . GLN A 1 70  ? -12.079 7.477   11.400  1.00 22.88 ? 70  GLN A O   1 
ATOM   514  C  CB  . GLN A 1 70  ? -11.929 10.654  12.583  1.00 23.83 ? 70  GLN A CB  1 
ATOM   515  C  CG  . GLN A 1 70  ? -12.354 11.198  11.233  1.00 24.39 ? 70  GLN A CG  1 
ATOM   516  C  CD  . GLN A 1 70  ? -11.909 12.649  11.015  1.00 24.75 ? 70  GLN A CD  1 
ATOM   517  O  OE1 . GLN A 1 70  ? -12.124 13.217  9.941   1.00 25.65 ? 70  GLN A OE1 1 
ATOM   518  N  NE2 . GLN A 1 70  ? -11.293 13.252  12.038  1.00 24.90 ? 70  GLN A NE2 1 
ATOM   519  N  N   . PHE A 1 71  ? -10.379 8.064   12.773  1.00 22.40 ? 71  PHE A N   1 
ATOM   520  C  CA  . PHE A 1 71  ? -9.429  7.075   12.279  1.00 22.15 ? 71  PHE A CA  1 
ATOM   521  C  C   . PHE A 1 71  ? -9.931  5.639   12.465  1.00 22.13 ? 71  PHE A C   1 
ATOM   522  O  O   . PHE A 1 71  ? -9.903  4.841   11.531  1.00 21.67 ? 71  PHE A O   1 
ATOM   523  C  CB  . PHE A 1 71  ? -8.074  7.272   12.974  1.00 21.85 ? 71  PHE A CB  1 
ATOM   524  C  CG  . PHE A 1 71  ? -7.060  6.216   12.650  1.00 21.43 ? 71  PHE A CG  1 
ATOM   525  C  CD1 . PHE A 1 71  ? -6.579  6.064   11.353  1.00 21.17 ? 71  PHE A CD1 1 
ATOM   526  C  CD2 . PHE A 1 71  ? -6.564  5.386   13.648  1.00 20.77 ? 71  PHE A CD2 1 
ATOM   527  C  CE1 . PHE A 1 71  ? -5.631  5.087   11.055  1.00 21.61 ? 71  PHE A CE1 1 
ATOM   528  C  CE2 . PHE A 1 71  ? -5.614  4.416   13.357  1.00 20.88 ? 71  PHE A CE2 1 
ATOM   529  C  CZ  . PHE A 1 71  ? -5.150  4.264   12.061  1.00 21.36 ? 71  PHE A CZ  1 
ATOM   530  N  N   . MET A 1 72  ? -10.395 5.320   13.669  1.00 22.37 ? 72  MET A N   1 
ATOM   531  C  CA  . MET A 1 72  ? -10.849 3.963   13.969  1.00 23.00 ? 72  MET A CA  1 
ATOM   532  C  C   . MET A 1 72  ? -12.134 3.572   13.220  1.00 22.39 ? 72  MET A C   1 
ATOM   533  O  O   . MET A 1 72  ? -12.270 2.426   12.790  1.00 22.12 ? 72  MET A O   1 
ATOM   534  C  CB  . MET A 1 72  ? -10.959 3.745   15.479  1.00 23.00 ? 72  MET A CB  1 
ATOM   535  C  CG  . MET A 1 72  ? -9.592  3.568   16.145  1.00 23.11 ? 72  MET A CG  1 
ATOM   536  S  SD  . MET A 1 72  ? -9.653  3.175   17.896  0.80 25.38 ? 72  MET A SD  1 
ATOM   537  C  CE  . MET A 1 72  ? -10.077 4.762   18.609  1.00 25.18 ? 72  MET A CE  1 
ATOM   538  N  N   . LYS A 1 73  ? -13.044 4.531   13.041  1.00 22.22 ? 73  LYS A N   1 
ATOM   539  C  CA  . LYS A 1 73  ? -14.249 4.327   12.224  1.00 22.30 ? 73  LYS A CA  1 
ATOM   540  C  C   . LYS A 1 73  ? -13.869 3.995   10.784  1.00 21.64 ? 73  LYS A C   1 
ATOM   541  O  O   . LYS A 1 73  ? -14.393 3.042   10.198  1.00 21.41 ? 73  LYS A O   1 
ATOM   542  C  CB  . LYS A 1 73  ? -15.156 5.567   12.248  1.00 22.18 ? 73  LYS A CB  1 
ATOM   543  C  CG  . LYS A 1 73  ? -16.403 5.443   11.370  1.00 23.25 ? 73  LYS A CG  1 
ATOM   544  C  CD  . LYS A 1 73  ? -17.228 6.729   11.349  1.00 23.83 ? 73  LYS A CD  1 
ATOM   545  C  CE  . LYS A 1 73  ? -18.444 6.583   10.436  1.00 26.23 ? 73  LYS A CE  1 
ATOM   546  N  NZ  . LYS A 1 73  ? -19.381 7.744   10.536  0.80 27.14 ? 73  LYS A NZ  1 
ATOM   547  N  N   . SER A 1 74  ? -12.961 4.796   10.223  1.00 20.90 ? 74  SER A N   1 
ATOM   548  C  CA  . SER A 1 74  ? -12.479 4.592   8.861   1.00 20.42 ? 74  SER A CA  1 
ATOM   549  C  C   . SER A 1 74  ? -11.775 3.245   8.713   1.00 20.09 ? 74  SER A C   1 
ATOM   550  O  O   . SER A 1 74  ? -12.062 2.498   7.774   1.00 19.68 ? 74  SER A O   1 
ATOM   551  C  CB  . SER A 1 74  ? -11.553 5.733   8.444   1.00 20.31 ? 74  SER A CB  1 
ATOM   552  O  OG  . SER A 1 74  ? -12.298 6.912   8.183   1.00 20.54 ? 74  SER A OG  1 
ATOM   553  N  N   . PHE A 1 75  ? -10.870 2.943   9.646   1.00 19.37 ? 75  PHE A N   1 
ATOM   554  C  CA  . PHE A 1 75  ? -10.128 1.678   9.652   1.00 19.45 ? 75  PHE A CA  1 
ATOM   555  C  C   . PHE A 1 75  ? -11.066 0.471   9.706   1.00 19.65 ? 75  PHE A C   1 
ATOM   556  O  O   . PHE A 1 75  ? -10.914 -0.483  8.933   1.00 19.37 ? 75  PHE A O   1 
ATOM   557  C  CB  . PHE A 1 75  ? -9.145  1.637   10.836  1.00 19.03 ? 75  PHE A CB  1 
ATOM   558  C  CG  . PHE A 1 75  ? -8.314  0.374   10.908  1.00 18.76 ? 75  PHE A CG  1 
ATOM   559  C  CD1 . PHE A 1 75  ? -6.983  0.383   10.505  1.00 18.12 ? 75  PHE A CD1 1 
ATOM   560  C  CD2 . PHE A 1 75  ? -8.859  -0.814  11.396  1.00 18.52 ? 75  PHE A CD2 1 
ATOM   561  C  CE1 . PHE A 1 75  ? -6.205  -0.777  10.575  1.00 18.87 ? 75  PHE A CE1 1 
ATOM   562  C  CE2 . PHE A 1 75  ? -8.093  -1.979  11.465  1.00 18.94 ? 75  PHE A CE2 1 
ATOM   563  C  CZ  . PHE A 1 75  ? -6.760  -1.957  11.059  1.00 18.56 ? 75  PHE A CZ  1 
ATOM   564  N  N   . GLU A 1 76  ? -12.033 0.519   10.619  1.00 20.07 ? 76  GLU A N   1 
ATOM   565  C  CA  . GLU A 1 76  ? -12.943 -0.611  10.830  1.00 20.78 ? 76  GLU A CA  1 
ATOM   566  C  C   . GLU A 1 76  ? -13.813 -0.882  9.607   1.00 20.63 ? 76  GLU A C   1 
ATOM   567  O  O   . GLU A 1 76  ? -14.104 -2.042  9.296   1.00 20.93 ? 76  GLU A O   1 
ATOM   568  C  CB  . GLU A 1 76  ? -13.802 -0.395  12.081  1.00 21.13 ? 76  GLU A CB  1 
ATOM   569  C  CG  . GLU A 1 76  ? -13.928 -1.633  12.976  0.50 23.35 ? 76  GLU A CG  1 
ATOM   570  C  CD  . GLU A 1 76  ? -12.592 -2.331  13.243  0.50 25.40 ? 76  GLU A CD  1 
ATOM   571  O  OE1 . GLU A 1 76  ? -12.489 -3.538  12.952  0.50 26.21 ? 76  GLU A OE1 1 
ATOM   572  O  OE2 . GLU A 1 76  ? -11.644 -1.680  13.736  1.00 27.56 ? 76  GLU A OE2 1 
ATOM   573  N  N   . HIS A 1 77  ? -14.209 0.182   8.908   1.00 20.43 ? 77  HIS A N   1 
ATOM   574  C  CA  . HIS A 1 77  ? -14.958 0.033   7.666   1.00 20.23 ? 77  HIS A CA  1 
ATOM   575  C  C   . HIS A 1 77  ? -14.121 -0.624  6.568   1.00 19.82 ? 77  HIS A C   1 
ATOM   576  O  O   . HIS A 1 77  ? -14.596 -1.535  5.881   1.00 19.69 ? 77  HIS A O   1 
ATOM   577  C  CB  . HIS A 1 77  ? -15.511 1.370   7.170   1.00 20.52 ? 77  HIS A CB  1 
ATOM   578  C  CG  . HIS A 1 77  ? -16.420 1.222   5.992   1.00 21.35 ? 77  HIS A CG  1 
ATOM   579  N  ND1 . HIS A 1 77  ? -16.023 1.509   4.704   1.00 21.90 ? 77  HIS A ND1 1 
ATOM   580  C  CD2 . HIS A 1 77  ? -17.686 0.752   5.900   1.00 22.29 ? 77  HIS A CD2 1 
ATOM   581  C  CE1 . HIS A 1 77  ? -17.017 1.250   3.873   1.00 20.79 ? 77  HIS A CE1 1 
ATOM   582  N  NE2 . HIS A 1 77  ? -18.038 0.791   4.573   1.00 23.23 ? 77  HIS A NE2 1 
ATOM   583  N  N   . MET A 1 78  ? -12.882 -0.159  6.407   1.00 18.86 ? 78  MET A N   1 
ATOM   584  C  CA  . MET A 1 78  ? -11.951 -0.753  5.443   1.00 18.12 ? 78  MET A CA  1 
ATOM   585  C  C   . MET A 1 78  ? -11.722 -2.236  5.746   1.00 18.28 ? 78  MET A C   1 
ATOM   586  O  O   . MET A 1 78  ? -11.680 -3.064  4.831   1.00 18.30 ? 78  MET A O   1 
ATOM   587  C  CB  . MET A 1 78  ? -10.613 -0.006  5.438   1.00 17.80 ? 78  MET A CB  1 
ATOM   588  C  CG  . MET A 1 78  ? -10.681 1.459   5.000   1.00 17.32 ? 78  MET A CG  1 
ATOM   589  S  SD  . MET A 1 78  ? -9.094  2.295   5.243   1.00 16.91 ? 78  MET A SD  1 
ATOM   590  C  CE  . MET A 1 78  ? -9.554  4.016   4.999   1.00 16.88 ? 78  MET A CE  1 
ATOM   591  N  N   . LYS A 1 79  ? -11.582 -2.565  7.029   1.00 18.34 ? 79  LYS A N   1 
ATOM   592  C  CA  . LYS A 1 79  ? -11.367 -3.949  7.463   1.00 19.03 ? 79  LYS A CA  1 
ATOM   593  C  C   . LYS A 1 79  ? -12.579 -4.838  7.157   1.00 19.16 ? 79  LYS A C   1 
ATOM   594  O  O   . LYS A 1 79  ? -12.425 -5.927  6.616   1.00 19.13 ? 79  LYS A O   1 
ATOM   595  C  CB  . LYS A 1 79  ? -11.015 -4.004  8.959   1.00 18.99 ? 79  LYS A CB  1 
ATOM   596  C  CG  . LYS A 1 79  ? -10.696 -5.404  9.491   1.00 19.33 ? 79  LYS A CG  1 
ATOM   597  C  CD  . LYS A 1 79  ? -10.218 -5.368  10.943  1.00 19.61 ? 79  LYS A CD  1 
ATOM   598  C  CE  . LYS A 1 79  ? -10.073 -6.784  11.503  1.00 21.02 ? 79  LYS A CE  1 
ATOM   599  N  N   . LYS A 1 80  ? -13.773 -4.351  7.494   1.00 19.59 ? 80  LYS A N   1 
ATOM   600  C  CA  . LYS A 1 80  ? -15.022 -5.112  7.355   1.00 20.02 ? 80  LYS A CA  1 
ATOM   601  C  C   . LYS A 1 80  ? -15.305 -5.576  5.916   1.00 19.89 ? 80  LYS A C   1 
ATOM   602  O  O   . LYS A 1 80  ? -15.795 -6.691  5.696   1.00 19.88 ? 80  LYS A O   1 
ATOM   603  C  CB  . LYS A 1 80  ? -16.192 -4.296  7.951   1.00 20.39 ? 80  LYS A CB  1 
ATOM   604  C  CG  . LYS A 1 80  ? -17.509 -4.288  7.171   0.50 21.06 ? 80  LYS A CG  1 
ATOM   605  C  CD  . LYS A 1 80  ? -17.535 -3.151  6.139   0.50 21.82 ? 80  LYS A CD  1 
ATOM   606  C  CE  . LYS A 1 80  ? -18.581 -3.383  5.055   1.00 22.24 ? 80  LYS A CE  1 
ATOM   607  N  NZ  . LYS A 1 80  ? -18.570 -4.769  4.497   0.50 21.39 ? 80  LYS A NZ  1 
ATOM   608  N  N   . SER A 1 81  ? -14.953 -4.721  4.956   1.00 19.78 ? 81  SER A N   1 
ATOM   609  C  CA  A SER A 1 81  ? -15.189 -4.991  3.539   0.50 19.42 ? 81  SER A CA  1 
ATOM   610  C  CA  B SER A 1 81  ? -15.165 -4.973  3.529   0.50 19.68 ? 81  SER A CA  1 
ATOM   611  C  C   . SER A 1 81  ? -14.360 -6.165  3.022   1.00 19.33 ? 81  SER A C   1 
ATOM   612  O  O   . SER A 1 81  ? -14.798 -6.886  2.132   1.00 19.61 ? 81  SER A O   1 
ATOM   613  C  CB  A SER A 1 81  ? -14.875 -3.751  2.706   0.50 19.48 ? 81  SER A CB  1 
ATOM   614  C  CB  B SER A 1 81  ? -14.773 -3.735  2.712   0.50 19.77 ? 81  SER A CB  1 
ATOM   615  O  OG  A SER A 1 81  ? -13.483 -3.502  2.700   0.50 18.48 ? 81  SER A OG  1 
ATOM   616  O  OG  B SER A 1 81  ? -15.283 -2.546  3.286   0.50 20.39 ? 81  SER A OG  1 
ATOM   617  N  N   . GLY A 1 82  ? -13.163 -6.342  3.577   1.00 19.00 ? 82  GLY A N   1 
ATOM   618  C  CA  . GLY A 1 82  ? -12.222 -7.359  3.106   1.00 18.31 ? 82  GLY A CA  1 
ATOM   619  C  C   . GLY A 1 82  ? -11.490 -6.955  1.833   1.00 18.02 ? 82  GLY A C   1 
ATOM   620  O  O   . GLY A 1 82  ? -10.697 -7.729  1.294   1.00 18.08 ? 82  GLY A O   1 
ATOM   621  N  N   . ASP A 1 83  ? -11.744 -5.736  1.358   1.00 17.26 ? 83  ASP A N   1 
ATOM   622  C  CA  . ASP A 1 83  ? -11.227 -5.283  0.068   1.00 16.69 ? 83  ASP A CA  1 
ATOM   623  C  C   . ASP A 1 83  ? -10.103 -4.255  0.175   1.00 16.27 ? 83  ASP A C   1 
ATOM   624  O  O   . ASP A 1 83  ? -9.584  -3.805  -0.850  1.00 16.49 ? 83  ASP A O   1 
ATOM   625  C  CB  . ASP A 1 83  ? -12.366 -4.713  -0.777  1.00 16.73 ? 83  ASP A CB  1 
ATOM   626  C  CG  . ASP A 1 83  ? -13.409 -5.754  -1.136  1.00 17.40 ? 83  ASP A CG  1 
ATOM   627  O  OD1 . ASP A 1 83  ? -13.041 -6.903  -1.434  1.00 16.92 ? 83  ASP A OD1 1 
ATOM   628  O  OD2 . ASP A 1 83  ? -14.605 -5.413  -1.130  1.00 18.44 ? 83  ASP A OD2 1 
ATOM   629  N  N   . TYR A 1 84  ? -9.732  -3.898  1.405   1.00 15.66 ? 84  TYR A N   1 
ATOM   630  C  CA  . TYR A 1 84  ? -8.698  -2.892  1.660   1.00 15.00 ? 84  TYR A CA  1 
ATOM   631  C  C   . TYR A 1 84  ? -7.448  -3.503  2.272   1.00 15.03 ? 84  TYR A C   1 
ATOM   632  O  O   . TYR A 1 84  ? -7.511  -4.178  3.310   1.00 14.75 ? 84  TYR A O   1 
ATOM   633  C  CB  . TYR A 1 84  ? -9.221  -1.789  2.585   1.00 14.66 ? 84  TYR A CB  1 
ATOM   634  C  CG  . TYR A 1 84  ? -10.124 -0.786  1.901   1.00 13.74 ? 84  TYR A CG  1 
ATOM   635  C  CD1 . TYR A 1 84  ? -9.648  0.475   1.531   1.00 13.97 ? 84  TYR A CD1 1 
ATOM   636  C  CD2 . TYR A 1 84  ? -11.455 -1.095  1.624   1.00 14.05 ? 84  TYR A CD2 1 
ATOM   637  C  CE1 . TYR A 1 84  ? -10.485 1.409   0.897   1.00 12.97 ? 84  TYR A CE1 1 
ATOM   638  C  CE2 . TYR A 1 84  ? -12.293 -0.179  0.996   1.00 13.93 ? 84  TYR A CE2 1 
ATOM   639  C  CZ  . TYR A 1 84  ? -11.801 1.065   0.631   1.00 13.62 ? 84  TYR A CZ  1 
ATOM   640  O  OH  . TYR A 1 84  ? -12.640 1.958   0.016   1.00 14.18 ? 84  TYR A OH  1 
ATOM   641  N  N   . TYR A 1 85  ? -6.314  -3.233  1.634   1.00 14.84 ? 85  TYR A N   1 
ATOM   642  C  CA  . TYR A 1 85  ? -5.032  -3.766  2.059   1.00 15.39 ? 85  TYR A CA  1 
ATOM   643  C  C   . TYR A 1 85  ? -4.043  -2.629  2.298   1.00 15.20 ? 85  TYR A C   1 
ATOM   644  O  O   . TYR A 1 85  ? -3.083  -2.456  1.545   1.00 15.04 ? 85  TYR A O   1 
ATOM   645  C  CB  . TYR A 1 85  ? -4.512  -4.794  1.034   1.00 15.98 ? 85  TYR A CB  1 
ATOM   646  C  CG  . TYR A 1 85  ? -5.459  -5.960  0.850   1.00 16.91 ? 85  TYR A CG  1 
ATOM   647  C  CD1 . TYR A 1 85  ? -5.287  -7.146  1.572   1.00 16.90 ? 85  TYR A CD1 1 
ATOM   648  C  CD2 . TYR A 1 85  ? -6.544  -5.871  -0.023  1.00 17.63 ? 85  TYR A CD2 1 
ATOM   649  C  CE1 . TYR A 1 85  ? -6.174  -8.217  1.422   1.00 17.76 ? 85  TYR A CE1 1 
ATOM   650  C  CE2 . TYR A 1 85  ? -7.438  -6.938  -0.180  1.00 18.68 ? 85  TYR A CE2 1 
ATOM   651  C  CZ  . TYR A 1 85  ? -7.244  -8.101  0.547   1.00 18.28 ? 85  TYR A CZ  1 
ATOM   652  O  OH  . TYR A 1 85  ? -8.126  -9.147  0.383   1.00 19.33 ? 85  TYR A OH  1 
ATOM   653  N  N   . VAL A 1 86  ? -4.307  -1.837  3.341   1.00 15.19 ? 86  VAL A N   1 
ATOM   654  C  CA  . VAL A 1 86  ? -3.388  -0.770  3.747   1.00 15.07 ? 86  VAL A CA  1 
ATOM   655  C  C   . VAL A 1 86  ? -2.182  -1.408  4.437   1.00 15.56 ? 86  VAL A C   1 
ATOM   656  O  O   . VAL A 1 86  ? -2.309  -2.029  5.495   1.00 15.11 ? 86  VAL A O   1 
ATOM   657  C  CB  . VAL A 1 86  ? -4.044  0.290   4.668   1.00 15.46 ? 86  VAL A CB  1 
ATOM   658  C  CG1 . VAL A 1 86  ? -3.058  1.420   4.963   1.00 14.91 ? 86  VAL A CG1 1 
ATOM   659  C  CG2 . VAL A 1 86  ? -5.330  0.855   4.036   1.00 14.59 ? 86  VAL A CG2 1 
ATOM   660  N  N   . THR A 1 87  ? -1.021  -1.240  3.811   1.00 15.76 ? 87  THR A N   1 
ATOM   661  C  CA  . THR A 1 87  ? 0.190   -1.965  4.165   1.00 16.72 ? 87  THR A CA  1 
ATOM   662  C  C   . THR A 1 87  ? 1.229   -0.956  4.630   1.00 17.21 ? 87  THR A C   1 
ATOM   663  O  O   . THR A 1 87  ? 1.352   0.122   4.046   1.00 17.64 ? 87  THR A O   1 
ATOM   664  C  CB  . THR A 1 87  ? 0.719   -2.752  2.928   1.00 16.68 ? 87  THR A CB  1 
ATOM   665  O  OG1 . THR A 1 87  ? -0.301  -3.639  2.455   1.00 16.50 ? 87  THR A OG1 1 
ATOM   666  C  CG2 . THR A 1 87  ? 1.969   -3.567  3.251   1.00 16.62 ? 87  THR A CG2 1 
ATOM   667  N  N   . VAL A 1 88  ? 1.950   -1.291  5.696   1.00 17.81 ? 88  VAL A N   1 
ATOM   668  C  CA  . VAL A 1 88  ? 3.000   -0.416  6.225   1.00 18.53 ? 88  VAL A CA  1 
ATOM   669  C  C   . VAL A 1 88  ? 4.337   -1.143  6.385   1.00 19.21 ? 88  VAL A C   1 
ATOM   670  O  O   . VAL A 1 88  ? 4.382   -2.374  6.460   1.00 18.93 ? 88  VAL A O   1 
ATOM   671  C  CB  . VAL A 1 88  ? 2.618   0.197   7.605   1.00 18.48 ? 88  VAL A CB  1 
ATOM   672  C  CG1 . VAL A 1 88  ? 1.401   1.101   7.486   1.00 17.95 ? 88  VAL A CG1 1 
ATOM   673  C  CG2 . VAL A 1 88  ? 2.398   -0.903  8.665   1.00 18.44 ? 88  VAL A CG2 1 
ATOM   674  N  N   . VAL A 1 89  ? 5.414   -0.360  6.427   1.00 19.96 ? 89  VAL A N   1 
ATOM   675  C  CA  . VAL A 1 89  ? 6.712   -0.833  6.895   1.00 20.69 ? 89  VAL A CA  1 
ATOM   676  C  C   . VAL A 1 89  ? 7.007   -0.127  8.219   1.00 21.49 ? 89  VAL A C   1 
ATOM   677  O  O   . VAL A 1 89  ? 7.012   1.107   8.283   1.00 21.35 ? 89  VAL A O   1 
ATOM   678  C  CB  . VAL A 1 89  ? 7.847   -0.547  5.879   1.00 20.66 ? 89  VAL A CB  1 
ATOM   679  C  CG1 . VAL A 1 89  ? 9.201   -1.049  6.417   1.00 20.00 ? 89  VAL A CG1 1 
ATOM   680  C  CG2 . VAL A 1 89  ? 7.544   -1.193  4.525   1.00 20.70 ? 89  VAL A CG2 1 
ATOM   681  N  N   . GLU A 1 90  ? 7.217   -0.911  9.276   1.00 22.29 ? 90  GLU A N   1 
ATOM   682  C  CA  . GLU A 1 90  ? 7.608   -0.367  10.573  1.00 23.29 ? 90  GLU A CA  1 
ATOM   683  C  C   . GLU A 1 90  ? 9.072   -0.672  10.852  1.00 23.60 ? 90  GLU A C   1 
ATOM   684  O  O   . GLU A 1 90  ? 9.513   -1.810  10.702  1.00 23.78 ? 90  GLU A O   1 
ATOM   685  C  CB  . GLU A 1 90  ? 6.744   -0.942  11.706  1.00 23.20 ? 90  GLU A CB  1 
ATOM   686  C  CG  . GLU A 1 90  ? 7.002   -0.279  13.077  1.00 23.56 ? 90  GLU A CG  1 
ATOM   687  C  CD  . GLU A 1 90  ? 6.528   -1.106  14.266  1.00 24.41 ? 90  GLU A CD  1 
ATOM   688  O  OE1 . GLU A 1 90  ? 5.659   -1.988  14.097  1.00 24.71 ? 90  GLU A OE1 1 
ATOM   689  O  OE2 . GLU A 1 90  ? 7.028   -0.865  15.387  1.00 26.22 ? 90  GLU A OE2 1 
ATOM   690  N  N   . ASP A 1 91  ? 9.820   0.357   11.241  1.00 24.43 ? 91  ASP A N   1 
ATOM   691  C  CA  . ASP A 1 91  ? 11.139  0.170   11.831  1.00 25.25 ? 91  ASP A CA  1 
ATOM   692  C  C   . ASP A 1 91  ? 10.910  -0.157  13.304  1.00 25.76 ? 91  ASP A C   1 
ATOM   693  O  O   . ASP A 1 91  ? 10.552  0.722   14.088  1.00 25.60 ? 91  ASP A O   1 
ATOM   694  C  CB  . ASP A 1 91  ? 11.990  1.435   11.680  1.00 25.33 ? 91  ASP A CB  1 
ATOM   695  C  CG  . ASP A 1 91  ? 13.418  1.246   12.172  1.00 25.75 ? 91  ASP A CG  1 
ATOM   696  O  OD1 . ASP A 1 91  ? 13.611  0.779   13.313  1.00 27.00 ? 91  ASP A OD1 1 
ATOM   697  O  OD2 . ASP A 1 91  ? 14.351  1.568   11.416  1.00 26.05 ? 91  ASP A OD2 1 
ATOM   698  N  N   . VAL A 1 92  ? 11.100  -1.427  13.662  1.00 26.52 ? 92  VAL A N   1 
ATOM   699  C  CA  . VAL A 1 92  ? 10.792  -1.918  15.015  1.00 27.67 ? 92  VAL A CA  1 
ATOM   700  C  C   . VAL A 1 92  ? 11.781  -1.401  16.074  1.00 28.32 ? 92  VAL A C   1 
ATOM   701  O  O   . VAL A 1 92  ? 11.442  -1.319  17.260  1.00 28.62 ? 92  VAL A O   1 
ATOM   702  C  CB  . VAL A 1 92  ? 10.659  -3.476  15.045  1.00 27.62 ? 92  VAL A CB  1 
ATOM   703  C  CG1 . VAL A 1 92  ? 10.430  -3.996  16.461  0.50 27.96 ? 92  VAL A CG1 1 
ATOM   704  C  CG2 . VAL A 1 92  ? 9.523   -3.925  14.147  1.00 27.33 ? 92  VAL A CG2 1 
ATOM   705  N  N   . THR A 1 93  ? 12.983  -1.031  15.636  1.00 29.04 ? 93  THR A N   1 
ATOM   706  C  CA  . THR A 1 93  ? 13.993  -0.439  16.521  1.00 29.78 ? 93  THR A CA  1 
ATOM   707  C  C   . THR A 1 93  ? 13.569  0.967   16.976  1.00 29.70 ? 93  THR A C   1 
ATOM   708  O  O   . THR A 1 93  ? 13.963  1.426   18.051  1.00 30.02 ? 93  THR A O   1 
ATOM   709  C  CB  . THR A 1 93  ? 15.395  -0.399  15.856  1.00 29.87 ? 93  THR A CB  1 
ATOM   710  O  OG1 . THR A 1 93  ? 15.628  -1.623  15.145  1.00 30.88 ? 93  THR A OG1 1 
ATOM   711  C  CG2 . THR A 1 93  ? 16.489  -0.233  16.905  1.00 30.81 ? 93  THR A CG2 1 
ATOM   712  N  N   . LEU A 1 94  ? 12.748  1.631   16.160  1.00 29.42 ? 94  LEU A N   1 
ATOM   713  C  CA  . LEU A 1 94  ? 12.209  2.949   16.503  1.00 28.77 ? 94  LEU A CA  1 
ATOM   714  C  C   . LEU A 1 94  ? 10.761  2.885   16.995  1.00 28.22 ? 94  LEU A C   1 
ATOM   715  O  O   . LEU A 1 94  ? 10.311  3.763   17.738  1.00 28.35 ? 94  LEU A O   1 
ATOM   716  C  CB  . LEU A 1 94  ? 12.304  3.901   15.304  1.00 28.87 ? 94  LEU A CB  1 
ATOM   717  C  CG  . LEU A 1 94  ? 13.672  4.210   14.685  1.00 29.36 ? 94  LEU A CG  1 
ATOM   718  C  CD1 . LEU A 1 94  ? 13.511  5.059   13.427  1.00 29.30 ? 94  LEU A CD1 1 
ATOM   719  C  CD2 . LEU A 1 94  ? 14.618  4.891   15.680  1.00 30.14 ? 94  LEU A CD2 1 
ATOM   720  N  N   . GLY A 1 95  ? 10.036  1.851   16.577  1.00 27.28 ? 95  GLY A N   1 
ATOM   721  C  CA  . GLY A 1 95  ? 8.597   1.760   16.832  1.00 26.19 ? 95  GLY A CA  1 
ATOM   722  C  C   . GLY A 1 95  ? 7.812   2.752   15.985  1.00 25.39 ? 95  GLY A C   1 
ATOM   723  O  O   . GLY A 1 95  ? 6.765   3.255   16.412  1.00 25.15 ? 95  GLY A O   1 
ATOM   724  N  N   . GLN A 1 96  ? 8.321   3.027   14.783  1.00 24.34 ? 96  GLN A N   1 
ATOM   725  C  CA  . GLN A 1 96  ? 7.736   4.028   13.891  1.00 23.49 ? 96  GLN A CA  1 
ATOM   726  C  C   . GLN A 1 96  ? 7.493   3.496   12.475  1.00 22.53 ? 96  GLN A C   1 
ATOM   727  O  O   . GLN A 1 96  ? 8.320   2.766   11.918  1.00 22.10 ? 96  GLN A O   1 
ATOM   728  C  CB  . GLN A 1 96  ? 8.625   5.276   13.822  1.00 23.72 ? 96  GLN A CB  1 
ATOM   729  C  CG  . GLN A 1 96  ? 8.696   6.103   15.116  1.00 25.04 ? 96  GLN A CG  1 
ATOM   730  C  CD  . GLN A 1 96  ? 7.501   7.029   15.301  0.50 25.15 ? 96  GLN A CD  1 
ATOM   731  O  OE1 . GLN A 1 96  ? 7.150   7.802   14.407  0.50 25.46 ? 96  GLN A OE1 1 
ATOM   732  N  NE2 . GLN A 1 96  ? 6.880   6.962   16.473  0.50 25.19 ? 96  GLN A NE2 1 
ATOM   733  N  N   . ILE A 1 97  ? 6.357   3.889   11.901  1.00 21.22 ? 97  ILE A N   1 
ATOM   734  C  CA  . ILE A 1 97  ? 6.045   3.620   10.496  1.00 20.02 ? 97  ILE A CA  1 
ATOM   735  C  C   . ILE A 1 97  ? 6.988   4.452   9.625   1.00 19.58 ? 97  ILE A C   1 
ATOM   736  O  O   . ILE A 1 97  ? 7.191   5.642   9.896   1.00 19.60 ? 97  ILE A O   1 
ATOM   737  C  CB  . ILE A 1 97  ? 4.560   3.974   10.165  1.00 19.90 ? 97  ILE A CB  1 
ATOM   738  C  CG1 . ILE A 1 97  ? 3.576   3.197   11.061  1.00 19.66 ? 97  ILE A CG1 1 
ATOM   739  C  CG2 . ILE A 1 97  ? 4.251   3.770   8.668   1.00 19.29 ? 97  ILE A CG2 1 
ATOM   740  C  CD1 . ILE A 1 97  ? 3.703   1.662   11.011  1.00 19.38 ? 97  ILE A CD1 1 
ATOM   741  N  N   . VAL A 1 98  ? 7.575   3.830   8.603   1.00 18.51 ? 98  VAL A N   1 
ATOM   742  C  CA  . VAL A 1 98  ? 8.505   4.533   7.700   1.00 18.11 ? 98  VAL A CA  1 
ATOM   743  C  C   . VAL A 1 98  ? 8.056   4.541   6.233   1.00 17.65 ? 98  VAL A C   1 
ATOM   744  O  O   . VAL A 1 98  ? 8.595   5.287   5.415   1.00 17.83 ? 98  VAL A O   1 
ATOM   745  C  CB  . VAL A 1 98  ? 9.968   4.013   7.820   1.00 18.05 ? 98  VAL A CB  1 
ATOM   746  C  CG1 . VAL A 1 98  ? 10.567  4.429   9.150   1.00 18.06 ? 98  VAL A CG1 1 
ATOM   747  C  CG2 . VAL A 1 98  ? 10.036  2.492   7.644   1.00 18.08 ? 98  VAL A CG2 1 
ATOM   748  N  N   . ALA A 1 99  ? 7.065   3.718   5.912   1.00 17.26 ? 99  ALA A N   1 
ATOM   749  C  CA  . ALA A 1 99  ? 6.498   3.664   4.570   1.00 17.04 ? 99  ALA A CA  1 
ATOM   750  C  C   . ALA A 1 99  ? 5.091   3.084   4.617   1.00 16.69 ? 99  ALA A C   1 
ATOM   751  O  O   . ALA A 1 99  ? 4.747   2.352   5.552   1.00 16.74 ? 99  ALA A O   1 
ATOM   752  C  CB  . ALA A 1 99  ? 7.387   2.839   3.642   1.00 17.00 ? 99  ALA A CB  1 
ATOM   753  N  N   . THR A 1 100 ? 4.281   3.438   3.620   1.00 16.16 ? 100 THR A N   1 
ATOM   754  C  CA  . THR A 1 100 ? 2.939   2.875   3.454   1.00 15.72 ? 100 THR A CA  1 
ATOM   755  C  C   . THR A 1 100 ? 2.517   2.855   1.989   1.00 15.08 ? 100 THR A C   1 
ATOM   756  O  O   . THR A 1 100 ? 3.005   3.644   1.178   1.00 14.64 ? 100 THR A O   1 
ATOM   757  C  CB  . THR A 1 100 ? 1.859   3.614   4.313   1.00 15.77 ? 100 THR A CB  1 
ATOM   758  O  OG1 . THR A 1 100 ? 0.581   2.992   4.118   1.00 16.86 ? 100 THR A OG1 1 
ATOM   759  C  CG2 . THR A 1 100 ? 1.753   5.089   3.945   1.00 16.02 ? 100 THR A CG2 1 
ATOM   760  N  N   . ALA A 1 101 ? 1.609   1.938   1.668   1.00 14.75 ? 101 ALA A N   1 
ATOM   761  C  CA  . ALA A 1 101 ? 0.992   1.849   0.344   1.00 14.50 ? 101 ALA A CA  1 
ATOM   762  C  C   . ALA A 1 101 ? -0.318  1.067   0.468   1.00 14.16 ? 101 ALA A C   1 
ATOM   763  O  O   . ALA A 1 101 ? -0.427  0.172   1.303   1.00 14.22 ? 101 ALA A O   1 
ATOM   764  C  CB  . ALA A 1 101 ? 1.934   1.168   -0.640  1.00 14.15 ? 101 ALA A CB  1 
ATOM   765  N  N   . THR A 1 102 ? -1.304  1.396   -0.363  1.00 13.95 ? 102 THR A N   1 
ATOM   766  C  CA  . THR A 1 102 ? -2.613  0.745   -0.273  1.00 13.85 ? 102 THR A CA  1 
ATOM   767  C  C   . THR A 1 102 ? -3.010  -0.003  -1.542  1.00 13.77 ? 102 THR A C   1 
ATOM   768  O  O   . THR A 1 102 ? -2.921  0.541   -2.644  1.00 14.07 ? 102 THR A O   1 
ATOM   769  C  CB  . THR A 1 102 ? -3.726  1.754   0.100   1.00 13.79 ? 102 THR A CB  1 
ATOM   770  O  OG1 . THR A 1 102 ? -3.409  2.367   1.355   1.00 13.33 ? 102 THR A OG1 1 
ATOM   771  C  CG2 . THR A 1 102 ? -5.082  1.058   0.218   1.00 13.88 ? 102 THR A CG2 1 
ATOM   772  N  N   . LEU A 1 103 ? -3.449  -1.250  -1.373  1.00 13.24 ? 103 LEU A N   1 
ATOM   773  C  CA  . LEU A 1 103 ? -4.139  -1.965  -2.436  1.00 13.24 ? 103 LEU A CA  1 
ATOM   774  C  C   . LEU A 1 103 ? -5.635  -2.030  -2.130  1.00 13.48 ? 103 LEU A C   1 
ATOM   775  O  O   . LEU A 1 103 ? -6.033  -2.458  -1.045  1.00 12.94 ? 103 LEU A O   1 
ATOM   776  C  CB  . LEU A 1 103 ? -3.586  -3.387  -2.603  1.00 13.14 ? 103 LEU A CB  1 
ATOM   777  C  CG  . LEU A 1 103 ? -4.362  -4.316  -3.551  1.00 13.41 ? 103 LEU A CG  1 
ATOM   778  C  CD1 . LEU A 1 103 ? -4.312  -3.820  -5.003  1.00 12.82 ? 103 LEU A CD1 1 
ATOM   779  C  CD2 . LEU A 1 103 ? -3.851  -5.754  -3.444  1.00 13.39 ? 103 LEU A CD2 1 
ATOM   780  N  N   . ILE A 1 104 ? -6.448  -1.615  -3.098  1.00 13.98 ? 104 ILE A N   1 
ATOM   781  C  CA  . ILE A 1 104 ? -7.902  -1.728  -2.999  1.00 14.66 ? 104 ILE A CA  1 
ATOM   782  C  C   . ILE A 1 104 ? -8.433  -2.666  -4.080  1.00 14.97 ? 104 ILE A C   1 
ATOM   783  O  O   . ILE A 1 104 ? -8.040  -2.572  -5.250  1.00 15.16 ? 104 ILE A O   1 
ATOM   784  C  CB  . ILE A 1 104 ? -8.600  -0.345  -3.090  1.00 14.96 ? 104 ILE A CB  1 
ATOM   785  C  CG1 . ILE A 1 104 ? -8.001  0.609   -2.049  1.00 15.11 ? 104 ILE A CG1 1 
ATOM   786  C  CG2 . ILE A 1 104 ? -10.114 -0.499  -2.872  1.00 14.77 ? 104 ILE A CG2 1 
ATOM   787  C  CD1 . ILE A 1 104 ? -8.028  2.071   -2.431  1.00 17.85 ? 104 ILE A CD1 1 
ATOM   788  N  N   . ILE A 1 105 ? -9.306  -3.584  -3.667  1.00 15.50 ? 105 ILE A N   1 
ATOM   789  C  CA  . ILE A 1 105 ? -9.955  -4.522  -4.578  1.00 15.50 ? 105 ILE A CA  1 
ATOM   790  C  C   . ILE A 1 105 ? -11.355 -4.015  -4.900  1.00 15.84 ? 105 ILE A C   1 
ATOM   791  O  O   . ILE A 1 105 ? -12.204 -3.869  -4.013  1.00 15.59 ? 105 ILE A O   1 
ATOM   792  C  CB  . ILE A 1 105 ? -10.023 -5.964  -3.988  1.00 15.57 ? 105 ILE A CB  1 
ATOM   793  C  CG1 . ILE A 1 105 ? -8.625  -6.484  -3.607  1.00 15.68 ? 105 ILE A CG1 1 
ATOM   794  C  CG2 . ILE A 1 105 ? -10.750 -6.929  -4.944  1.00 15.90 ? 105 ILE A CG2 1 
ATOM   795  C  CD1 . ILE A 1 105 ? -7.621  -6.592  -4.746  1.00 15.70 ? 105 ILE A CD1 1 
ATOM   796  N  N   . GLU A 1 106 ? -11.572 -3.751  -6.185  1.00 16.00 ? 106 GLU A N   1 
ATOM   797  C  CA  . GLU A 1 106 ? -12.824 -3.237  -6.702  1.00 16.09 ? 106 GLU A CA  1 
ATOM   798  C  C   . GLU A 1 106 ? -13.523 -4.354  -7.473  1.00 16.15 ? 106 GLU A C   1 
ATOM   799  O  O   . GLU A 1 106 ? -12.905 -5.024  -8.301  1.00 16.26 ? 106 GLU A O   1 
ATOM   800  C  CB  . GLU A 1 106 ? -12.512 -2.057  -7.620  1.00 16.35 ? 106 GLU A CB  1 
ATOM   801  C  CG  . GLU A 1 106 ? -13.682 -1.187  -8.000  1.00 17.21 ? 106 GLU A CG  1 
ATOM   802  C  CD  . GLU A 1 106 ? -13.230 0.073   -8.705  1.00 18.54 ? 106 GLU A CD  1 
ATOM   803  O  OE1 . GLU A 1 106 ? -12.716 0.984   -8.023  1.00 19.68 ? 106 GLU A OE1 1 
ATOM   804  O  OE2 . GLU A 1 106 ? -13.388 0.154   -9.939  1.00 18.52 ? 106 GLU A OE2 1 
ATOM   805  N  N   . HIS A 1 107 ? -14.808 -4.558  -7.191  1.00 16.20 ? 107 HIS A N   1 
ATOM   806  C  CA  . HIS A 1 107 ? -15.577 -5.651  -7.790  1.00 16.18 ? 107 HIS A CA  1 
ATOM   807  C  C   . HIS A 1 107 ? -16.391 -5.175  -8.981  1.00 16.10 ? 107 HIS A C   1 
ATOM   808  O  O   . HIS A 1 107 ? -17.013 -4.112  -8.925  1.00 15.77 ? 107 HIS A O   1 
ATOM   809  C  CB  . HIS A 1 107 ? -16.480 -6.290  -6.738  1.00 16.31 ? 107 HIS A CB  1 
ATOM   810  C  CG  . HIS A 1 107 ? -15.727 -7.045  -5.691  1.00 17.30 ? 107 HIS A CG  1 
ATOM   811  N  ND1 . HIS A 1 107 ? -15.060 -6.420  -4.656  1.00 18.46 ? 107 HIS A ND1 1 
ATOM   812  C  CD2 . HIS A 1 107 ? -15.515 -8.371  -5.530  1.00 17.38 ? 107 HIS A CD2 1 
ATOM   813  C  CE1 . HIS A 1 107 ? -14.475 -7.333  -3.901  1.00 18.03 ? 107 HIS A CE1 1 
ATOM   814  N  NE2 . HIS A 1 107 ? -14.741 -8.525  -4.405  1.00 19.42 ? 107 HIS A NE2 1 
ATOM   815  N  N   . LYS A 1 108 ? -16.392 -5.971  -10.050 1.00 15.96 ? 108 LYS A N   1 
ATOM   816  C  CA  . LYS A 1 108 ? -17.033 -5.585  -11.309 1.00 16.67 ? 108 LYS A CA  1 
ATOM   817  C  C   . LYS A 1 108 ? -18.026 -6.644  -11.780 1.00 16.52 ? 108 LYS A C   1 
ATOM   818  O  O   . LYS A 1 108 ? -18.030 -7.764  -11.267 1.00 16.43 ? 108 LYS A O   1 
ATOM   819  C  CB  . LYS A 1 108 ? -15.970 -5.362  -12.406 1.00 16.96 ? 108 LYS A CB  1 
ATOM   820  C  CG  . LYS A 1 108 ? -14.957 -4.222  -12.142 1.00 19.14 ? 108 LYS A CG  1 
ATOM   821  C  CD  . LYS A 1 108 ? -15.660 -2.897  -11.893 1.00 23.10 ? 108 LYS A CD  1 
ATOM   822  C  CE  . LYS A 1 108 ? -14.718 -1.703  -12.010 1.00 25.05 ? 108 LYS A CE  1 
ATOM   823  N  NZ  . LYS A 1 108 ? -14.465 -1.323  -13.430 1.00 26.67 ? 108 LYS A NZ  1 
ATOM   824  N  N   . PHE A 1 109 ? -18.857 -6.285  -12.757 1.00 16.42 ? 109 PHE A N   1 
ATOM   825  C  CA  . PHE A 1 109 ? -19.654 -7.266  -13.498 1.00 16.83 ? 109 PHE A CA  1 
ATOM   826  C  C   . PHE A 1 109 ? -19.019 -7.612  -14.855 1.00 17.21 ? 109 PHE A C   1 
ATOM   827  O  O   . PHE A 1 109 ? -19.179 -8.731  -15.353 1.00 17.52 ? 109 PHE A O   1 
ATOM   828  C  CB  . PHE A 1 109 ? -21.101 -6.795  -13.676 1.00 16.55 ? 109 PHE A CB  1 
ATOM   829  C  CG  . PHE A 1 109 ? -21.879 -6.721  -12.389 1.00 15.69 ? 109 PHE A CG  1 
ATOM   830  C  CD1 . PHE A 1 109 ? -22.060 -7.859  -11.599 1.00 15.74 ? 109 PHE A CD1 1 
ATOM   831  C  CD2 . PHE A 1 109 ? -22.443 -5.518  -11.973 1.00 15.88 ? 109 PHE A CD2 1 
ATOM   832  C  CE1 . PHE A 1 109 ? -22.781 -7.794  -10.406 1.00 15.29 ? 109 PHE A CE1 1 
ATOM   833  C  CE2 . PHE A 1 109 ? -23.166 -5.440  -10.781 1.00 15.12 ? 109 PHE A CE2 1 
ATOM   834  C  CZ  . PHE A 1 109 ? -23.338 -6.578  -9.998  1.00 15.07 ? 109 PHE A CZ  1 
ATOM   835  N  N   . ILE A 1 110 ? -18.284 -6.663  -15.436 1.00 17.30 ? 110 ILE A N   1 
ATOM   836  C  CA  . ILE A 1 110 ? -17.550 -6.904  -16.690 1.00 17.45 ? 110 ILE A CA  1 
ATOM   837  C  C   . ILE A 1 110 ? -16.468 -7.987  -16.554 1.00 17.68 ? 110 ILE A C   1 
ATOM   838  O  O   . ILE A 1 110 ? -16.050 -8.330  -15.441 1.00 17.35 ? 110 ILE A O   1 
ATOM   839  C  CB  . ILE A 1 110 ? -16.931 -5.603  -17.285 1.00 17.37 ? 110 ILE A CB  1 
ATOM   840  C  CG1 . ILE A 1 110 ? -15.968 -4.940  -16.286 1.00 17.01 ? 110 ILE A CG1 1 
ATOM   841  C  CG2 . ILE A 1 110 ? -18.035 -4.644  -17.729 1.00 17.34 ? 110 ILE A CG2 1 
ATOM   842  C  CD1 . ILE A 1 110 ? -15.020 -3.914  -16.909 1.00 17.93 ? 110 ILE A CD1 1 
ATOM   843  N  N   . HIS A 1 111 ? -16.033 -8.513  -17.700 1.00 18.09 ? 111 HIS A N   1 
ATOM   844  C  CA  . HIS A 1 111 ? -15.036 -9.588  -17.778 1.00 18.57 ? 111 HIS A CA  1 
ATOM   845  C  C   . HIS A 1 111 ? -15.352 -10.764 -16.853 1.00 18.66 ? 111 HIS A C   1 
ATOM   846  O  O   . HIS A 1 111 ? -14.501 -11.186 -16.067 1.00 19.03 ? 111 HIS A O   1 
ATOM   847  C  CB  . HIS A 1 111 ? -13.621 -9.050  -17.510 1.00 18.83 ? 111 HIS A CB  1 
ATOM   848  C  CG  . HIS A 1 111 ? -13.140 -8.081  -18.542 1.00 19.12 ? 111 HIS A CG  1 
ATOM   849  N  ND1 . HIS A 1 111 ? -12.925 -6.747  -18.268 1.00 20.69 ? 111 HIS A ND1 1 
ATOM   850  C  CD2 . HIS A 1 111 ? -12.850 -8.247  -19.853 1.00 20.03 ? 111 HIS A CD2 1 
ATOM   851  C  CE1 . HIS A 1 111 ? -12.514 -6.136  -19.365 1.00 20.26 ? 111 HIS A CE1 1 
ATOM   852  N  NE2 . HIS A 1 111 ? -12.459 -7.024  -20.340 1.00 20.44 ? 111 HIS A NE2 1 
ATOM   853  N  N   . SER A 1 112 ? -16.578 -11.281 -16.964 1.00 18.55 ? 112 SER A N   1 
ATOM   854  C  CA  . SER A 1 112 ? -17.078 -12.394 -16.140 1.00 18.38 ? 112 SER A CA  1 
ATOM   855  C  C   . SER A 1 112 ? -16.981 -12.089 -14.642 1.00 18.27 ? 112 SER A C   1 
ATOM   856  O  O   . SER A 1 112 ? -16.367 -12.838 -13.880 1.00 18.21 ? 112 SER A O   1 
ATOM   857  C  CB  . SER A 1 112 ? -16.377 -13.714 -16.505 1.00 18.61 ? 112 SER A CB  1 
ATOM   858  O  OG  . SER A 1 112 ? -17.077 -14.840 -15.994 1.00 19.02 ? 112 SER A OG  1 
ATOM   859  N  N   . CYS A 1 113 ? -17.591 -10.972 -14.237 1.00 17.70 ? 113 CYS A N   1 
ATOM   860  C  CA  . CYS A 1 113 ? -17.624 -10.545 -12.835 1.00 17.63 ? 113 CYS A CA  1 
ATOM   861  C  C   . CYS A 1 113 ? -16.221 -10.492 -12.247 1.00 17.29 ? 113 CYS A C   1 
ATOM   862  O  O   . CYS A 1 113 ? -15.923 -11.130 -11.232 1.00 17.13 ? 113 CYS A O   1 
ATOM   863  C  CB  . CYS A 1 113 ? -18.544 -11.449 -12.002 1.00 17.54 ? 113 CYS A CB  1 
ATOM   864  S  SG  . CYS A 1 113 ? -20.283 -11.339 -12.469 1.00 18.67 ? 113 CYS A SG  1 
ATOM   865  N  N   . ALA A 1 114 ? -15.367 -9.716  -12.903 1.00 17.22 ? 114 ALA A N   1 
ATOM   866  C  CA  . ALA A 1 114 ? -13.958 -9.631  -12.558 1.00 17.47 ? 114 ALA A CA  1 
ATOM   867  C  C   . ALA A 1 114 ? -13.737 -8.788  -11.310 1.00 17.64 ? 114 ALA A C   1 
ATOM   868  O  O   . ALA A 1 114 ? -14.637 -8.065  -10.860 1.00 17.40 ? 114 ALA A O   1 
ATOM   869  C  CB  . ALA A 1 114 ? -13.164 -9.056  -13.730 1.00 17.27 ? 114 ALA A CB  1 
ATOM   870  N  N   . LYS A 1 115 ? -12.540 -8.917  -10.745 1.00 17.66 ? 115 LYS A N   1 
ATOM   871  C  CA  . LYS A 1 115 ? -12.047 -7.986  -9.735  1.00 18.04 ? 115 LYS A CA  1 
ATOM   872  C  C   . LYS A 1 115 ? -10.934 -7.175  -10.374 1.00 18.15 ? 115 LYS A C   1 
ATOM   873  O  O   . LYS A 1 115 ? -10.215 -7.680  -11.239 1.00 18.26 ? 115 LYS A O   1 
ATOM   874  C  CB  . LYS A 1 115 ? -11.506 -8.737  -8.525  1.00 18.27 ? 115 LYS A CB  1 
ATOM   875  C  CG  . LYS A 1 115 ? -12.575 -9.362  -7.646  1.00 19.38 ? 115 LYS A CG  1 
ATOM   876  C  CD  . LYS A 1 115 ? -11.969 -10.392 -6.698  1.00 21.22 ? 115 LYS A CD  1 
ATOM   877  C  CE  . LYS A 1 115 ? -11.704 -11.719 -7.406  1.00 22.06 ? 115 LYS A CE  1 
ATOM   878  N  N   . ARG A 1 116 ? -10.807 -5.913  -9.979  1.00 18.27 ? 116 ARG A N   1 
ATOM   879  C  CA  . ARG A 1 116 ? -9.664  -5.108  -10.408 1.00 18.28 ? 116 ARG A CA  1 
ATOM   880  C  C   . ARG A 1 116 ? -8.982  -4.400  -9.241  1.00 17.54 ? 116 ARG A C   1 
ATOM   881  O  O   . ARG A 1 116 ? -9.632  -4.005  -8.275  1.00 17.66 ? 116 ARG A O   1 
ATOM   882  C  CB  . ARG A 1 116 ? -10.034 -4.136  -11.538 1.00 18.93 ? 116 ARG A CB  1 
ATOM   883  C  CG  . ARG A 1 116 ? -11.048 -3.055  -11.192 1.00 20.72 ? 116 ARG A CG  1 
ATOM   884  C  CD  . ARG A 1 116 ? -10.382 -1.754  -10.741 1.00 24.07 ? 116 ARG A CD  1 
ATOM   885  N  NE  . ARG A 1 116 ? -9.621  -1.086  -11.801 1.00 27.63 ? 116 ARG A NE  1 
ATOM   886  C  CZ  . ARG A 1 116 ? -10.151 -0.288  -12.727 1.00 27.74 ? 116 ARG A CZ  1 
ATOM   887  N  NH1 . ARG A 1 116 ? -11.457 -0.055  -12.752 0.20 27.85 ? 116 ARG A NH1 1 
ATOM   888  N  NH2 . ARG A 1 116 ? -9.370  0.278   -13.634 1.00 27.52 ? 116 ARG A NH2 1 
ATOM   889  N  N   . GLY A 1 117 ? -7.664  -4.257  -9.341  1.00 17.11 ? 117 GLY A N   1 
ATOM   890  C  CA  . GLY A 1 117 ? -6.870  -3.659  -8.281  1.00 16.00 ? 117 GLY A CA  1 
ATOM   891  C  C   . GLY A 1 117 ? -6.639  -2.175  -8.480  1.00 16.00 ? 117 GLY A C   1 
ATOM   892  O  O   . GLY A 1 117 ? -6.614  -1.675  -9.613  1.00 15.72 ? 117 GLY A O   1 
ATOM   893  N  N   . ARG A 1 118 ? -6.486  -1.473  -7.362  1.00 15.43 ? 118 ARG A N   1 
ATOM   894  C  CA  . ARG A 1 118 ? -6.087  -0.073  -7.368  1.00 15.42 ? 118 ARG A CA  1 
ATOM   895  C  C   . ARG A 1 118 ? -4.973  0.148   -6.355  1.00 15.04 ? 118 ARG A C   1 
ATOM   896  O  O   . ARG A 1 118 ? -5.111  -0.230  -5.194  1.00 14.67 ? 118 ARG A O   1 
ATOM   897  C  CB  . ARG A 1 118 ? -7.284  0.827   -7.037  1.00 15.86 ? 118 ARG A CB  1 
ATOM   898  C  CG  . ARG A 1 118 ? -8.424  0.745   -8.046  1.00 17.00 ? 118 ARG A CG  1 
ATOM   899  C  CD  . ARG A 1 118 ? -9.207  2.028   -8.078  1.00 19.45 ? 118 ARG A CD  1 
ATOM   900  N  NE  . ARG A 1 118 ? -10.419 1.906   -8.893  1.00 19.78 ? 118 ARG A NE  1 
ATOM   901  C  CZ  . ARG A 1 118 ? -10.555 2.375   -10.130 1.00 19.86 ? 118 ARG A CZ  1 
ATOM   902  N  NH1 . ARG A 1 118 ? -9.555  3.012   -10.724 1.00 19.51 ? 118 ARG A NH1 1 
ATOM   903  N  NH2 . ARG A 1 118 ? -11.707 2.214   -10.769 1.00 20.15 ? 118 ARG A NH2 1 
ATOM   904  N  N   . VAL A 1 119 ? -3.870  0.748   -6.806  1.00 14.71 ? 119 VAL A N   1 
ATOM   905  C  CA  . VAL A 1 119 ? -2.782  1.172   -5.917  1.00 14.83 ? 119 VAL A CA  1 
ATOM   906  C  C   . VAL A 1 119 ? -2.921  2.658   -5.580  1.00 14.85 ? 119 VAL A C   1 
ATOM   907  O  O   . VAL A 1 119 ? -2.953  3.500   -6.478  1.00 14.56 ? 119 VAL A O   1 
ATOM   908  C  CB  . VAL A 1 119 ? -1.384  0.919   -6.538  1.00 14.58 ? 119 VAL A CB  1 
ATOM   909  C  CG1 . VAL A 1 119 ? -0.273  1.410   -5.595  1.00 15.11 ? 119 VAL A CG1 1 
ATOM   910  C  CG2 . VAL A 1 119 ? -1.188  -0.558  -6.854  1.00 14.38 ? 119 VAL A CG2 1 
ATOM   911  N  N   . GLU A 1 120 ? -3.001  2.964   -4.283  1.00 14.96 ? 120 GLU A N   1 
ATOM   912  C  CA  . GLU A 1 120 ? -3.199  4.336   -3.803  1.00 15.25 ? 120 GLU A CA  1 
ATOM   913  C  C   . GLU A 1 120 ? -2.289  4.679   -2.620  1.00 15.40 ? 120 GLU A C   1 
ATOM   914  O  O   . GLU A 1 120 ? -1.802  3.789   -1.915  1.00 15.19 ? 120 GLU A O   1 
ATOM   915  C  CB  . GLU A 1 120 ? -4.661  4.549   -3.379  1.00 15.59 ? 120 GLU A CB  1 
ATOM   916  C  CG  . GLU A 1 120 ? -5.687  4.552   -4.519  1.00 16.19 ? 120 GLU A CG  1 
ATOM   917  C  CD  . GLU A 1 120 ? -5.670  5.834   -5.333  1.00 17.91 ? 120 GLU A CD  1 
ATOM   918  O  OE1 . GLU A 1 120 ? -5.481  6.921   -4.748  1.00 20.10 ? 120 GLU A OE1 1 
ATOM   919  O  OE2 . GLU A 1 120 ? -5.851  5.757   -6.565  1.00 18.98 ? 120 GLU A OE2 1 
ATOM   920  N  N   . ASP A 1 121 ? -2.068  5.978   -2.420  1.00 15.56 ? 121 ASP A N   1 
ATOM   921  C  CA  . ASP A 1 121 ? -1.476  6.518   -1.190  1.00 15.82 ? 121 ASP A CA  1 
ATOM   922  C  C   . ASP A 1 121 ? -0.126  5.867   -0.840  1.00 15.98 ? 121 ASP A C   1 
ATOM   923  O  O   . ASP A 1 121 ? 0.087   5.387   0.275   1.00 15.68 ? 121 ASP A O   1 
ATOM   924  C  CB  . ASP A 1 121 ? -2.488  6.436   -0.035  1.00 15.87 ? 121 ASP A CB  1 
ATOM   925  C  CG  . ASP A 1 121 ? -3.797  7.180   -0.341  1.00 16.16 ? 121 ASP A CG  1 
ATOM   926  O  OD1 . ASP A 1 121 ? -3.759  8.188   -1.072  1.00 16.18 ? 121 ASP A OD1 1 
ATOM   927  O  OD2 . ASP A 1 121 ? -4.864  6.759   0.144   1.00 15.24 ? 121 ASP A OD2 1 
ATOM   928  N  N   . VAL A 1 122 ? 0.767   5.866   -1.826  1.00 16.43 ? 122 VAL A N   1 
ATOM   929  C  CA  . VAL A 1 122 ? 2.121   5.329   -1.705  1.00 17.17 ? 122 VAL A CA  1 
ATOM   930  C  C   . VAL A 1 122 ? 3.071   6.440   -1.250  1.00 17.54 ? 122 VAL A C   1 
ATOM   931  O  O   . VAL A 1 122 ? 3.188   7.467   -1.917  1.00 17.28 ? 122 VAL A O   1 
ATOM   932  C  CB  . VAL A 1 122 ? 2.621   4.778   -3.075  1.00 17.20 ? 122 VAL A CB  1 
ATOM   933  C  CG1 . VAL A 1 122 ? 4.049   4.234   -2.970  1.00 17.57 ? 122 VAL A CG1 1 
ATOM   934  C  CG2 . VAL A 1 122 ? 1.669   3.701   -3.611  1.00 16.42 ? 122 VAL A CG2 1 
ATOM   935  N  N   . VAL A 1 123 ? 3.734   6.234   -0.110  1.00 18.38 ? 123 VAL A N   1 
ATOM   936  C  CA  . VAL A 1 123 ? 4.734   7.188   0.387   1.00 19.16 ? 123 VAL A CA  1 
ATOM   937  C  C   . VAL A 1 123 ? 5.773   6.524   1.299   1.00 19.71 ? 123 VAL A C   1 
ATOM   938  O  O   . VAL A 1 123 ? 5.430   5.739   2.185   1.00 19.12 ? 123 VAL A O   1 
ATOM   939  C  CB  . VAL A 1 123 ? 4.073   8.439   1.071   1.00 19.48 ? 123 VAL A CB  1 
ATOM   940  C  CG1 . VAL A 1 123 ? 3.096   8.031   2.163   1.00 19.70 ? 123 VAL A CG1 1 
ATOM   941  C  CG2 . VAL A 1 123 ? 5.121   9.424   1.602   1.00 19.39 ? 123 VAL A CG2 1 
ATOM   942  N  N   . VAL A 1 124 ? 7.043   6.843   1.051   1.00 20.25 ? 124 VAL A N   1 
ATOM   943  C  CA  . VAL A 1 124 ? 8.152   6.437   1.915   1.00 21.19 ? 124 VAL A CA  1 
ATOM   944  C  C   . VAL A 1 124 ? 8.670   7.677   2.643   1.00 21.75 ? 124 VAL A C   1 
ATOM   945  O  O   . VAL A 1 124 ? 8.867   8.720   2.025   1.00 21.65 ? 124 VAL A O   1 
ATOM   946  C  CB  . VAL A 1 124 ? 9.312   5.795   1.092   1.00 21.07 ? 124 VAL A CB  1 
ATOM   947  C  CG1 . VAL A 1 124 ? 10.459  5.357   2.007   1.00 21.59 ? 124 VAL A CG1 1 
ATOM   948  C  CG2 . VAL A 1 124 ? 8.806   4.619   0.267   1.00 21.13 ? 124 VAL A CG2 1 
ATOM   949  N  N   . SER A 1 125 ? 8.874   7.568   3.956   1.00 22.96 ? 125 SER A N   1 
ATOM   950  C  CA  . SER A 1 125 ? 9.421   8.672   4.754   1.00 24.37 ? 125 SER A CA  1 
ATOM   951  C  C   . SER A 1 125 ? 10.714  9.227   4.141   1.00 25.17 ? 125 SER A C   1 
ATOM   952  O  O   . SER A 1 125 ? 11.570  8.460   3.676   1.00 25.19 ? 125 SER A O   1 
ATOM   953  C  CB  . SER A 1 125 ? 9.672   8.223   6.193   1.00 24.41 ? 125 SER A CB  1 
ATOM   954  O  OG  . SER A 1 125 ? 10.004  9.329   7.022   1.00 25.91 ? 125 SER A OG  1 
ATOM   955  N  N   . ASP A 1 126 ? 10.839  10.554  4.148   1.00 26.25 ? 126 ASP A N   1 
ATOM   956  C  CA  . ASP A 1 126 ? 11.965  11.265  3.518   1.00 27.45 ? 126 ASP A CA  1 
ATOM   957  C  C   . ASP A 1 126 ? 13.340  11.003  4.147   1.00 28.31 ? 126 ASP A C   1 
ATOM   958  O  O   . ASP A 1 126 ? 14.376  11.301  3.541   1.00 28.72 ? 126 ASP A O   1 
ATOM   959  C  CB  . ASP A 1 126 ? 11.687  12.777  3.449   1.00 27.48 ? 126 ASP A CB  1 
ATOM   960  C  CG  . ASP A 1 126 ? 11.323  13.383  4.800   0.50 27.66 ? 126 ASP A CG  1 
ATOM   961  O  OD1 . ASP A 1 126 ? 11.525  12.731  5.849   0.50 27.84 ? 126 ASP A OD1 1 
ATOM   962  O  OD2 . ASP A 1 126 ? 10.831  14.530  4.808   0.50 28.04 ? 126 ASP A OD2 1 
ATOM   963  N  N   . GLU A 1 127 ? 13.340  10.449  5.356   1.00 29.10 ? 127 GLU A N   1 
ATOM   964  C  CA  . GLU A 1 127 ? 14.574  10.118  6.064   1.00 29.81 ? 127 GLU A CA  1 
ATOM   965  C  C   . GLU A 1 127 ? 14.963  8.652   5.875   1.00 30.30 ? 127 GLU A C   1 
ATOM   966  O  O   . GLU A 1 127 ? 15.976  8.194   6.416   1.00 30.67 ? 127 GLU A O   1 
ATOM   967  C  CB  . GLU A 1 127 ? 14.445  10.461  7.556   1.00 29.96 ? 127 GLU A CB  1 
ATOM   968  C  CG  . GLU A 1 127 ? 13.142  10.003  8.207   1.00 30.02 ? 127 GLU A CG  1 
ATOM   969  N  N   . CYS A 1 128 ? 14.169  7.934   5.079   1.00 30.53 ? 128 CYS A N   1 
ATOM   970  C  CA  . CYS A 1 128 ? 14.283  6.487   4.953   1.00 30.46 ? 128 CYS A CA  1 
ATOM   971  C  C   . CYS A 1 128 ? 14.229  6.035   3.486   1.00 30.36 ? 128 CYS A C   1 
ATOM   972  O  O   . CYS A 1 128 ? 13.612  5.013   3.163   1.00 30.47 ? 128 CYS A O   1 
ATOM   973  C  CB  . CYS A 1 128 ? 13.161  5.825   5.774   1.00 30.46 ? 128 CYS A CB  1 
ATOM   974  S  SG  . CYS A 1 128 ? 13.436  4.103   6.248   0.80 31.17 ? 128 CYS A SG  1 
ATOM   975  N  N   . ARG A 1 129 ? 14.901  6.781   2.607   1.00 30.02 ? 129 ARG A N   1 
ATOM   976  C  CA  . ARG A 1 129 ? 14.771  6.581   1.155   1.00 29.70 ? 129 ARG A CA  1 
ATOM   977  C  C   . ARG A 1 129 ? 15.867  5.737   0.483   1.00 29.24 ? 129 ARG A C   1 
ATOM   978  O  O   . ARG A 1 129 ? 15.896  5.624   -0.746  0.50 29.17 ? 129 ARG A O   1 
ATOM   979  C  CB  . ARG A 1 129 ? 14.605  7.929   0.434   1.00 29.99 ? 129 ARG A CB  1 
ATOM   980  C  CG  . ARG A 1 129 ? 13.224  8.559   0.592   1.00 30.25 ? 129 ARG A CG  1 
ATOM   981  N  N   . GLY A 1 130 ? 16.750  5.138   1.280   1.00 28.72 ? 130 GLY A N   1 
ATOM   982  C  CA  . GLY A 1 130 ? 17.784  4.247   0.750   1.00 27.85 ? 130 GLY A CA  1 
ATOM   983  C  C   . GLY A 1 130 ? 17.573  2.779   1.092   1.00 27.35 ? 130 GLY A C   1 
ATOM   984  O  O   . GLY A 1 130 ? 18.510  1.980   1.017   0.50 27.16 ? 130 GLY A O   1 
ATOM   985  N  N   . LYS A 1 131 ? 16.341  2.419   1.458   1.00 26.46 ? 131 LYS A N   1 
ATOM   986  C  CA  . LYS A 1 131 ? 16.039  1.061   1.930   1.00 25.68 ? 131 LYS A CA  1 
ATOM   987  C  C   . LYS A 1 131 ? 15.133  0.272   0.972   1.00 25.04 ? 131 LYS A C   1 
ATOM   988  O  O   . LYS A 1 131 ? 14.640  -0.809  1.320   1.00 24.98 ? 131 LYS A O   1 
ATOM   989  C  CB  . LYS A 1 131 ? 15.434  1.103   3.342   1.00 25.88 ? 131 LYS A CB  1 
ATOM   990  C  CG  . LYS A 1 131 ? 16.343  1.738   4.398   1.00 26.37 ? 131 LYS A CG  1 
ATOM   991  C  CD  . LYS A 1 131 ? 15.894  1.390   5.809   1.00 27.08 ? 131 LYS A CD  1 
ATOM   992  C  CE  . LYS A 1 131 ? 16.926  1.837   6.847   1.00 27.93 ? 131 LYS A CE  1 
ATOM   993  N  NZ  . LYS A 1 131 ? 16.678  1.203   8.176   1.00 29.18 ? 131 LYS A NZ  1 
ATOM   994  N  N   . GLN A 1 132 ? 14.915  0.828   -0.222  1.00 23.97 ? 132 GLN A N   1 
ATOM   995  C  CA  . GLN A 1 132 ? 14.179  0.165   -1.311  1.00 23.41 ? 132 GLN A CA  1 
ATOM   996  C  C   . GLN A 1 132 ? 12.708  -0.134  -0.990  1.00 22.58 ? 132 GLN A C   1 
ATOM   997  O  O   . GLN A 1 132 ? 12.104  -1.033  -1.581  1.00 22.45 ? 132 GLN A O   1 
ATOM   998  C  CB  . GLN A 1 132 ? 14.887  -1.127  -1.742  1.00 23.31 ? 132 GLN A CB  1 
ATOM   999  C  CG  . GLN A 1 132 ? 16.340  -0.942  -2.163  1.00 23.63 ? 132 GLN A CG  1 
ATOM   1000 C  CD  . GLN A 1 132 ? 16.979  -2.246  -2.587  1.00 23.67 ? 132 GLN A CD  1 
ATOM   1001 O  OE1 . GLN A 1 132 ? 17.265  -3.118  -1.764  1.00 24.97 ? 132 GLN A OE1 1 
ATOM   1002 N  NE2 . GLN A 1 132 ? 17.202  -2.387  -3.879  1.00 24.39 ? 132 GLN A NE2 1 
ATOM   1003 N  N   . LEU A 1 133 ? 12.137  0.630   -0.066  1.00 21.58 ? 133 LEU A N   1 
ATOM   1004 C  CA  . LEU A 1 133 ? 10.803  0.325   0.459   1.00 21.06 ? 133 LEU A CA  1 
ATOM   1005 C  C   . LEU A 1 133 ? 9.674   0.583   -0.540  1.00 20.35 ? 133 LEU A C   1 
ATOM   1006 O  O   . LEU A 1 133 ? 8.673   -0.129  -0.537  1.00 19.95 ? 133 LEU A O   1 
ATOM   1007 C  CB  . LEU A 1 133 ? 10.554  1.062   1.780   1.00 20.89 ? 133 LEU A CB  1 
ATOM   1008 C  CG  . LEU A 1 133 ? 11.587  0.790   2.882   1.00 21.00 ? 133 LEU A CG  1 
ATOM   1009 C  CD1 . LEU A 1 133 ? 11.280  1.603   4.126   1.00 20.71 ? 133 LEU A CD1 1 
ATOM   1010 C  CD2 . LEU A 1 133 ? 11.703  -0.705  3.199   1.00 21.18 ? 133 LEU A CD2 1 
ATOM   1011 N  N   . GLY A 1 134 ? 9.855   1.592   -1.391  1.00 20.10 ? 134 GLY A N   1 
ATOM   1012 C  CA  . GLY A 1 134 ? 8.904   1.901   -2.469  1.00 19.60 ? 134 GLY A CA  1 
ATOM   1013 C  C   . GLY A 1 134 ? 8.755   0.753   -3.448  1.00 19.48 ? 134 GLY A C   1 
ATOM   1014 O  O   . GLY A 1 134 ? 7.636   0.313   -3.736  1.00 18.94 ? 134 GLY A O   1 
ATOM   1015 N  N   . LYS A 1 135 ? 9.887   0.262   -3.955  1.00 19.31 ? 135 LYS A N   1 
ATOM   1016 C  CA  . LYS A 1 135 ? 9.909   -0.933  -4.806  1.00 19.45 ? 135 LYS A CA  1 
ATOM   1017 C  C   . LYS A 1 135 ? 9.320   -2.158  -4.102  1.00 18.94 ? 135 LYS A C   1 
ATOM   1018 O  O   . LYS A 1 135 ? 8.554   -2.909  -4.707  1.00 18.91 ? 135 LYS A O   1 
ATOM   1019 C  CB  . LYS A 1 135 ? 11.331  -1.251  -5.290  1.00 19.44 ? 135 LYS A CB  1 
ATOM   1020 C  CG  . LYS A 1 135 ? 11.942  -0.205  -6.220  1.00 20.12 ? 135 LYS A CG  1 
ATOM   1021 C  CD  . LYS A 1 135 ? 13.265  -0.690  -6.828  1.00 20.80 ? 135 LYS A CD  1 
ATOM   1022 C  CE  . LYS A 1 135 ? 14.334  -0.892  -5.763  1.00 23.30 ? 135 LYS A CE  1 
ATOM   1023 N  NZ  . LYS A 1 135 ? 15.645  -1.290  -6.361  1.00 25.30 ? 135 LYS A NZ  1 
ATOM   1024 N  N   . LEU A 1 136 ? 9.683   -2.358  -2.834  1.00 18.38 ? 136 LEU A N   1 
ATOM   1025 C  CA  . LEU A 1 136 ? 9.148   -3.473  -2.055  1.00 18.22 ? 136 LEU A CA  1 
ATOM   1026 C  C   . LEU A 1 136 ? 7.621   -3.408  -1.938  1.00 17.85 ? 136 LEU A C   1 
ATOM   1027 O  O   . LEU A 1 136 ? 6.933   -4.415  -2.125  1.00 17.67 ? 136 LEU A O   1 
ATOM   1028 C  CB  . LEU A 1 136 ? 9.783   -3.535  -0.659  1.00 18.10 ? 136 LEU A CB  1 
ATOM   1029 C  CG  . LEU A 1 136 ? 9.231   -4.602  0.296   1.00 18.27 ? 136 LEU A CG  1 
ATOM   1030 C  CD1 . LEU A 1 136 ? 9.668   -6.008  -0.102  1.00 18.94 ? 136 LEU A CD1 1 
ATOM   1031 C  CD2 . LEU A 1 136 ? 9.627   -4.296  1.734   1.00 18.77 ? 136 LEU A CD2 1 
ATOM   1032 N  N   . LEU A 1 137 ? 7.102   -2.224  -1.616  1.00 17.16 ? 137 LEU A N   1 
ATOM   1033 C  CA  . LEU A 1 137 ? 5.662   -2.037  -1.473  1.00 16.92 ? 137 LEU A CA  1 
ATOM   1034 C  C   . LEU A 1 137 ? 4.915   -2.258  -2.788  1.00 16.66 ? 137 LEU A C   1 
ATOM   1035 O  O   . LEU A 1 137 ? 3.947   -3.014  -2.833  1.00 16.70 ? 137 LEU A O   1 
ATOM   1036 C  CB  . LEU A 1 137 ? 5.343   -0.654  -0.886  1.00 16.62 ? 137 LEU A CB  1 
ATOM   1037 C  CG  . LEU A 1 137 ? 5.551   -0.505  0.625   1.00 16.81 ? 137 LEU A CG  1 
ATOM   1038 C  CD1 . LEU A 1 137 ? 5.518   0.963   1.014   1.00 17.86 ? 137 LEU A CD1 1 
ATOM   1039 C  CD2 . LEU A 1 137 ? 4.502   -1.305  1.422   1.00 16.31 ? 137 LEU A CD2 1 
ATOM   1040 N  N   . LEU A 1 138 ? 5.379   -1.617  -3.855  1.00 16.55 ? 138 LEU A N   1 
ATOM   1041 C  CA  . LEU A 1 138 ? 4.727   -1.748  -5.161  1.00 16.67 ? 138 LEU A CA  1 
ATOM   1042 C  C   . LEU A 1 138 ? 4.756   -3.166  -5.724  1.00 16.86 ? 138 LEU A C   1 
ATOM   1043 O  O   . LEU A 1 138 ? 3.742   -3.649  -6.235  1.00 16.28 ? 138 LEU A O   1 
ATOM   1044 C  CB  . LEU A 1 138 ? 5.294   -0.750  -6.170  1.00 16.63 ? 138 LEU A CB  1 
ATOM   1045 C  CG  . LEU A 1 138 ? 4.455   0.463   -6.589  1.00 16.97 ? 138 LEU A CG  1 
ATOM   1046 C  CD1 . LEU A 1 138 ? 3.173   0.018   -7.323  1.00 17.07 ? 138 LEU A CD1 1 
ATOM   1047 C  CD2 . LEU A 1 138 ? 4.122   1.363   -5.406  1.00 17.27 ? 138 LEU A CD2 1 
ATOM   1048 N  N   . SER A 1 139 ? 5.904   -3.841  -5.616  1.00 16.97 ? 139 SER A N   1 
ATOM   1049 C  CA  . SER A 1 139 ? 6.015   -5.209  -6.121  1.00 17.33 ? 139 SER A CA  1 
ATOM   1050 C  C   . SER A 1 139 ? 5.129   -6.174  -5.330  1.00 17.16 ? 139 SER A C   1 
ATOM   1051 O  O   . SER A 1 139 ? 4.377   -6.952  -5.917  1.00 17.46 ? 139 SER A O   1 
ATOM   1052 C  CB  . SER A 1 139 ? 7.476   -5.682  -6.134  1.00 17.51 ? 139 SER A CB  1 
ATOM   1053 O  OG  . SER A 1 139 ? 7.577   -6.944  -6.772  1.00 19.28 ? 139 SER A OG  1 
ATOM   1054 N  N   . THR A 1 140 ? 5.200   -6.097  -4.002  1.00 17.20 ? 140 THR A N   1 
ATOM   1055 C  CA  . THR A 1 140 ? 4.378   -6.932  -3.122  1.00 17.13 ? 140 THR A CA  1 
ATOM   1056 C  C   . THR A 1 140 ? 2.873   -6.753  -3.364  1.00 17.11 ? 140 THR A C   1 
ATOM   1057 O  O   . THR A 1 140 ? 2.143   -7.737  -3.463  1.00 16.79 ? 140 THR A O   1 
ATOM   1058 C  CB  . THR A 1 140 ? 4.702   -6.698  -1.622  1.00 17.36 ? 140 THR A CB  1 
ATOM   1059 O  OG1 . THR A 1 140 ? 6.121   -6.788  -1.407  1.00 17.30 ? 140 THR A OG1 1 
ATOM   1060 C  CG2 . THR A 1 140 ? 4.000   -7.733  -0.748  1.00 17.21 ? 140 THR A CG2 1 
ATOM   1061 N  N   . LEU A 1 141 ? 2.411   -5.504  -3.461  1.00 16.98 ? 141 LEU A N   1 
ATOM   1062 C  CA  . LEU A 1 141 ? 0.978   -5.252  -3.644  1.00 16.74 ? 141 LEU A CA  1 
ATOM   1063 C  C   . LEU A 1 141 ? 0.493   -5.605  -5.046  1.00 16.73 ? 141 LEU A C   1 
ATOM   1064 O  O   . LEU A 1 141 ? -0.643  -6.054  -5.217  1.00 16.47 ? 141 LEU A O   1 
ATOM   1065 C  CB  . LEU A 1 141 ? 0.602   -3.805  -3.279  1.00 17.00 ? 141 LEU A CB  1 
ATOM   1066 C  CG  . LEU A 1 141 ? 0.785   -3.401  -1.807  1.00 16.47 ? 141 LEU A CG  1 
ATOM   1067 C  CD1 . LEU A 1 141 ? 0.320   -1.974  -1.579  1.00 17.46 ? 141 LEU A CD1 1 
ATOM   1068 C  CD2 . LEU A 1 141 ? 0.061   -4.348  -0.866  1.00 16.24 ? 141 LEU A CD2 1 
ATOM   1069 N  N   . THR A 1 142 ? 1.358   -5.407  -6.037  1.00 16.46 ? 142 THR A N   1 
ATOM   1070 C  CA  . THR A 1 142 ? 1.058   -5.772  -7.420  1.00 16.79 ? 142 THR A CA  1 
ATOM   1071 C  C   . THR A 1 142 ? 0.953   -7.294  -7.549  1.00 16.76 ? 142 THR A C   1 
ATOM   1072 O  O   . THR A 1 142 ? 0.046   -7.811  -8.209  1.00 16.55 ? 142 THR A O   1 
ATOM   1073 C  CB  . THR A 1 142 ? 2.113   -5.195  -8.407  1.00 16.74 ? 142 THR A CB  1 
ATOM   1074 O  OG1 . THR A 1 142 ? 2.134   -3.761  -8.303  1.00 17.09 ? 142 THR A OG1 1 
ATOM   1075 C  CG2 . THR A 1 142 ? 1.799   -5.584  -9.844  1.00 17.43 ? 142 THR A CG2 1 
ATOM   1076 N  N   . LEU A 1 143 ? 1.867   -8.006  -6.895  1.00 17.10 ? 143 LEU A N   1 
ATOM   1077 C  CA  . LEU A 1 143 ? 1.818   -9.464  -6.867  1.00 17.59 ? 143 LEU A CA  1 
ATOM   1078 C  C   . LEU A 1 143 ? 0.625   -9.982  -6.063  1.00 17.68 ? 143 LEU A C   1 
ATOM   1079 O  O   . LEU A 1 143 ? -0.007  -10.963 -6.463  1.00 17.86 ? 143 LEU A O   1 
ATOM   1080 C  CB  . LEU A 1 143 ? 3.134   -10.053 -6.353  1.00 17.79 ? 143 LEU A CB  1 
ATOM   1081 C  CG  . LEU A 1 143 ? 4.378   -9.901  -7.242  1.00 18.15 ? 143 LEU A CG  1 
ATOM   1082 C  CD1 . LEU A 1 143 ? 5.630   -10.346 -6.496  1.00 18.96 ? 143 LEU A CD1 1 
ATOM   1083 C  CD2 . LEU A 1 143 ? 4.242   -10.651 -8.566  1.00 19.71 ? 143 LEU A CD2 1 
ATOM   1084 N  N   . LEU A 1 144 ? 0.311   -9.312  -4.951  1.00 17.85 ? 144 LEU A N   1 
ATOM   1085 C  CA  . LEU A 1 144 ? -0.868  -9.650  -4.141  1.00 18.09 ? 144 LEU A CA  1 
ATOM   1086 C  C   . LEU A 1 144 ? -2.168  -9.521  -4.942  1.00 18.40 ? 144 LEU A C   1 
ATOM   1087 O  O   . LEU A 1 144 ? -3.051  -10.373 -4.822  1.00 18.32 ? 144 LEU A O   1 
ATOM   1088 C  CB  . LEU A 1 144 ? -0.941  -8.810  -2.854  1.00 18.08 ? 144 LEU A CB  1 
ATOM   1089 C  CG  . LEU A 1 144 ? -2.174  -8.957  -1.935  1.00 17.68 ? 144 LEU A CG  1 
ATOM   1090 C  CD1 . LEU A 1 144 ? -2.406  -10.403 -1.466  1.00 18.17 ? 144 LEU A CD1 1 
ATOM   1091 C  CD2 . LEU A 1 144 ? -2.083  -8.025  -0.739  1.00 18.11 ? 144 LEU A CD2 1 
ATOM   1092 N  N   . SER A 1 145 ? -2.277  -8.463  -5.745  1.00 18.73 ? 145 SER A N   1 
ATOM   1093 C  CA  A SER A 1 145 ? -3.450  -8.280  -6.596  0.50 19.13 ? 145 SER A CA  1 
ATOM   1094 C  CA  B SER A 1 145 ? -3.424  -8.254  -6.627  0.50 19.08 ? 145 SER A CA  1 
ATOM   1095 C  C   . SER A 1 145 ? -3.602  -9.427  -7.600  1.00 19.53 ? 145 SER A C   1 
ATOM   1096 O  O   . SER A 1 145 ? -4.720  -9.861  -7.868  1.00 19.43 ? 145 SER A O   1 
ATOM   1097 C  CB  A SER A 1 145 ? -3.439  -6.919  -7.296  0.50 19.01 ? 145 SER A CB  1 
ATOM   1098 C  CB  B SER A 1 145 ? -3.253  -6.947  -7.397  0.50 18.94 ? 145 SER A CB  1 
ATOM   1099 O  OG  A SER A 1 145 ? -2.430  -6.840  -8.284  0.50 19.29 ? 145 SER A OG  1 
ATOM   1100 O  OG  B SER A 1 145 ? -4.308  -6.744  -8.316  0.50 18.97 ? 145 SER A OG  1 
ATOM   1101 N  N   . LYS A 1 146 ? -2.483  -9.924  -8.133  1.00 19.99 ? 146 LYS A N   1 
ATOM   1102 C  CA  . LYS A 1 146 ? -2.491  -11.094 -9.029  1.00 21.23 ? 146 LYS A CA  1 
ATOM   1103 C  C   . LYS A 1 146 ? -2.921  -12.364 -8.291  1.00 21.68 ? 146 LYS A C   1 
ATOM   1104 O  O   . LYS A 1 146 ? -3.709  -13.163 -8.815  1.00 21.88 ? 146 LYS A O   1 
ATOM   1105 C  CB  . LYS A 1 146 ? -1.120  -11.294 -9.689  1.00 21.19 ? 146 LYS A CB  1 
ATOM   1106 C  CG  . LYS A 1 146 ? -1.083  -12.426 -10.720 1.00 21.39 ? 146 LYS A CG  1 
ATOM   1107 C  CD  . LYS A 1 146 ? 0.242   -12.477 -11.465 1.00 21.94 ? 146 LYS A CD  1 
ATOM   1108 N  N   . LYS A 1 147 ? -2.411  -12.536 -7.073  1.00 22.41 ? 147 LYS A N   1 
ATOM   1109 C  CA  . LYS A 1 147 ? -2.791  -13.652 -6.212  1.00 23.20 ? 147 LYS A CA  1 
ATOM   1110 C  C   . LYS A 1 147 ? -4.293  -13.646 -5.927  1.00 23.16 ? 147 LYS A C   1 
ATOM   1111 O  O   . LYS A 1 147 ? -4.930  -14.698 -5.922  1.00 23.08 ? 147 LYS A O   1 
ATOM   1112 C  CB  . LYS A 1 147 ? -1.997  -13.620 -4.900  1.00 23.12 ? 147 LYS A CB  1 
ATOM   1113 C  CG  . LYS A 1 147 ? -2.176  -14.857 -4.036  1.00 24.42 ? 147 LYS A CG  1 
ATOM   1114 C  CD  . LYS A 1 147 ? -1.548  -14.685 -2.660  1.00 24.54 ? 147 LYS A CD  1 
ATOM   1115 C  CE  . LYS A 1 147 ? -1.752  -15.931 -1.800  1.00 26.55 ? 147 LYS A CE  1 
ATOM   1116 N  NZ  . LYS A 1 147 ? -0.876  -17.062 -2.221  1.00 26.70 ? 147 LYS A NZ  1 
ATOM   1117 N  N   . LEU A 1 148 ? -4.850  -12.455 -5.706  1.00 22.92 ? 148 LEU A N   1 
ATOM   1118 C  CA  . LEU A 1 148 ? -6.283  -12.306 -5.437  1.00 22.70 ? 148 LEU A CA  1 
ATOM   1119 C  C   . LEU A 1 148 ? -7.151  -12.389 -6.701  1.00 22.66 ? 148 LEU A C   1 
ATOM   1120 O  O   . LEU A 1 148 ? -8.347  -12.093 -6.659  1.00 22.83 ? 148 LEU A O   1 
ATOM   1121 C  CB  . LEU A 1 148 ? -6.552  -11.005 -4.667  1.00 22.65 ? 148 LEU A CB  1 
ATOM   1122 C  CG  . LEU A 1 148 ? -5.895  -10.851 -3.286  1.00 22.26 ? 148 LEU A CG  1 
ATOM   1123 C  CD1 . LEU A 1 148 ? -6.168  -9.476  -2.690  1.00 20.74 ? 148 LEU A CD1 1 
ATOM   1124 C  CD2 . LEU A 1 148 ? -6.303  -11.968 -2.314  1.00 22.05 ? 148 LEU A CD2 1 
ATOM   1125 N  N   . ASN A 1 149 ? -6.530  -12.794 -7.812  1.00 22.65 ? 149 ASN A N   1 
ATOM   1126 C  CA  . ASN A 1 149 ? -7.187  -13.022 -9.114  1.00 22.41 ? 149 ASN A CA  1 
ATOM   1127 C  C   . ASN A 1 149 ? -7.773  -11.773 -9.792  1.00 21.86 ? 149 ASN A C   1 
ATOM   1128 O  O   . ASN A 1 149 ? -8.830  -11.840 -10.420 1.00 21.88 ? 149 ASN A O   1 
ATOM   1129 C  CB  . ASN A 1 149 ? -8.235  -14.151 -9.030  1.00 22.99 ? 149 ASN A CB  1 
ATOM   1130 C  CG  . ASN A 1 149 ? -8.541  -14.776 -10.392 1.00 24.22 ? 149 ASN A CG  1 
ATOM   1131 O  OD1 . ASN A 1 149 ? -7.633  -15.162 -11.131 0.50 24.61 ? 149 ASN A OD1 1 
ATOM   1132 N  ND2 . ASN A 1 149 ? -9.826  -14.885 -10.719 1.00 26.25 ? 149 ASN A ND2 1 
ATOM   1133 N  N   . CYS A 1 150 ? -7.083  -10.640 -9.673  1.00 20.86 ? 150 CYS A N   1 
ATOM   1134 C  CA  . CYS A 1 150 ? -7.516  -9.431  -10.367 1.00 20.04 ? 150 CYS A CA  1 
ATOM   1135 C  C   . CYS A 1 150 ? -7.258  -9.563  -11.861 1.00 19.82 ? 150 CYS A C   1 
ATOM   1136 O  O   . CYS A 1 150 ? -6.261  -10.169 -12.280 1.00 19.48 ? 150 CYS A O   1 
ATOM   1137 C  CB  . CYS A 1 150 ? -6.820  -8.188  -9.809  1.00 19.99 ? 150 CYS A CB  1 
ATOM   1138 S  SG  . CYS A 1 150 ? -7.337  -7.764  -8.128  1.00 19.09 ? 150 CYS A SG  1 
ATOM   1139 N  N   . TYR A 1 151 ? -8.170  -9.012  -12.655 1.00 18.93 ? 151 TYR A N   1 
ATOM   1140 C  CA  . TYR A 1 151 ? -8.040  -9.007  -14.107 1.00 18.80 ? 151 TYR A CA  1 
ATOM   1141 C  C   . TYR A 1 151 ? -6.961  -8.004  -14.520 1.00 18.49 ? 151 TYR A C   1 
ATOM   1142 O  O   . TYR A 1 151 ? -6.186  -8.239  -15.456 1.00 18.18 ? 151 TYR A O   1 
ATOM   1143 C  CB  . TYR A 1 151 ? -9.387  -8.661  -14.746 1.00 18.78 ? 151 TYR A CB  1 
ATOM   1144 C  CG  . TYR A 1 151 ? -9.358  -8.518  -16.250 1.00 19.13 ? 151 TYR A CG  1 
ATOM   1145 C  CD1 . TYR A 1 151 ? -9.636  -9.608  -17.076 1.00 19.49 ? 151 TYR A CD1 1 
ATOM   1146 C  CD2 . TYR A 1 151 ? -9.076  -7.290  -16.845 1.00 19.08 ? 151 TYR A CD2 1 
ATOM   1147 C  CE1 . TYR A 1 151 ? -9.614  -9.481  -18.453 1.00 20.42 ? 151 TYR A CE1 1 
ATOM   1148 C  CE2 . TYR A 1 151 ? -9.051  -7.150  -18.226 1.00 19.65 ? 151 TYR A CE2 1 
ATOM   1149 C  CZ  . TYR A 1 151 ? -9.320  -8.250  -19.022 1.00 19.89 ? 151 TYR A CZ  1 
ATOM   1150 O  OH  . TYR A 1 151 ? -9.303  -8.121  -20.387 1.00 20.25 ? 151 TYR A OH  1 
ATOM   1151 N  N   . LYS A 1 152 ? -6.930  -6.879  -13.810 1.00 17.82 ? 152 LYS A N   1 
ATOM   1152 C  CA  . LYS A 1 152 ? -5.942  -5.830  -14.039 1.00 17.55 ? 152 LYS A CA  1 
ATOM   1153 C  C   . LYS A 1 152 ? -5.764  -4.997  -12.773 1.00 16.89 ? 152 LYS A C   1 
ATOM   1154 O  O   . LYS A 1 152 ? -6.550  -5.108  -11.825 1.00 16.93 ? 152 LYS A O   1 
ATOM   1155 C  CB  . LYS A 1 152 ? -6.342  -4.944  -15.233 1.00 17.29 ? 152 LYS A CB  1 
ATOM   1156 C  CG  . LYS A 1 152 ? -7.552  -4.049  -15.017 1.00 17.98 ? 152 LYS A CG  1 
ATOM   1157 C  CD  . LYS A 1 152 ? -7.790  -3.187  -16.250 1.00 18.73 ? 152 LYS A CD  1 
ATOM   1158 C  CE  . LYS A 1 152 ? -8.876  -2.153  -16.020 1.00 20.56 ? 152 LYS A CE  1 
ATOM   1159 N  NZ  . LYS A 1 152 ? -9.296  -1.535  -17.313 0.60 21.20 ? 152 LYS A NZ  1 
ATOM   1160 N  N   . ILE A 1 153 ? -4.717  -4.185  -12.763 1.00 16.30 ? 153 ILE A N   1 
ATOM   1161 C  CA  . ILE A 1 153 ? -4.440  -3.275  -11.656 1.00 15.52 ? 153 ILE A CA  1 
ATOM   1162 C  C   . ILE A 1 153 ? -4.024  -1.930  -12.244 1.00 15.30 ? 153 ILE A C   1 
ATOM   1163 O  O   . ILE A 1 153 ? -3.307  -1.869  -13.248 1.00 14.42 ? 153 ILE A O   1 
ATOM   1164 C  CB  . ILE A 1 153 ? -3.387  -3.853  -10.652 1.00 15.74 ? 153 ILE A CB  1 
ATOM   1165 C  CG1 . ILE A 1 153 ? -3.141  -2.874  -9.488  1.00 16.20 ? 153 ILE A CG1 1 
ATOM   1166 C  CG2 . ILE A 1 153 ? -2.086  -4.242  -11.359 1.00 16.08 ? 153 ILE A CG2 1 
ATOM   1167 C  CD1 . ILE A 1 153 ? -2.486  -3.494  -8.252  1.00 14.89 ? 153 ILE A CD1 1 
ATOM   1168 N  N   . THR A 1 154 ? -4.517  -0.852  -11.645 1.00 15.06 ? 154 THR A N   1 
ATOM   1169 C  CA  . THR A 1 154 ? -4.251  0.481   -12.164 1.00 14.95 ? 154 THR A CA  1 
ATOM   1170 C  C   . THR A 1 154 ? -3.849  1.457   -11.062 1.00 14.99 ? 154 THR A C   1 
ATOM   1171 O  O   . THR A 1 154 ? -4.080  1.211   -9.872  1.00 14.55 ? 154 THR A O   1 
ATOM   1172 C  CB  . THR A 1 154 ? -5.470  1.061   -12.947 1.00 15.29 ? 154 THR A CB  1 
ATOM   1173 O  OG1 . THR A 1 154 ? -6.547  1.318   -12.044 1.00 15.28 ? 154 THR A OG1 1 
ATOM   1174 C  CG2 . THR A 1 154 ? -5.938  0.115   -14.055 1.00 14.86 ? 154 THR A CG2 1 
ATOM   1175 N  N   . LEU A 1 155 ? -3.244  2.564   -11.481 1.00 15.00 ? 155 LEU A N   1 
ATOM   1176 C  CA  . LEU A 1 155 ? -2.869  3.656   -10.594 1.00 15.24 ? 155 LEU A CA  1 
ATOM   1177 C  C   . LEU A 1 155 ? -2.722  4.930   -11.420 1.00 15.62 ? 155 LEU A C   1 
ATOM   1178 O  O   . LEU A 1 155 ? -2.710  4.879   -12.653 1.00 15.57 ? 155 LEU A O   1 
ATOM   1179 C  CB  . LEU A 1 155 ? -1.555  3.327   -9.853  1.00 15.17 ? 155 LEU A CB  1 
ATOM   1180 C  CG  . LEU A 1 155 ? -0.324  2.926   -10.681 1.00 14.43 ? 155 LEU A CG  1 
ATOM   1181 C  CD1 . LEU A 1 155 ? 0.465   4.147   -11.171 1.00 13.61 ? 155 LEU A CD1 1 
ATOM   1182 C  CD2 . LEU A 1 155 ? 0.580   1.997   -9.884  1.00 14.18 ? 155 LEU A CD2 1 
ATOM   1183 N  N   . ALA A 1 156 ? -2.617  6.063   -10.732 1.00 16.06 ? 156 ALA A N   1 
ATOM   1184 C  CA  . ALA A 1 156 ? -2.316  7.340   -11.361 1.00 16.68 ? 156 ALA A CA  1 
ATOM   1185 C  C   . ALA A 1 156 ? -1.046  7.922   -10.754 1.00 17.01 ? 156 ALA A C   1 
ATOM   1186 O  O   . ALA A 1 156 ? -0.772  7.746   -9.563  1.00 16.70 ? 156 ALA A O   1 
ATOM   1187 C  CB  . ALA A 1 156 ? -3.486  8.319   -11.202 1.00 17.01 ? 156 ALA A CB  1 
ATOM   1188 N  N   . CYS A 1 157 ? -0.262  8.591   -11.588 1.00 17.29 ? 157 CYS A N   1 
ATOM   1189 C  CA  . CYS A 1 157 ? 0.983   9.213   -11.146 1.00 18.15 ? 157 CYS A CA  1 
ATOM   1190 C  C   . CYS A 1 157 ? 1.312   10.387  -12.054 1.00 18.46 ? 157 CYS A C   1 
ATOM   1191 O  O   . CYS A 1 157 ? 0.830   10.458  -13.181 1.00 18.49 ? 157 CYS A O   1 
ATOM   1192 C  CB  . CYS A 1 157 ? 2.139   8.199   -11.134 1.00 17.88 ? 157 CYS A CB  1 
ATOM   1193 S  SG  . CYS A 1 157 ? 2.683   7.586   -12.760 1.00 18.61 ? 157 CYS A SG  1 
ATOM   1194 N  N   . LEU A 1 158 ? 2.124   11.310  -11.551 1.00 19.29 ? 158 LEU A N   1 
ATOM   1195 C  CA  . LEU A 1 158 ? 2.627   12.414  -12.364 1.00 19.92 ? 158 LEU A CA  1 
ATOM   1196 C  C   . LEU A 1 158 ? 3.663   11.886  -13.369 1.00 19.93 ? 158 LEU A C   1 
ATOM   1197 O  O   . LEU A 1 158 ? 4.241   10.817  -13.147 1.00 19.84 ? 158 LEU A O   1 
ATOM   1198 C  CB  . LEU A 1 158 ? 3.190   13.523  -11.461 1.00 20.29 ? 158 LEU A CB  1 
ATOM   1199 C  CG  . LEU A 1 158 ? 2.129   14.328  -10.690 1.00 21.43 ? 158 LEU A CG  1 
ATOM   1200 C  CD1 . LEU A 1 158 ? 2.759   15.174  -9.591  1.00 22.62 ? 158 LEU A CD1 1 
ATOM   1201 C  CD2 . LEU A 1 158 ? 1.288   15.206  -11.621 1.00 21.34 ? 158 LEU A CD2 1 
ATOM   1202 N  N   . PRO A 1 159 ? 3.883   12.613  -14.489 1.00 20.22 ? 159 PRO A N   1 
ATOM   1203 C  CA  . PRO A 1 159 ? 4.767   12.125  -15.560 1.00 20.20 ? 159 PRO A CA  1 
ATOM   1204 C  C   . PRO A 1 159 ? 6.171   11.701  -15.103 1.00 19.96 ? 159 PRO A C   1 
ATOM   1205 O  O   . PRO A 1 159 ? 6.700   10.706  -15.600 1.00 19.66 ? 159 PRO A O   1 
ATOM   1206 C  CB  . PRO A 1 159 ? 4.853   13.324  -16.512 1.00 20.63 ? 159 PRO A CB  1 
ATOM   1207 C  CG  . PRO A 1 159 ? 3.578   14.047  -16.299 1.00 20.67 ? 159 PRO A CG  1 
ATOM   1208 C  CD  . PRO A 1 159 ? 3.306   13.926  -14.830 1.00 20.33 ? 159 PRO A CD  1 
ATOM   1209 N  N   . GLN A 1 160 ? 6.751   12.436  -14.156 1.00 19.87 ? 160 GLN A N   1 
ATOM   1210 C  CA  . GLN A 1 160 ? 8.131   12.186  -13.715 1.00 19.67 ? 160 GLN A CA  1 
ATOM   1211 C  C   . GLN A 1 160 ? 8.303   10.842  -13.000 1.00 19.54 ? 160 GLN A C   1 
ATOM   1212 O  O   . GLN A 1 160 ? 9.426   10.378  -12.785 1.00 19.43 ? 160 GLN A O   1 
ATOM   1213 C  CB  . GLN A 1 160 ? 8.649   13.345  -12.843 1.00 19.71 ? 160 GLN A CB  1 
ATOM   1214 C  CG  . GLN A 1 160 ? 7.999   13.476  -11.455 1.00 19.84 ? 160 GLN A CG  1 
ATOM   1215 C  CD  . GLN A 1 160 ? 6.784   14.411  -11.408 1.00 19.70 ? 160 GLN A CD  1 
ATOM   1216 O  OE1 . GLN A 1 160 ? 6.315   14.764  -10.327 1.00 21.76 ? 160 GLN A OE1 1 
ATOM   1217 N  NE2 . GLN A 1 160 ? 6.278   14.810  -12.568 1.00 18.17 ? 160 GLN A NE2 1 
ATOM   1218 N  N   . ASN A 1 161 ? 7.184   10.213  -12.653 1.00 19.35 ? 161 ASN A N   1 
ATOM   1219 C  CA  . ASN A 1 161 ? 7.214   8.984   -11.868 1.00 19.21 ? 161 ASN A CA  1 
ATOM   1220 C  C   . ASN A 1 161 ? 6.799   7.733   -12.640 1.00 19.27 ? 161 ASN A C   1 
ATOM   1221 O  O   . ASN A 1 161 ? 6.780   6.637   -12.086 1.00 18.98 ? 161 ASN A O   1 
ATOM   1222 C  CB  . ASN A 1 161 ? 6.397   9.171   -10.590 1.00 19.14 ? 161 ASN A CB  1 
ATOM   1223 C  CG  . ASN A 1 161 ? 7.028   10.186  -9.652  1.00 19.29 ? 161 ASN A CG  1 
ATOM   1224 O  OD1 . ASN A 1 161 ? 8.255   10.246  -9.527  1.00 18.96 ? 161 ASN A OD1 1 
ATOM   1225 N  ND2 . ASN A 1 161 ? 6.197   10.997  -8.998  1.00 19.47 ? 161 ASN A ND2 1 
ATOM   1226 N  N   . VAL A 1 162 ? 6.488   7.916   -13.922 1.00 19.51 ? 162 VAL A N   1 
ATOM   1227 C  CA  . VAL A 1 162 ? 6.130   6.823   -14.827 1.00 20.12 ? 162 VAL A CA  1 
ATOM   1228 C  C   . VAL A 1 162 ? 7.209   5.734   -14.827 1.00 20.34 ? 162 VAL A C   1 
ATOM   1229 O  O   . VAL A 1 162 ? 6.897   4.550   -14.673 1.00 20.52 ? 162 VAL A O   1 
ATOM   1230 C  CB  . VAL A 1 162 ? 5.865   7.345   -16.264 1.00 20.02 ? 162 VAL A CB  1 
ATOM   1231 C  CG1 . VAL A 1 162 ? 5.838   6.201   -17.283 1.00 20.89 ? 162 VAL A CG1 1 
ATOM   1232 C  CG2 . VAL A 1 162 ? 4.566   8.136   -16.317 1.00 19.98 ? 162 VAL A CG2 1 
ATOM   1233 N  N   . GLY A 1 163 ? 8.469   6.151   -14.974 1.00 20.44 ? 163 GLY A N   1 
ATOM   1234 C  CA  . GLY A 1 163 ? 9.615   5.244   -14.973 1.00 20.34 ? 163 GLY A CA  1 
ATOM   1235 C  C   . GLY A 1 163 ? 9.680   4.298   -13.787 1.00 20.45 ? 163 GLY A C   1 
ATOM   1236 O  O   . GLY A 1 163 ? 10.034  3.130   -13.946 1.00 20.53 ? 163 GLY A O   1 
ATOM   1237 N  N   . PHE A 1 164 ? 9.345   4.807   -12.599 1.00 20.11 ? 164 PHE A N   1 
ATOM   1238 C  CA  . PHE A 1 164 ? 9.287   4.001   -11.378 1.00 20.22 ? 164 PHE A CA  1 
ATOM   1239 C  C   . PHE A 1 164 ? 8.287   2.850   -11.504 1.00 20.23 ? 164 PHE A C   1 
ATOM   1240 O  O   . PHE A 1 164 ? 8.617   1.697   -11.223 1.00 20.20 ? 164 PHE A O   1 
ATOM   1241 C  CB  . PHE A 1 164 ? 8.944   4.885   -10.166 1.00 20.05 ? 164 PHE A CB  1 
ATOM   1242 C  CG  . PHE A 1 164 ? 8.711   4.118   -8.891  1.00 20.96 ? 164 PHE A CG  1 
ATOM   1243 C  CD1 . PHE A 1 164 ? 9.784   3.622   -8.151  1.00 21.57 ? 164 PHE A CD1 1 
ATOM   1244 C  CD2 . PHE A 1 164 ? 7.417   3.901   -8.419  1.00 21.00 ? 164 PHE A CD2 1 
ATOM   1245 C  CE1 . PHE A 1 164 ? 9.569   2.915   -6.972  1.00 22.20 ? 164 PHE A CE1 1 
ATOM   1246 C  CE2 . PHE A 1 164 ? 7.192   3.198   -7.237  1.00 21.25 ? 164 PHE A CE2 1 
ATOM   1247 C  CZ  . PHE A 1 164 ? 8.268   2.707   -6.511  1.00 21.28 ? 164 PHE A CZ  1 
ATOM   1248 N  N   . TYR A 1 165 ? 7.075   3.169   -11.949 1.00 20.30 ? 165 TYR A N   1 
ATOM   1249 C  CA  . TYR A 1 165 ? 5.992   2.187   -12.006 1.00 20.33 ? 165 TYR A CA  1 
ATOM   1250 C  C   . TYR A 1 165 ? 6.134   1.163   -13.133 1.00 20.55 ? 165 TYR A C   1 
ATOM   1251 O  O   . TYR A 1 165 ? 5.625   0.047   -13.025 1.00 20.28 ? 165 TYR A O   1 
ATOM   1252 C  CB  . TYR A 1 165 ? 4.632   2.895   -12.046 1.00 20.17 ? 165 TYR A CB  1 
ATOM   1253 C  CG  . TYR A 1 165 ? 4.315   3.625   -10.754 1.00 20.10 ? 165 TYR A CG  1 
ATOM   1254 C  CD1 . TYR A 1 165 ? 4.016   2.916   -9.593  1.00 19.52 ? 165 TYR A CD1 1 
ATOM   1255 C  CD2 . TYR A 1 165 ? 4.326   5.021   -10.689 1.00 19.65 ? 165 TYR A CD2 1 
ATOM   1256 C  CE1 . TYR A 1 165 ? 3.724   3.568   -8.403  1.00 20.21 ? 165 TYR A CE1 1 
ATOM   1257 C  CE2 . TYR A 1 165 ? 4.041   5.689   -9.494  1.00 19.96 ? 165 TYR A CE2 1 
ATOM   1258 C  CZ  . TYR A 1 165 ? 3.734   4.951   -8.357  1.00 20.72 ? 165 TYR A CZ  1 
ATOM   1259 O  OH  . TYR A 1 165 ? 3.446   5.573   -7.163  1.00 20.96 ? 165 TYR A OH  1 
ATOM   1260 N  N   . LYS A 1 166 ? 6.855   1.532   -14.192 1.00 20.71 ? 166 LYS A N   1 
ATOM   1261 C  CA  . LYS A 1 166 ? 7.162   0.605   -15.286 1.00 21.56 ? 166 LYS A CA  1 
ATOM   1262 C  C   . LYS A 1 166 ? 7.980   -0.613  -14.827 1.00 21.22 ? 166 LYS A C   1 
ATOM   1263 O  O   . LYS A 1 166 ? 7.936   -1.669  -15.462 1.00 21.04 ? 166 LYS A O   1 
ATOM   1264 C  CB  . LYS A 1 166 ? 7.877   1.327   -16.435 1.00 21.61 ? 166 LYS A CB  1 
ATOM   1265 C  CG  . LYS A 1 166 ? 6.991   2.305   -17.195 1.00 22.65 ? 166 LYS A CG  1 
ATOM   1266 C  CD  . LYS A 1 166 ? 7.719   2.968   -18.361 1.00 23.34 ? 166 LYS A CD  1 
ATOM   1267 C  CE  . LYS A 1 166 ? 7.697   2.095   -19.610 1.00 26.25 ? 166 LYS A CE  1 
ATOM   1268 N  NZ  . LYS A 1 166 ? 8.285   2.793   -20.793 1.00 28.96 ? 166 LYS A NZ  1 
ATOM   1269 N  N   . LYS A 1 167 ? 8.696   -0.463  -13.713 1.00 21.00 ? 167 LYS A N   1 
ATOM   1270 C  CA  . LYS A 1 167 ? 9.497   -1.545  -13.122 1.00 21.28 ? 167 LYS A CA  1 
ATOM   1271 C  C   . LYS A 1 167 ? 8.658   -2.750  -12.663 1.00 20.69 ? 167 LYS A C   1 
ATOM   1272 O  O   . LYS A 1 167 ? 9.171   -3.874  -12.556 1.00 20.60 ? 167 LYS A O   1 
ATOM   1273 C  CB  . LYS A 1 167 ? 10.323  -1.017  -11.943 1.00 21.16 ? 167 LYS A CB  1 
ATOM   1274 C  CG  . LYS A 1 167 ? 11.335  0.049   -12.319 1.00 22.29 ? 167 LYS A CG  1 
ATOM   1275 C  CD  . LYS A 1 167 ? 12.014  0.638   -11.091 1.00 22.55 ? 167 LYS A CD  1 
ATOM   1276 C  CE  . LYS A 1 167 ? 12.851  1.855   -11.464 1.00 25.03 ? 167 LYS A CE  1 
ATOM   1277 N  NZ  . LYS A 1 167 ? 13.981  1.515   -12.374 1.00 26.54 ? 167 LYS A NZ  1 
ATOM   1278 N  N   . PHE A 1 168 ? 7.375   -2.506  -12.403 1.00 19.68 ? 168 PHE A N   1 
ATOM   1279 C  CA  . PHE A 1 168 ? 6.461   -3.531  -11.888 1.00 19.08 ? 168 PHE A CA  1 
ATOM   1280 C  C   . PHE A 1 168 ? 5.471   -4.033  -12.950 1.00 18.91 ? 168 PHE A C   1 
ATOM   1281 O  O   . PHE A 1 168 ? 4.509   -4.740  -12.639 1.00 18.92 ? 168 PHE A O   1 
ATOM   1282 C  CB  . PHE A 1 168 ? 5.724   -2.993  -10.653 1.00 18.71 ? 168 PHE A CB  1 
ATOM   1283 C  CG  . PHE A 1 168 ? 6.602   -2.187  -9.735  1.00 17.74 ? 168 PHE A CG  1 
ATOM   1284 C  CD1 . PHE A 1 168 ? 7.500   -2.819  -8.875  1.00 17.12 ? 168 PHE A CD1 1 
ATOM   1285 C  CD2 . PHE A 1 168 ? 6.552   -0.799  -9.750  1.00 17.42 ? 168 PHE A CD2 1 
ATOM   1286 C  CE1 . PHE A 1 168 ? 8.326   -2.074  -8.032  1.00 17.05 ? 168 PHE A CE1 1 
ATOM   1287 C  CE2 . PHE A 1 168 ? 7.377   -0.036  -8.914  1.00 17.72 ? 168 PHE A CE2 1 
ATOM   1288 C  CZ  . PHE A 1 168 ? 8.264   -0.676  -8.054  1.00 17.82 ? 168 PHE A CZ  1 
ATOM   1289 N  N   . GLY A 1 169 ? 5.713   -3.659  -14.202 1.00 18.72 ? 169 GLY A N   1 
ATOM   1290 C  CA  . GLY A 1 169 ? 4.894   -4.124  -15.320 1.00 18.62 ? 169 GLY A CA  1 
ATOM   1291 C  C   . GLY A 1 169 ? 3.767   -3.201  -15.741 1.00 18.53 ? 169 GLY A C   1 
ATOM   1292 O  O   . GLY A 1 169 ? 2.962   -3.568  -16.592 1.00 18.88 ? 169 GLY A O   1 
ATOM   1293 N  N   . TYR A 1 170 ? 3.696   -2.008  -15.151 1.00 18.44 ? 170 TYR A N   1 
ATOM   1294 C  CA  . TYR A 1 170 ? 2.681   -1.017  -15.534 1.00 18.54 ? 170 TYR A CA  1 
ATOM   1295 C  C   . TYR A 1 170 ? 3.090   -0.263  -16.793 1.00 19.04 ? 170 TYR A C   1 
ATOM   1296 O  O   . TYR A 1 170 ? 4.270   0.051   -16.987 1.00 19.07 ? 170 TYR A O   1 
ATOM   1297 C  CB  . TYR A 1 170 ? 2.441   0.002   -14.409 1.00 18.20 ? 170 TYR A CB  1 
ATOM   1298 C  CG  . TYR A 1 170 ? 1.868   -0.569  -13.135 1.00 18.08 ? 170 TYR A CG  1 
ATOM   1299 C  CD1 . TYR A 1 170 ? 0.486   -0.587  -12.907 1.00 17.65 ? 170 TYR A CD1 1 
ATOM   1300 C  CD2 . TYR A 1 170 ? 2.704   -1.084  -12.149 1.00 17.85 ? 170 TYR A CD2 1 
ATOM   1301 C  CE1 . TYR A 1 170 ? -0.040  -1.115  -11.729 1.00 17.04 ? 170 TYR A CE1 1 
ATOM   1302 C  CE2 . TYR A 1 170 ? 2.189   -1.609  -10.975 1.00 17.64 ? 170 TYR A CE2 1 
ATOM   1303 C  CZ  . TYR A 1 170 ? 0.822   -1.619  -10.768 1.00 17.31 ? 170 TYR A CZ  1 
ATOM   1304 O  OH  . TYR A 1 170 ? 0.331   -2.143  -9.596  1.00 18.05 ? 170 TYR A OH  1 
ATOM   1305 N  N   . THR A 1 171 ? 2.108   0.045   -17.637 1.00 19.27 ? 171 THR A N   1 
ATOM   1306 C  CA  . THR A 1 171 ? 2.326   0.929   -18.778 1.00 20.05 ? 171 THR A CA  1 
ATOM   1307 C  C   . THR A 1 171 ? 1.330   2.092   -18.770 1.00 20.33 ? 171 THR A C   1 
ATOM   1308 O  O   . THR A 1 171 ? 0.243   1.982   -18.196 1.00 19.96 ? 171 THR A O   1 
ATOM   1309 C  CB  . THR A 1 171 ? 2.238   0.171   -20.132 1.00 20.02 ? 171 THR A CB  1 
ATOM   1310 O  OG1 . THR A 1 171 ? 1.019   -0.572  -20.185 1.00 20.30 ? 171 THR A OG1 1 
ATOM   1311 C  CG2 . THR A 1 171 ? 3.415   -0.784  -20.297 1.00 20.37 ? 171 THR A CG2 1 
ATOM   1312 N  N   . VAL A 1 172 ? 1.712   3.197   -19.409 1.00 20.74 ? 172 VAL A N   1 
ATOM   1313 C  CA  . VAL A 1 172 ? 0.835   4.359   -19.579 1.00 21.37 ? 172 VAL A CA  1 
ATOM   1314 C  C   . VAL A 1 172 ? -0.368  4.003   -20.456 1.00 21.95 ? 172 VAL A C   1 
ATOM   1315 O  O   . VAL A 1 172 ? -0.215  3.537   -21.585 1.00 21.66 ? 172 VAL A O   1 
ATOM   1316 C  CB  . VAL A 1 172 ? 1.588   5.570   -20.197 1.00 21.51 ? 172 VAL A CB  1 
ATOM   1317 C  CG1 . VAL A 1 172 ? 0.684   6.790   -20.260 1.00 21.38 ? 172 VAL A CG1 1 
ATOM   1318 C  CG2 . VAL A 1 172 ? 2.845   5.894   -19.392 1.00 21.89 ? 172 VAL A CG2 1 
ATOM   1319 N  N   . SER A 1 173 ? -1.564  4.218   -19.916 1.00 22.55 ? 173 SER A N   1 
ATOM   1320 C  CA  . SER A 1 173 ? -2.802  3.951   -20.641 1.00 23.28 ? 173 SER A CA  1 
ATOM   1321 C  C   . SER A 1 173 ? -3.093  5.032   -21.672 1.00 23.54 ? 173 SER A C   1 
ATOM   1322 O  O   . SER A 1 173 ? -2.589  6.157   -21.574 1.00 23.55 ? 173 SER A O   1 
ATOM   1323 C  CB  . SER A 1 173 ? -3.976  3.844   -19.665 1.00 23.32 ? 173 SER A CB  1 
ATOM   1324 O  OG  . SER A 1 173 ? -5.219  3.837   -20.348 1.00 24.17 ? 173 SER A OG  1 
ATOM   1325 N  N   . GLU A 1 174 ? -3.919  4.677   -22.652 1.00 23.97 ? 174 GLU A N   1 
ATOM   1326 C  CA  . GLU A 1 174 ? -4.418  5.629   -23.636 1.00 24.29 ? 174 GLU A CA  1 
ATOM   1327 C  C   . GLU A 1 174 ? -5.460  6.558   -23.007 1.00 24.32 ? 174 GLU A C   1 
ATOM   1328 O  O   . GLU A 1 174 ? -5.673  7.679   -23.474 1.00 24.31 ? 174 GLU A O   1 
ATOM   1329 C  CB  . GLU A 1 174 ? -5.022  4.890   -24.832 1.00 24.42 ? 174 GLU A CB  1 
ATOM   1330 C  CG  . GLU A 1 174 ? -4.009  4.130   -25.684 1.00 25.31 ? 174 GLU A CG  1 
ATOM   1331 N  N   . GLU A 1 175 ? -6.098  6.089   -21.938 1.00 24.13 ? 175 GLU A N   1 
ATOM   1332 C  CA  . GLU A 1 175 ? -7.153  6.858   -21.280 1.00 24.20 ? 175 GLU A CA  1 
ATOM   1333 C  C   . GLU A 1 175 ? -6.608  8.017   -20.455 1.00 23.95 ? 175 GLU A C   1 
ATOM   1334 O  O   . GLU A 1 175 ? -5.563  7.899   -19.815 1.00 23.79 ? 175 GLU A O   1 
ATOM   1335 C  CB  . GLU A 1 175 ? -8.027  5.941   -20.423 1.00 24.43 ? 175 GLU A CB  1 
ATOM   1336 C  CG  . GLU A 1 175 ? -8.918  5.032   -21.259 1.00 25.60 ? 175 GLU A CG  1 
ATOM   1337 C  CD  . GLU A 1 175 ? -9.398  3.809   -20.518 1.00 27.47 ? 175 GLU A CD  1 
ATOM   1338 O  OE1 . GLU A 1 175 ? -10.046 3.960   -19.462 1.00 28.52 ? 175 GLU A OE1 1 
ATOM   1339 O  OE2 . GLU A 1 175 ? -9.145  2.690   -21.008 0.50 28.31 ? 175 GLU A OE2 1 
ATOM   1340 N  N   . ASN A 1 176 ? -7.320  9.141   -20.503 1.00 23.80 ? 176 ASN A N   1 
ATOM   1341 C  CA  . ASN A 1 176 ? -7.026  10.294  -19.667 1.00 24.07 ? 176 ASN A CA  1 
ATOM   1342 C  C   . ASN A 1 176 ? -7.674  10.156  -18.297 1.00 23.65 ? 176 ASN A C   1 
ATOM   1343 O  O   . ASN A 1 176 ? -8.761  9.600   -18.166 1.00 23.58 ? 176 ASN A O   1 
ATOM   1344 C  CB  . ASN A 1 176 ? -7.514  11.588  -20.325 1.00 24.38 ? 176 ASN A CB  1 
ATOM   1345 C  CG  . ASN A 1 176 ? -6.714  11.958  -21.559 1.00 26.26 ? 176 ASN A CG  1 
ATOM   1346 O  OD1 . ASN A 1 176 ? -5.483  12.055  -21.518 1.00 29.49 ? 176 ASN A OD1 1 
ATOM   1347 N  ND2 . ASN A 1 176 ? -7.410  12.176  -22.661 1.00 27.13 ? 176 ASN A ND2 1 
ATOM   1348 N  N   . TYR A 1 177 ? -6.987  10.671  -17.288 1.00 23.09 ? 177 TYR A N   1 
ATOM   1349 C  CA  . TYR A 1 177 ? -7.472  10.689  -15.921 1.00 23.00 ? 177 TYR A CA  1 
ATOM   1350 C  C   . TYR A 1 177 ? -8.160  12.035  -15.707 1.00 22.50 ? 177 TYR A C   1 
ATOM   1351 O  O   . TYR A 1 177 ? -7.556  13.086  -15.911 1.00 22.50 ? 177 TYR A O   1 
ATOM   1352 C  CB  . TYR A 1 177 ? -6.271  10.501  -14.981 1.00 23.19 ? 177 TYR A CB  1 
ATOM   1353 C  CG  . TYR A 1 177 ? -6.560  10.394  -13.499 1.00 23.27 ? 177 TYR A CG  1 
ATOM   1354 C  CD1 . TYR A 1 177 ? -7.373  9.382   -12.983 1.00 24.02 ? 177 TYR A CD1 1 
ATOM   1355 C  CD2 . TYR A 1 177 ? -5.965  11.279  -12.601 1.00 23.87 ? 177 TYR A CD2 1 
ATOM   1356 C  CE1 . TYR A 1 177 ? -7.611  9.288   -11.609 1.00 23.75 ? 177 TYR A CE1 1 
ATOM   1357 C  CE2 . TYR A 1 177 ? -6.193  11.193  -11.236 1.00 23.76 ? 177 TYR A CE2 1 
ATOM   1358 C  CZ  . TYR A 1 177 ? -7.010  10.198  -10.743 1.00 23.98 ? 177 TYR A CZ  1 
ATOM   1359 O  OH  . TYR A 1 177 ? -7.226  10.125  -9.381  1.00 23.83 ? 177 TYR A OH  1 
ATOM   1360 N  N   . MET A 1 178 ? -9.438  11.996  -15.346 1.00 22.09 ? 178 MET A N   1 
ATOM   1361 C  CA  . MET A 1 178 ? -10.211 13.219  -15.133 1.00 22.28 ? 178 MET A CA  1 
ATOM   1362 C  C   . MET A 1 178 ? -10.707 13.313  -13.695 1.00 21.64 ? 178 MET A C   1 
ATOM   1363 O  O   . MET A 1 178 ? -10.967 12.293  -13.057 1.00 21.20 ? 178 MET A O   1 
ATOM   1364 C  CB  . MET A 1 178 ? -11.377 13.300  -16.121 1.00 22.19 ? 178 MET A CB  1 
ATOM   1365 C  CG  . MET A 1 178 ? -10.937 13.476  -17.578 1.00 22.60 ? 178 MET A CG  1 
ATOM   1366 S  SD  . MET A 1 178 ? -12.312 13.946  -18.627 0.90 24.37 ? 178 MET A SD  1 
ATOM   1367 C  CE  . MET A 1 178 ? -12.532 15.660  -18.152 1.00 23.01 ? 178 MET A CE  1 
ATOM   1368 N  N   . CYS A 1 179 ? -10.849 14.541  -13.197 1.00 21.28 ? 179 CYS A N   1 
ATOM   1369 C  CA  . CYS A 1 179 ? -11.151 14.774  -11.788 1.00 21.09 ? 179 CYS A CA  1 
ATOM   1370 C  C   . CYS A 1 179 ? -12.060 15.986  -11.567 1.00 21.52 ? 179 CYS A C   1 
ATOM   1371 O  O   . CYS A 1 179 ? -12.001 16.967  -12.315 1.00 20.94 ? 179 CYS A O   1 
ATOM   1372 C  CB  . CYS A 1 179 ? -9.841  14.952  -11.005 1.00 21.29 ? 179 CYS A CB  1 
ATOM   1373 S  SG  . CYS A 1 179 ? -10.028 15.309  -9.233  0.50 21.04 ? 179 CYS A SG  1 
ATOM   1374 N  N   . ARG A 1 180 ? -12.904 15.900  -10.540 1.00 21.89 ? 180 ARG A N   1 
ATOM   1375 C  CA  . ARG A 1 180 ? -13.635 17.064  -10.033 1.00 22.86 ? 180 ARG A CA  1 
ATOM   1376 C  C   . ARG A 1 180 ? -13.520 17.130  -8.518  1.00 23.40 ? 180 ARG A C   1 
ATOM   1377 O  O   . ARG A 1 180 ? -14.007 16.243  -7.811  1.00 22.96 ? 180 ARG A O   1 
ATOM   1378 C  CB  . ARG A 1 180 ? -15.113 17.043  -10.442 1.00 22.71 ? 180 ARG A CB  1 
ATOM   1379 C  CG  . ARG A 1 180 ? -15.885 18.257  -9.925  1.00 23.17 ? 180 ARG A CG  1 
ATOM   1380 C  CD  . ARG A 1 180 ? -17.357 18.190  -10.247 1.00 23.88 ? 180 ARG A CD  1 
ATOM   1381 N  NE  . ARG A 1 180 ? -18.095 19.223  -9.518  1.00 24.34 ? 180 ARG A NE  1 
ATOM   1382 C  CZ  . ARG A 1 180 ? -19.394 19.472  -9.659  1.00 24.87 ? 180 ARG A CZ  1 
ATOM   1383 N  NH1 . ARG A 1 180 ? -20.130 18.774  -10.517 1.00 24.63 ? 180 ARG A NH1 1 
ATOM   1384 N  NH2 . ARG A 1 180 ? -19.960 20.432  -8.940  1.00 25.33 ? 180 ARG A NH2 1 
ATOM   1385 N  N   . ARG A 1 181 ? -12.856 18.175  -8.030  1.00 24.23 ? 181 ARG A N   1 
ATOM   1386 C  CA  . ARG A 1 181 ? -12.772 18.428  -6.600  1.00 25.38 ? 181 ARG A CA  1 
ATOM   1387 C  C   . ARG A 1 181 ? -13.932 19.337  -6.221  1.00 25.55 ? 181 ARG A C   1 
ATOM   1388 O  O   . ARG A 1 181 ? -14.111 20.403  -6.816  1.00 25.99 ? 181 ARG A O   1 
ATOM   1389 C  CB  . ARG A 1 181 ? -11.421 19.055  -6.215  1.00 25.29 ? 181 ARG A CB  1 
ATOM   1390 C  CG  . ARG A 1 181 ? -11.165 19.047  -4.711  1.00 26.14 ? 181 ARG A CG  1 
ATOM   1391 C  CD  . ARG A 1 181 ? -9.771  19.536  -4.328  1.00 26.37 ? 181 ARG A CD  1 
ATOM   1392 N  NE  . ARG A 1 181 ? -9.716  20.984  -4.111  1.00 28.43 ? 181 ARG A NE  1 
ATOM   1393 C  CZ  . ARG A 1 181 ? -10.197 21.611  -3.038  0.50 28.28 ? 181 ARG A CZ  1 
ATOM   1394 N  NH1 . ARG A 1 181 ? -10.791 20.933  -2.060  1.00 28.13 ? 181 ARG A NH1 1 
ATOM   1395 N  NH2 . ARG A 1 181 ? -10.094 22.930  -2.947  0.50 28.81 ? 181 ARG A NH2 1 
ATOM   1396 N  N   . PHE A 1 182 ? -14.723 18.908  -5.246  1.00 25.74 ? 182 PHE A N   1 
ATOM   1397 C  CA  . PHE A 1 182 ? -15.916 19.644  -4.845  1.00 26.14 ? 182 PHE A CA  1 
ATOM   1398 C  C   . PHE A 1 182 ? -15.550 20.872  -4.015  1.00 26.76 ? 182 PHE A C   1 
ATOM   1399 O  O   . PHE A 1 182 ? -15.071 20.750  -2.887  1.00 26.98 ? 182 PHE A O   1 
ATOM   1400 C  CB  . PHE A 1 182 ? -16.893 18.731  -4.092  1.00 25.70 ? 182 PHE A CB  1 
ATOM   1401 C  CG  . PHE A 1 182 ? -17.463 17.621  -4.936  1.00 25.22 ? 182 PHE A CG  1 
ATOM   1402 C  CD1 . PHE A 1 182 ? -18.293 17.906  -6.017  1.00 24.89 ? 182 PHE A CD1 1 
ATOM   1403 C  CD2 . PHE A 1 182 ? -17.171 16.292  -4.650  1.00 25.23 ? 182 PHE A CD2 1 
ATOM   1404 C  CE1 . PHE A 1 182 ? -18.817 16.885  -6.804  1.00 24.22 ? 182 PHE A CE1 1 
ATOM   1405 C  CE2 . PHE A 1 182 ? -17.694 15.264  -5.430  1.00 24.12 ? 182 PHE A CE2 1 
ATOM   1406 C  CZ  . PHE A 1 182 ? -18.517 15.564  -6.510  1.00 24.31 ? 182 PHE A CZ  1 
ATOM   1407 N  N   . LEU A 1 183 ? -15.761 22.049  -4.598  0.50 27.35 ? 183 LEU A N   1 
ATOM   1408 C  CA  . LEU A 1 183 ? -15.442 23.315  -3.944  0.50 27.95 ? 183 LEU A CA  1 
ATOM   1409 C  C   . LEU A 1 183 ? -16.644 23.839  -3.168  0.50 28.40 ? 183 LEU A C   1 
ATOM   1410 O  O   . LEU A 1 183 ? -16.516 24.711  -2.312  0.50 28.41 ? 183 LEU A O   1 
ATOM   1411 C  CB  . LEU A 1 183 ? -14.983 24.346  -4.977  0.50 27.95 ? 183 LEU A CB  1 
ATOM   1412 N  N   . LYS A 1 184 ? -17.817 23.296  -3.473  0.50 29.10 ? 184 LYS A N   1 
ATOM   1413 C  CA  . LYS A 1 184 ? -19.047 23.722  -2.821  0.50 29.66 ? 184 LYS A CA  1 
ATOM   1414 C  C   . LYS A 1 184 ? -19.629 22.601  -1.967  1.00 30.07 ? 184 LYS A C   1 
ATOM   1415 O  O   . LYS A 1 184 ? -19.541 22.633  -0.736  1.00 30.72 ? 184 LYS A O   1 
ATOM   1416 C  CB  . LYS A 1 184 ? -20.070 24.181  -3.861  1.00 29.82 ? 184 LYS A CB  1 
HETATM 1417 CL CL  . CL  B 2 .   ? -11.621 -5.198  -14.666 1.00 28.71 ? 185 CL  A CL  1 
HETATM 1418 O  O   . HOH C 3 .   ? -9.924  -5.035  4.102   1.00 15.29 ? 186 HOH A O   1 
HETATM 1419 O  O   . HOH C 3 .   ? -6.585  3.454   -10.477 1.00 14.46 ? 187 HOH A O   1 
HETATM 1420 O  O   . HOH C 3 .   ? -6.308  -2.557  14.685  1.00 17.19 ? 188 HOH A O   1 
HETATM 1421 O  O   . HOH C 3 .   ? 3.098   10.753  -8.577  1.00 16.62 ? 189 HOH A O   1 
HETATM 1422 O  O   . HOH C 3 .   ? 9.673   9.011   -16.028 1.00 18.72 ? 190 HOH A O   1 
HETATM 1423 O  O   . HOH C 3 .   ? 6.881   -6.579  -9.445  1.00 24.88 ? 191 HOH A O   1 
HETATM 1424 O  O   . HOH C 3 .   ? 1.841   11.034  13.280  1.00 19.03 ? 192 HOH A O   1 
HETATM 1425 O  O   . HOH C 3 .   ? -1.362  3.883   2.152   1.00 11.94 ? 193 HOH A O   1 
HETATM 1426 O  O   . HOH C 3 .   ? -14.343 -2.596  -3.238  1.00 16.65 ? 194 HOH A O   1 
HETATM 1427 O  O   . HOH C 3 .   ? 4.363   3.183   -20.823 1.00 25.67 ? 195 HOH A O   1 
HETATM 1428 O  O   . HOH C 3 .   ? -12.318 7.174   5.534   1.00 22.22 ? 196 HOH A O   1 
HETATM 1429 O  O   . HOH C 3 .   ? -5.513  3.614   -8.182  1.00 19.43 ? 197 HOH A O   1 
HETATM 1430 O  O   . HOH C 3 .   ? -3.668  5.225   3.605   1.00 15.66 ? 198 HOH A O   1 
HETATM 1431 O  O   . HOH C 3 .   ? -0.486  -5.700  11.582  1.00 21.25 ? 199 HOH A O   1 
HETATM 1432 O  O   . HOH C 3 .   ? -0.151  8.854   13.236  1.00 17.77 ? 200 HOH A O   1 
HETATM 1433 O  O   . HOH C 3 .   ? -18.954 -3.879  -14.295 1.00 17.64 ? 201 HOH A O   1 
HETATM 1434 O  O   . HOH C 3 .   ? -3.883  20.444  6.059   1.00 30.56 ? 202 HOH A O   1 
HETATM 1435 O  O   . HOH C 3 .   ? 13.553  3.338   1.106   1.00 31.40 ? 203 HOH A O   1 
HETATM 1436 O  O   . HOH C 3 .   ? -9.615  -7.375  5.681   1.00 19.38 ? 204 HOH A O   1 
HETATM 1437 O  O   . HOH C 3 .   ? -19.157 -2.434  -9.825  1.00 24.97 ? 205 HOH A O   1 
HETATM 1438 O  O   . HOH C 3 .   ? -10.953 -11.137 -11.850 1.00 23.03 ? 206 HOH A O   1 
HETATM 1439 O  O   . HOH C 3 .   ? 12.334  2.215   -3.576  1.00 17.10 ? 207 HOH A O   1 
HETATM 1440 O  O   . HOH C 3 .   ? 6.269   -1.724  -17.681 1.00 24.03 ? 208 HOH A O   1 
HETATM 1441 O  O   . HOH C 3 .   ? 2.106   9.081   16.100  1.00 19.54 ? 209 HOH A O   1 
HETATM 1442 O  O   . HOH C 3 .   ? -9.041  -3.315  14.680  1.00 24.31 ? 210 HOH A O   1 
HETATM 1443 O  O   . HOH C 3 .   ? -7.357  -10.970 5.160   1.00 25.37 ? 211 HOH A O   1 
HETATM 1444 O  O   . HOH C 3 .   ? -2.944  8.155   -19.131 1.00 28.22 ? 212 HOH A O   1 
HETATM 1445 O  O   . HOH C 3 .   ? 8.162   -8.494  7.371   1.00 21.26 ? 213 HOH A O   1 
HETATM 1446 O  O   . HOH C 3 .   ? -12.366 1.575   -5.458  0.50 22.12 ? 214 HOH A O   1 
HETATM 1447 O  O   . HOH C 3 .   ? -16.669 -13.934 -10.450 1.00 26.21 ? 215 HOH A O   1 
HETATM 1448 O  O   . HOH C 3 .   ? -11.890 10.632  19.336  1.00 27.96 ? 216 HOH A O   1 
HETATM 1449 O  O   . HOH C 3 .   ? -18.645 -13.665 -8.662  1.00 24.90 ? 217 HOH A O   1 
HETATM 1450 O  O   . HOH C 3 .   ? -5.232  4.304   1.679   1.00 19.05 ? 218 HOH A O   1 
HETATM 1451 O  O   . HOH C 3 .   ? -3.481  9.491   19.304  1.00 23.41 ? 219 HOH A O   1 
HETATM 1452 O  O   . HOH C 3 .   ? -2.843  7.775   -4.516  1.00 23.24 ? 220 HOH A O   1 
HETATM 1453 O  O   . HOH C 3 .   ? -6.663  7.202   -9.094  1.00 22.67 ? 221 HOH A O   1 
HETATM 1454 O  O   . HOH C 3 .   ? 1.453   -13.594 -6.416  1.00 32.60 ? 222 HOH A O   1 
HETATM 1455 O  O   . HOH C 3 .   ? 0.441   7.306   -4.335  1.00 20.69 ? 223 HOH A O   1 
HETATM 1456 O  O   . HOH C 3 .   ? -2.300  5.925   -7.460  1.00 21.86 ? 224 HOH A O   1 
HETATM 1457 O  O   . HOH C 3 .   ? 15.291  -2.606  3.187   1.00 23.18 ? 225 HOH A O   1 
HETATM 1458 O  O   . HOH C 3 .   ? -8.976  -9.135  3.850   1.00 25.77 ? 226 HOH A O   1 
HETATM 1459 O  O   . HOH C 3 .   ? -16.590 1.855   10.967  1.00 21.42 ? 227 HOH A O   1 
HETATM 1460 O  O   . HOH C 3 .   ? 8.908   -13.488 0.730   1.00 28.95 ? 228 HOH A O   1 
HETATM 1461 O  O   . HOH C 3 .   ? 17.056  -1.665  7.735   1.00 30.25 ? 229 HOH A O   1 
HETATM 1462 O  O   . HOH C 3 .   ? -18.898 21.571  -5.996  1.00 32.10 ? 230 HOH A O   1 
HETATM 1463 O  O   . HOH C 3 .   ? -9.743  -4.357  17.062  1.00 31.12 ? 231 HOH A O   1 
HETATM 1464 O  O   . HOH C 3 .   ? -13.475 19.085  -1.772  1.00 31.15 ? 232 HOH A O   1 
HETATM 1465 O  O   . HOH C 3 .   ? 14.107  -2.372  -10.882 1.00 28.84 ? 233 HOH A O   1 
HETATM 1466 O  O   . HOH C 3 .   ? -15.799 -3.104  -1.035  1.00 26.14 ? 234 HOH A O   1 
HETATM 1467 O  O   . HOH C 3 .   ? 8.401   11.456  1.578   1.00 33.61 ? 235 HOH A O   1 
HETATM 1468 O  O   . HOH C 3 .   ? -0.444  16.871  7.087   1.00 39.85 ? 236 HOH A O   1 
HETATM 1469 O  O   . HOH C 3 .   ? 17.531  -3.012  1.245   1.00 25.68 ? 237 HOH A O   1 
HETATM 1470 O  O   . HOH C 3 .   ? -6.553  6.094   -11.561 1.00 27.57 ? 238 HOH A O   1 
HETATM 1471 O  O   . HOH C 3 .   ? -11.244 16.054  12.596  1.00 30.04 ? 239 HOH A O   1 
HETATM 1472 O  O   . HOH C 3 .   ? 12.280  4.352   -1.358  1.00 30.90 ? 240 HOH A O   1 
HETATM 1473 O  O   . HOH C 3 .   ? 4.149   14.936  8.126   1.00 35.02 ? 241 HOH A O   1 
HETATM 1474 O  O   . HOH C 3 .   ? -2.506  18.626  7.053   1.00 38.91 ? 242 HOH A O   1 
HETATM 1475 O  O   . HOH C 3 .   ? 17.178  -1.982  5.095   1.00 24.62 ? 243 HOH A O   1 
HETATM 1476 O  O   . HOH C 3 .   ? 21.998  -9.804  -1.782  1.00 45.23 ? 244 HOH A O   1 
HETATM 1477 O  O   . HOH C 3 .   ? 1.016   17.643  4.816   1.00 33.62 ? 245 HOH A O   1 
HETATM 1478 O  O   . HOH C 3 .   ? -7.427  0.190   -18.211 1.00 43.52 ? 246 HOH A O   1 
HETATM 1479 O  O   . HOH C 3 .   ? 0.686   -8.081  11.566  1.00 33.66 ? 247 HOH A O   1 
HETATM 1480 O  O   . HOH C 3 .   ? -13.643 0.766   -3.242  0.50 19.26 ? 248 HOH A O   1 
HETATM 1481 O  O   . HOH C 3 .   ? 0.303   5.787   -6.721  1.00 30.69 ? 249 HOH A O   1 
HETATM 1482 O  O   . HOH C 3 .   ? 7.639   8.026   -1.524  1.00 24.79 ? 250 HOH A O   1 
HETATM 1483 O  O   . HOH C 3 .   ? -9.007  -0.473  17.179  1.00 28.16 ? 251 HOH A O   1 
HETATM 1484 O  O   . HOH C 3 .   ? -20.860 -1.319  6.153   1.00 47.84 ? 252 HOH A O   1 
HETATM 1485 O  O   . HOH C 3 .   ? 1.388   -3.147  -18.946 1.00 22.55 ? 253 HOH A O   1 
HETATM 1486 O  O   . HOH C 3 .   ? -7.084  18.477  3.747   1.00 36.49 ? 254 HOH A O   1 
HETATM 1487 O  O   . HOH C 3 .   ? 3.550   8.203   -7.414  1.00 28.05 ? 255 HOH A O   1 
HETATM 1488 O  O   . HOH C 3 .   ? -3.633  14.213  10.489  1.00 31.27 ? 256 HOH A O   1 
HETATM 1489 O  O   . HOH C 3 .   ? -10.355 -8.640  -1.647  1.00 33.64 ? 257 HOH A O   1 
HETATM 1490 O  O   . HOH C 3 .   ? -0.725  -9.919  13.639  1.00 27.39 ? 258 HOH A O   1 
HETATM 1491 O  O   . HOH C 3 .   ? 14.868  -10.244 -3.629  1.00 39.75 ? 259 HOH A O   1 
HETATM 1492 O  O   . HOH C 3 .   ? 0.516   14.761  8.696   1.00 26.78 ? 260 HOH A O   1 
HETATM 1493 O  O   . HOH C 3 .   ? -20.439 2.799   3.574   1.00 25.61 ? 261 HOH A O   1 
HETATM 1494 O  O   . HOH C 3 .   ? -3.880  1.978   22.471  1.00 34.88 ? 262 HOH A O   1 
HETATM 1495 O  O   . HOH C 3 .   ? -19.291 19.510  -0.999  1.00 33.71 ? 263 HOH A O   1 
HETATM 1496 O  O   . HOH C 3 .   ? -8.188  -11.940 0.569   1.00 36.21 ? 264 HOH A O   1 
HETATM 1497 O  O   . HOH C 3 .   ? 5.312   -9.450  5.194   1.00 29.69 ? 265 HOH A O   1 
HETATM 1498 O  O   . HOH C 3 .   ? 3.540   14.932  -2.638  1.00 28.22 ? 266 HOH A O   1 
HETATM 1499 O  O   . HOH C 3 .   ? -7.024  -16.108 -4.260  1.00 35.68 ? 267 HOH A O   1 
HETATM 1500 O  O   . HOH C 3 .   ? -14.211 -4.155  11.004  1.00 37.96 ? 268 HOH A O   1 
HETATM 1501 O  O   . HOH C 3 .   ? -5.947  9.237   -6.152  1.00 34.07 ? 269 HOH A O   1 
HETATM 1502 O  O   . HOH C 3 .   ? 10.373  7.741   -12.741 1.00 30.54 ? 270 HOH A O   1 
HETATM 1503 O  O   . HOH C 3 .   ? 11.563  1.775   -15.565 1.00 29.88 ? 271 HOH A O   1 
HETATM 1504 O  O   . HOH C 3 .   ? -3.239  9.804   -7.492  1.00 38.20 ? 272 HOH A O   1 
HETATM 1505 O  O   . HOH C 3 .   ? 5.994   -8.408  -11.658 1.00 34.02 ? 273 HOH A O   1 
HETATM 1506 O  O   . HOH C 3 .   ? 16.630  -8.884  3.693   1.00 33.79 ? 274 HOH A O   1 
HETATM 1507 O  O   . HOH C 3 .   ? -0.136  -5.245  14.183  1.00 34.24 ? 275 HOH A O   1 
HETATM 1508 O  O   . HOH C 3 .   ? -14.352 -6.794  10.552  1.00 39.04 ? 276 HOH A O   1 
HETATM 1509 O  O   . HOH C 3 .   ? -3.039  -14.737 10.881  1.00 42.23 ? 277 HOH A O   1 
HETATM 1510 O  O   . HOH C 3 .   ? -0.398  21.932  3.153   1.00 44.00 ? 278 HOH A O   1 
HETATM 1511 O  O   . HOH C 3 .   ? -8.717  -10.695 -22.217 1.00 39.12 ? 279 HOH A O   1 
HETATM 1512 O  O   . HOH C 3 .   ? 8.175   -16.550 -2.286  1.00 36.65 ? 280 HOH A O   1 
HETATM 1513 O  O   . HOH C 3 .   ? 9.288   7.252   -18.156 1.00 38.71 ? 281 HOH A O   1 
HETATM 1514 O  O   . HOH C 3 .   ? -17.499 4.531   7.563   1.00 32.56 ? 282 HOH A O   1 
HETATM 1515 O  O   . HOH C 3 .   ? -7.526  -9.145  10.640  1.00 41.09 ? 283 HOH A O   1 
HETATM 1516 O  O   . HOH C 3 .   ? 6.113   -4.419  13.243  1.00 35.29 ? 284 HOH A O   1 
HETATM 1517 O  O   . HOH C 3 .   ? -13.847 -13.027 -18.912 1.00 35.60 ? 285 HOH A O   1 
HETATM 1518 O  O   . HOH C 3 .   ? -3.259  10.049  -2.812  1.00 33.45 ? 286 HOH A O   1 
HETATM 1519 O  O   . HOH C 3 .   ? -9.219  18.905  8.806   1.00 28.75 ? 287 HOH A O   1 
HETATM 1520 O  O   . HOH C 3 .   ? -11.353 -3.757  -17.518 1.00 44.69 ? 288 HOH A O   1 
HETATM 1521 O  O   . HOH C 3 .   ? -12.311 -2.461  -14.670 1.00 37.24 ? 289 HOH A O   1 
HETATM 1522 O  O   . HOH C 3 .   ? -12.580 -0.928  -17.177 1.00 45.05 ? 290 HOH A O   1 
# 
loop_
_pdbx_poly_seq_scheme.asym_id 
_pdbx_poly_seq_scheme.entity_id 
_pdbx_poly_seq_scheme.seq_id 
_pdbx_poly_seq_scheme.mon_id 
_pdbx_poly_seq_scheme.ndb_seq_num 
_pdbx_poly_seq_scheme.pdb_seq_num 
_pdbx_poly_seq_scheme.auth_seq_num 
_pdbx_poly_seq_scheme.pdb_mon_id 
_pdbx_poly_seq_scheme.auth_mon_id 
_pdbx_poly_seq_scheme.pdb_strand_id 
_pdbx_poly_seq_scheme.pdb_ins_code 
_pdbx_poly_seq_scheme.hetero 
A 1 1   MET 1   1   1   MET MET A . n 
A 1 2   LYS 2   2   2   LYS LYS A . n 
A 1 3   PRO 3   3   3   PRO PRO A . n 
A 1 4   ASP 4   4   4   ASP ASP A . n 
A 1 5   GLU 5   5   5   GLU GLU A . n 
A 1 6   THR 6   6   6   THR THR A . n 
A 1 7   PRO 7   7   7   PRO PRO A . n 
A 1 8   MET 8   8   8   MET MET A . n 
A 1 9   PHE 9   9   9   PHE PHE A . n 
A 1 10  ASP 10  10  10  ASP ASP A . n 
A 1 11  PRO 11  11  11  PRO PRO A . n 
A 1 12  SER 12  12  12  SER SER A . n 
A 1 13  LEU 13  13  13  LEU LEU A . n 
A 1 14  LEU 14  14  14  LEU LEU A . n 
A 1 15  LYS 15  15  15  LYS LYS A . n 
A 1 16  GLU 16  16  16  GLU GLU A . n 
A 1 17  VAL 17  17  17  VAL VAL A . n 
A 1 18  ASP 18  18  18  ASP ASP A . n 
A 1 19  TRP 19  19  19  TRP TRP A . n 
A 1 20  SER 20  20  20  SER SER A . n 
A 1 21  GLN 21  21  21  GLN GLN A . n 
A 1 22  ASN 22  22  22  ASN ASN A . n 
A 1 23  THR 23  23  23  THR THR A . n 
A 1 24  ALA 24  24  24  ALA ALA A . n 
A 1 25  THR 25  25  25  THR THR A . n 
A 1 26  PHE 26  26  26  PHE PHE A . n 
A 1 27  SER 27  27  27  SER SER A . n 
A 1 28  PRO 28  28  28  PRO PRO A . n 
A 1 29  ALA 29  29  29  ALA ALA A . n 
A 1 30  ILE 30  30  30  ILE ILE A . n 
A 1 31  SER 31  31  31  SER SER A . n 
A 1 32  PRO 32  32  32  PRO PRO A . n 
A 1 33  THR 33  33  33  THR THR A . n 
A 1 34  HIS 34  34  34  HIS HIS A . n 
A 1 35  PRO 35  35  35  PRO PRO A . n 
A 1 36  GLY 36  36  36  GLY GLY A . n 
A 1 37  GLU 37  37  37  GLU GLU A . n 
A 1 38  GLY 38  38  38  GLY GLY A . n 
A 1 39  LEU 39  39  39  LEU LEU A . n 
A 1 40  VAL 40  40  40  VAL VAL A . n 
A 1 41  LEU 41  41  41  LEU LEU A . n 
A 1 42  ARG 42  42  42  ARG ARG A . n 
A 1 43  PRO 43  43  43  PRO PRO A . n 
A 1 44  LEU 44  44  44  LEU LEU A . n 
A 1 45  CYS 45  45  45  CYS CYS A . n 
A 1 46  THR 46  46  46  THR THR A . n 
A 1 47  ALA 47  47  47  ALA ALA A . n 
A 1 48  ASP 48  48  48  ASP ASP A . n 
A 1 49  LEU 49  49  49  LEU LEU A . n 
A 1 50  ASN 50  50  50  ASN ASN A . n 
A 1 51  ARG 51  51  51  ARG ARG A . n 
A 1 52  GLY 52  52  52  GLY GLY A . n 
A 1 53  PHE 53  53  53  PHE PHE A . n 
A 1 54  PHE 54  54  54  PHE PHE A . n 
A 1 55  LYS 55  55  55  LYS LYS A . n 
A 1 56  VAL 56  56  56  VAL VAL A . n 
A 1 57  LEU 57  57  57  LEU LEU A . n 
A 1 58  GLY 58  58  58  GLY GLY A . n 
A 1 59  GLN 59  59  59  GLN GLN A . n 
A 1 60  LEU 60  60  60  LEU LEU A . n 
A 1 61  THR 61  61  61  THR THR A . n 
A 1 62  GLU 62  62  62  GLU GLU A . n 
A 1 63  THR 63  63  63  THR THR A . n 
A 1 64  GLY 64  64  64  GLY GLY A . n 
A 1 65  VAL 65  65  65  VAL VAL A . n 
A 1 66  VAL 66  66  66  VAL VAL A . n 
A 1 67  SER 67  67  67  SER SER A . n 
A 1 68  PRO 68  68  68  PRO PRO A . n 
A 1 69  GLU 69  69  69  GLU GLU A . n 
A 1 70  GLN 70  70  70  GLN GLN A . n 
A 1 71  PHE 71  71  71  PHE PHE A . n 
A 1 72  MET 72  72  72  MET MET A . n 
A 1 73  LYS 73  73  73  LYS LYS A . n 
A 1 74  SER 74  74  74  SER SER A . n 
A 1 75  PHE 75  75  75  PHE PHE A . n 
A 1 76  GLU 76  76  76  GLU GLU A . n 
A 1 77  HIS 77  77  77  HIS HIS A . n 
A 1 78  MET 78  78  78  MET MET A . n 
A 1 79  LYS 79  79  79  LYS LYS A . n 
A 1 80  LYS 80  80  80  LYS LYS A . n 
A 1 81  SER 81  81  81  SER SER A . n 
A 1 82  GLY 82  82  82  GLY GLY A . n 
A 1 83  ASP 83  83  83  ASP ASP A . n 
A 1 84  TYR 84  84  84  TYR TYR A . n 
A 1 85  TYR 85  85  85  TYR TYR A . n 
A 1 86  VAL 86  86  86  VAL VAL A . n 
A 1 87  THR 87  87  87  THR THR A . n 
A 1 88  VAL 88  88  88  VAL VAL A . n 
A 1 89  VAL 89  89  89  VAL VAL A . n 
A 1 90  GLU 90  90  90  GLU GLU A . n 
A 1 91  ASP 91  91  91  ASP ASP A . n 
A 1 92  VAL 92  92  92  VAL VAL A . n 
A 1 93  THR 93  93  93  THR THR A . n 
A 1 94  LEU 94  94  94  LEU LEU A . n 
A 1 95  GLY 95  95  95  GLY GLY A . n 
A 1 96  GLN 96  96  96  GLN GLN A . n 
A 1 97  ILE 97  97  97  ILE ILE A . n 
A 1 98  VAL 98  98  98  VAL VAL A . n 
A 1 99  ALA 99  99  99  ALA ALA A . n 
A 1 100 THR 100 100 100 THR THR A . n 
A 1 101 ALA 101 101 101 ALA ALA A . n 
A 1 102 THR 102 102 102 THR THR A . n 
A 1 103 LEU 103 103 103 LEU LEU A . n 
A 1 104 ILE 104 104 104 ILE ILE A . n 
A 1 105 ILE 105 105 105 ILE ILE A . n 
A 1 106 GLU 106 106 106 GLU GLU A . n 
A 1 107 HIS 107 107 107 HIS HIS A . n 
A 1 108 LYS 108 108 108 LYS LYS A . n 
A 1 109 PHE 109 109 109 PHE PHE A . n 
A 1 110 ILE 110 110 110 ILE ILE A . n 
A 1 111 HIS 111 111 111 HIS HIS A . n 
A 1 112 SER 112 112 112 SER SER A . n 
A 1 113 CYS 113 113 113 CYS CYS A . n 
A 1 114 ALA 114 114 114 ALA ALA A . n 
A 1 115 LYS 115 115 115 LYS LYS A . n 
A 1 116 ARG 116 116 116 ARG ARG A . n 
A 1 117 GLY 117 117 117 GLY GLY A . n 
A 1 118 ARG 118 118 118 ARG ARG A . n 
A 1 119 VAL 119 119 119 VAL VAL A . n 
A 1 120 GLU 120 120 120 GLU GLU A . n 
A 1 121 ASP 121 121 121 ASP ASP A . n 
A 1 122 VAL 122 122 122 VAL VAL A . n 
A 1 123 VAL 123 123 123 VAL VAL A . n 
A 1 124 VAL 124 124 124 VAL VAL A . n 
A 1 125 SER 125 125 125 SER SER A . n 
A 1 126 ASP 126 126 126 ASP ASP A . n 
A 1 127 GLU 127 127 127 GLU GLU A . n 
A 1 128 CYS 128 128 128 CYS CYS A . n 
A 1 129 ARG 129 129 129 ARG ARG A . n 
A 1 130 GLY 130 130 130 GLY GLY A . n 
A 1 131 LYS 131 131 131 LYS LYS A . n 
A 1 132 GLN 132 132 132 GLN GLN A . n 
A 1 133 LEU 133 133 133 LEU LEU A . n 
A 1 134 GLY 134 134 134 GLY GLY A . n 
A 1 135 LYS 135 135 135 LYS LYS A . n 
A 1 136 LEU 136 136 136 LEU LEU A . n 
A 1 137 LEU 137 137 137 LEU LEU A . n 
A 1 138 LEU 138 138 138 LEU LEU A . n 
A 1 139 SER 139 139 139 SER SER A . n 
A 1 140 THR 140 140 140 THR THR A . n 
A 1 141 LEU 141 141 141 LEU LEU A . n 
A 1 142 THR 142 142 142 THR THR A . n 
A 1 143 LEU 143 143 143 LEU LEU A . n 
A 1 144 LEU 144 144 144 LEU LEU A . n 
A 1 145 SER 145 145 145 SER SER A . n 
A 1 146 LYS 146 146 146 LYS LYS A . n 
A 1 147 LYS 147 147 147 LYS LYS A . n 
A 1 148 LEU 148 148 148 LEU LEU A . n 
A 1 149 ASN 149 149 149 ASN ASN A . n 
A 1 150 CYS 150 150 150 CYS CYS A . n 
A 1 151 TYR 151 151 151 TYR TYR A . n 
A 1 152 LYS 152 152 152 LYS LYS A . n 
A 1 153 ILE 153 153 153 ILE ILE A . n 
A 1 154 THR 154 154 154 THR THR A . n 
A 1 155 LEU 155 155 155 LEU LEU A . n 
A 1 156 ALA 156 156 156 ALA ALA A . n 
A 1 157 CYS 157 157 157 CYS CYS A . n 
A 1 158 LEU 158 158 158 LEU LEU A . n 
A 1 159 PRO 159 159 159 PRO PRO A . n 
A 1 160 GLN 160 160 160 GLN GLN A . n 
A 1 161 ASN 161 161 161 ASN ASN A . n 
A 1 162 VAL 162 162 162 VAL VAL A . n 
A 1 163 GLY 163 163 163 GLY GLY A . n 
A 1 164 PHE 164 164 164 PHE PHE A . n 
A 1 165 TYR 165 165 165 TYR TYR A . n 
A 1 166 LYS 166 166 166 LYS LYS A . n 
A 1 167 LYS 167 167 167 LYS LYS A . n 
A 1 168 PHE 168 168 168 PHE PHE A . n 
A 1 169 GLY 169 169 169 GLY GLY A . n 
A 1 170 TYR 170 170 170 TYR TYR A . n 
A 1 171 THR 171 171 171 THR THR A . n 
A 1 172 VAL 172 172 172 VAL VAL A . n 
A 1 173 SER 173 173 173 SER SER A . n 
A 1 174 GLU 174 174 174 GLU GLU A . n 
A 1 175 GLU 175 175 175 GLU GLU A . n 
A 1 176 ASN 176 176 176 ASN ASN A . n 
A 1 177 TYR 177 177 177 TYR TYR A . n 
A 1 178 MET 178 178 178 MET MET A . n 
A 1 179 CYS 179 179 179 CYS CYS A . n 
A 1 180 ARG 180 180 180 ARG ARG A . n 
A 1 181 ARG 181 181 181 ARG ARG A . n 
A 1 182 PHE 182 182 182 PHE PHE A . n 
A 1 183 LEU 183 183 183 LEU LEU A . n 
A 1 184 LYS 184 184 184 LYS LYS A . n 
# 
loop_
_pdbx_nonpoly_scheme.asym_id 
_pdbx_nonpoly_scheme.entity_id 
_pdbx_nonpoly_scheme.mon_id 
_pdbx_nonpoly_scheme.ndb_seq_num 
_pdbx_nonpoly_scheme.pdb_seq_num 
_pdbx_nonpoly_scheme.auth_seq_num 
_pdbx_nonpoly_scheme.pdb_mon_id 
_pdbx_nonpoly_scheme.auth_mon_id 
_pdbx_nonpoly_scheme.pdb_strand_id 
_pdbx_nonpoly_scheme.pdb_ins_code 
B 2 CL  1   185 1   CL  CL  A . 
C 3 HOH 1   186 2   HOH HOH A . 
C 3 HOH 2   187 3   HOH HOH A . 
C 3 HOH 3   188 4   HOH HOH A . 
C 3 HOH 4   189 5   HOH HOH A . 
C 3 HOH 5   190 6   HOH HOH A . 
C 3 HOH 6   191 7   HOH HOH A . 
C 3 HOH 7   192 8   HOH HOH A . 
C 3 HOH 8   193 9   HOH HOH A . 
C 3 HOH 9   194 10  HOH HOH A . 
C 3 HOH 10  195 11  HOH HOH A . 
C 3 HOH 11  196 12  HOH HOH A . 
C 3 HOH 12  197 13  HOH HOH A . 
C 3 HOH 13  198 14  HOH HOH A . 
C 3 HOH 14  199 15  HOH HOH A . 
C 3 HOH 15  200 16  HOH HOH A . 
C 3 HOH 16  201 17  HOH HOH A . 
C 3 HOH 17  202 18  HOH HOH A . 
C 3 HOH 18  203 19  HOH HOH A . 
C 3 HOH 19  204 20  HOH HOH A . 
C 3 HOH 20  205 21  HOH HOH A . 
C 3 HOH 21  206 22  HOH HOH A . 
C 3 HOH 22  207 23  HOH HOH A . 
C 3 HOH 23  208 24  HOH HOH A . 
C 3 HOH 24  209 25  HOH HOH A . 
C 3 HOH 25  210 26  HOH HOH A . 
C 3 HOH 26  211 27  HOH HOH A . 
C 3 HOH 27  212 28  HOH HOH A . 
C 3 HOH 28  213 29  HOH HOH A . 
C 3 HOH 29  214 30  HOH HOH A . 
C 3 HOH 30  215 31  HOH HOH A . 
C 3 HOH 31  216 32  HOH HOH A . 
C 3 HOH 32  217 33  HOH HOH A . 
C 3 HOH 33  218 34  HOH HOH A . 
C 3 HOH 34  219 35  HOH HOH A . 
C 3 HOH 35  220 37  HOH HOH A . 
C 3 HOH 36  221 38  HOH HOH A . 
C 3 HOH 37  222 39  HOH HOH A . 
C 3 HOH 38  223 40  HOH HOH A . 
C 3 HOH 39  224 41  HOH HOH A . 
C 3 HOH 40  225 42  HOH HOH A . 
C 3 HOH 41  226 43  HOH HOH A . 
C 3 HOH 42  227 44  HOH HOH A . 
C 3 HOH 43  228 45  HOH HOH A . 
C 3 HOH 44  229 46  HOH HOH A . 
C 3 HOH 45  230 49  HOH HOH A . 
C 3 HOH 46  231 50  HOH HOH A . 
C 3 HOH 47  232 51  HOH HOH A . 
C 3 HOH 48  233 52  HOH HOH A . 
C 3 HOH 49  234 53  HOH HOH A . 
C 3 HOH 50  235 54  HOH HOH A . 
C 3 HOH 51  236 55  HOH HOH A . 
C 3 HOH 52  237 56  HOH HOH A . 
C 3 HOH 53  238 57  HOH HOH A . 
C 3 HOH 54  239 58  HOH HOH A . 
C 3 HOH 55  240 59  HOH HOH A . 
C 3 HOH 56  241 60  HOH HOH A . 
C 3 HOH 57  242 61  HOH HOH A . 
C 3 HOH 58  243 62  HOH HOH A . 
C 3 HOH 59  244 63  HOH HOH A . 
C 3 HOH 60  245 64  HOH HOH A . 
C 3 HOH 61  246 65  HOH HOH A . 
C 3 HOH 62  247 66  HOH HOH A . 
C 3 HOH 63  248 67  HOH HOH A . 
C 3 HOH 64  249 69  HOH HOH A . 
C 3 HOH 65  250 70  HOH HOH A . 
C 3 HOH 66  251 71  HOH HOH A . 
C 3 HOH 67  252 72  HOH HOH A . 
C 3 HOH 68  253 73  HOH HOH A . 
C 3 HOH 69  254 74  HOH HOH A . 
C 3 HOH 70  255 75  HOH HOH A . 
C 3 HOH 71  256 76  HOH HOH A . 
C 3 HOH 72  257 77  HOH HOH A . 
C 3 HOH 73  258 78  HOH HOH A . 
C 3 HOH 74  259 79  HOH HOH A . 
C 3 HOH 75  260 80  HOH HOH A . 
C 3 HOH 76  261 81  HOH HOH A . 
C 3 HOH 77  262 82  HOH HOH A . 
C 3 HOH 78  263 83  HOH HOH A . 
C 3 HOH 79  264 84  HOH HOH A . 
C 3 HOH 80  265 85  HOH HOH A . 
C 3 HOH 81  266 86  HOH HOH A . 
C 3 HOH 82  267 87  HOH HOH A . 
C 3 HOH 83  268 88  HOH HOH A . 
C 3 HOH 84  269 89  HOH HOH A . 
C 3 HOH 85  270 90  HOH HOH A . 
C 3 HOH 86  271 91  HOH HOH A . 
C 3 HOH 87  272 92  HOH HOH A . 
C 3 HOH 88  273 93  HOH HOH A . 
C 3 HOH 89  274 94  HOH HOH A . 
C 3 HOH 90  275 95  HOH HOH A . 
C 3 HOH 91  276 96  HOH HOH A . 
C 3 HOH 92  277 97  HOH HOH A . 
C 3 HOH 93  278 98  HOH HOH A . 
C 3 HOH 94  279 99  HOH HOH A . 
C 3 HOH 95  280 100 HOH HOH A . 
C 3 HOH 96  281 101 HOH HOH A . 
C 3 HOH 97  282 102 HOH HOH A . 
C 3 HOH 98  283 103 HOH HOH A . 
C 3 HOH 99  284 104 HOH HOH A . 
C 3 HOH 100 285 105 HOH HOH A . 
C 3 HOH 101 286 106 HOH HOH A . 
C 3 HOH 102 287 107 HOH HOH A . 
C 3 HOH 103 288 108 HOH HOH A . 
C 3 HOH 104 289 109 HOH HOH A . 
C 3 HOH 105 290 110 HOH HOH A . 
# 
_pdbx_struct_assembly.id                   1 
_pdbx_struct_assembly.details              author_and_software_defined_assembly 
_pdbx_struct_assembly.method_details       PISA 
_pdbx_struct_assembly.oligomeric_details   dimeric 
_pdbx_struct_assembly.oligomeric_count     2 
# 
_pdbx_struct_assembly_gen.assembly_id       1 
_pdbx_struct_assembly_gen.oper_expression   1,2 
_pdbx_struct_assembly_gen.asym_id_list      A,B,C 
# 
loop_
_pdbx_struct_assembly_prop.biol_id 
_pdbx_struct_assembly_prop.type 
_pdbx_struct_assembly_prop.value 
_pdbx_struct_assembly_prop.details 
1 'ABSA (A^2)' 6490  ? 
1 MORE         -63   ? 
1 'SSA (A^2)'  15900 ? 
# 
loop_
_pdbx_struct_oper_list.id 
_pdbx_struct_oper_list.type 
_pdbx_struct_oper_list.name 
_pdbx_struct_oper_list.symmetry_operation 
_pdbx_struct_oper_list.matrix[1][1] 
_pdbx_struct_oper_list.matrix[1][2] 
_pdbx_struct_oper_list.matrix[1][3] 
_pdbx_struct_oper_list.vector[1] 
_pdbx_struct_oper_list.matrix[2][1] 
_pdbx_struct_oper_list.matrix[2][2] 
_pdbx_struct_oper_list.matrix[2][3] 
_pdbx_struct_oper_list.vector[2] 
_pdbx_struct_oper_list.matrix[3][1] 
_pdbx_struct_oper_list.matrix[3][2] 
_pdbx_struct_oper_list.matrix[3][3] 
_pdbx_struct_oper_list.vector[3] 
1 'identity operation'         1_555 x,y,z  1.0000000000  0.0000000000 0.0000000000  0.0000000000   0.0000000000 1.0000000000  0.0000000000  0.0000000000 0.0000000000  0.0000000000  1.0000000000 0.0000000000   
2 'crystal symmetry operation' 7_555 y,x,-z -0.5313462872 0.4779767473 -0.6994350236 -23.5060343404 0.4779767473 -0.5125147531 -0.7133490429 4.3992009394 -0.6994350236 -0.7133490429 0.0438610402 -12.7438206722 
# 
_pdbx_struct_special_symmetry.id              1 
_pdbx_struct_special_symmetry.PDB_model_num   1 
_pdbx_struct_special_symmetry.auth_asym_id    A 
_pdbx_struct_special_symmetry.auth_comp_id    HOH 
_pdbx_struct_special_symmetry.auth_seq_id     214 
_pdbx_struct_special_symmetry.PDB_ins_code    ? 
_pdbx_struct_special_symmetry.label_asym_id   C 
_pdbx_struct_special_symmetry.label_comp_id   HOH 
_pdbx_struct_special_symmetry.label_seq_id    . 
# 
loop_
_pdbx_audit_revision_history.ordinal 
_pdbx_audit_revision_history.data_content_type 
_pdbx_audit_revision_history.major_revision 
_pdbx_audit_revision_history.minor_revision 
_pdbx_audit_revision_history.revision_date 
1 'Structure model' 1 0 2008-09-16 
2 'Structure model' 1 1 2011-07-13 
3 'Structure model' 1 2 2021-11-10 
4 'Structure model' 1 3 2023-11-01 
# 
_pdbx_audit_revision_details.ordinal             1 
_pdbx_audit_revision_details.revision_ordinal    1 
_pdbx_audit_revision_details.data_content_type   'Structure model' 
_pdbx_audit_revision_details.provider            repository 
_pdbx_audit_revision_details.type                'Initial release' 
_pdbx_audit_revision_details.description         ? 
_pdbx_audit_revision_details.details             ? 
# 
loop_
_pdbx_audit_revision_group.ordinal 
_pdbx_audit_revision_group.revision_ordinal 
_pdbx_audit_revision_group.data_content_type 
_pdbx_audit_revision_group.group 
1 2 'Structure model' 'Version format compliance' 
2 3 'Structure model' 'Database references'       
3 3 'Structure model' 'Derived calculations'      
4 4 'Structure model' 'Data collection'           
5 4 'Structure model' 'Refinement description'    
# 
loop_
_pdbx_audit_revision_category.ordinal 
_pdbx_audit_revision_category.revision_ordinal 
_pdbx_audit_revision_category.data_content_type 
_pdbx_audit_revision_category.category 
1 3 'Structure model' database_2                    
2 3 'Structure model' struct_ref_seq_dif            
3 3 'Structure model' struct_site                   
4 4 'Structure model' chem_comp_atom                
5 4 'Structure model' chem_comp_bond                
6 4 'Structure model' pdbx_initial_refinement_model 
# 
loop_
_pdbx_audit_revision_item.ordinal 
_pdbx_audit_revision_item.revision_ordinal 
_pdbx_audit_revision_item.data_content_type 
_pdbx_audit_revision_item.item 
1 3 'Structure model' '_database_2.pdbx_DOI'                
2 3 'Structure model' '_database_2.pdbx_database_accession' 
3 3 'Structure model' '_struct_ref_seq_dif.details'         
4 3 'Structure model' '_struct_site.pdbx_auth_asym_id'      
5 3 'Structure model' '_struct_site.pdbx_auth_comp_id'      
6 3 'Structure model' '_struct_site.pdbx_auth_seq_id'       
# 
_pdbx_phasing_MR.entry_id                     3CXP 
_pdbx_phasing_MR.method_rotation              ? 
_pdbx_phasing_MR.method_translation           ? 
_pdbx_phasing_MR.model_details                ? 
_pdbx_phasing_MR.R_factor                     ? 
_pdbx_phasing_MR.R_rigid_body                 ? 
_pdbx_phasing_MR.correlation_coeff_Fo_to_Fc   ? 
_pdbx_phasing_MR.correlation_coeff_Io_to_Ic   ? 
_pdbx_phasing_MR.d_res_high_rotation          3.000 
_pdbx_phasing_MR.d_res_low_rotation           19.890 
_pdbx_phasing_MR.d_res_high_translation       3.000 
_pdbx_phasing_MR.d_res_low_translation        19.890 
_pdbx_phasing_MR.packing                      ? 
_pdbx_phasing_MR.reflns_percent_rotation      ? 
_pdbx_phasing_MR.reflns_percent_translation   ? 
_pdbx_phasing_MR.sigma_F_rotation             ? 
_pdbx_phasing_MR.sigma_F_translation          ? 
_pdbx_phasing_MR.sigma_I_rotation             ? 
_pdbx_phasing_MR.sigma_I_translation          ? 
# 
_phasing.method   MR 
# 
loop_
_software.name 
_software.version 
_software.date 
_software.type 
_software.contact_author 
_software.contact_author_email 
_software.classification 
_software.location 
_software.language 
_software.citation_id 
_software.pdbx_ordinal 
XSCALE      .     ?                    package 'Wolfgang Kabsch' ?                        'data scaling'    
http://www.mpimf-heidelberg.mpg.de/~kabsch/xds/xscale_program.html ?          ? 1 
MOLREP      .     ?                    other   'A. Vagin'        alexei@ysbl.york.ac.uk   phasing           
http://www.ccp4.ac.uk/dist/html/molrep.html                        Fortran_77 ? 2 
REFMAC      .     ?                    program 'Murshudov, G.N.' ccp4@dl.ac.uk            refinement        
http://www.ccp4.ac.uk/main.html                                    Fortran_77 ? 3 
PDB_EXTRACT 3.005 'September 10, 2007' package PDB               sw-help@rcsb.rutgers.edu 'data extraction' 
http://pdb.rutgers.edu/software/                                   C++        ? 4 
# 
loop_
_pdbx_unobs_or_zero_occ_atoms.id 
_pdbx_unobs_or_zero_occ_atoms.PDB_model_num 
_pdbx_unobs_or_zero_occ_atoms.polymer_flag 
_pdbx_unobs_or_zero_occ_atoms.occupancy_flag 
_pdbx_unobs_or_zero_occ_atoms.auth_asym_id 
_pdbx_unobs_or_zero_occ_atoms.auth_comp_id 
_pdbx_unobs_or_zero_occ_atoms.auth_seq_id 
_pdbx_unobs_or_zero_occ_atoms.PDB_ins_code 
_pdbx_unobs_or_zero_occ_atoms.auth_atom_id 
_pdbx_unobs_or_zero_occ_atoms.label_alt_id 
_pdbx_unobs_or_zero_occ_atoms.label_asym_id 
_pdbx_unobs_or_zero_occ_atoms.label_comp_id 
_pdbx_unobs_or_zero_occ_atoms.label_seq_id 
_pdbx_unobs_or_zero_occ_atoms.label_atom_id 
1  1 Y 1 A MET 1   ? CG  ? A MET 1   CG  
2  1 Y 1 A MET 1   ? SD  ? A MET 1   SD  
3  1 Y 1 A MET 1   ? CE  ? A MET 1   CE  
4  1 Y 1 A LYS 2   ? CD  ? A LYS 2   CD  
5  1 Y 1 A LYS 2   ? CE  ? A LYS 2   CE  
6  1 Y 1 A LYS 2   ? NZ  ? A LYS 2   NZ  
7  1 Y 1 A LYS 15  ? CD  ? A LYS 15  CD  
8  1 Y 1 A LYS 15  ? CE  ? A LYS 15  CE  
9  1 Y 1 A LYS 15  ? NZ  ? A LYS 15  NZ  
10 1 Y 1 A GLN 21  ? CD  ? A GLN 21  CD  
11 1 Y 1 A GLN 21  ? OE1 ? A GLN 21  OE1 
12 1 Y 1 A GLN 21  ? NE2 ? A GLN 21  NE2 
13 1 Y 1 A GLU 37  ? CG  ? A GLU 37  CG  
14 1 Y 1 A GLU 37  ? CD  ? A GLU 37  CD  
15 1 Y 1 A GLU 37  ? OE1 ? A GLU 37  OE1 
16 1 Y 1 A GLU 37  ? OE2 ? A GLU 37  OE2 
17 1 Y 1 A LYS 55  ? CE  ? A LYS 55  CE  
18 1 Y 1 A LYS 55  ? NZ  ? A LYS 55  NZ  
19 1 Y 1 A GLU 69  ? CD  ? A GLU 69  CD  
20 1 Y 1 A GLU 69  ? OE1 ? A GLU 69  OE1 
21 1 Y 1 A GLU 69  ? OE2 ? A GLU 69  OE2 
22 1 Y 1 A LYS 79  ? NZ  ? A LYS 79  NZ  
23 1 Y 1 A LYS 115 ? NZ  ? A LYS 115 NZ  
24 1 Y 1 A GLU 127 ? CD  ? A GLU 127 CD  
25 1 Y 1 A GLU 127 ? OE1 ? A GLU 127 OE1 
26 1 Y 1 A GLU 127 ? OE2 ? A GLU 127 OE2 
27 1 Y 1 A ARG 129 ? CD  ? A ARG 129 CD  
28 1 Y 1 A ARG 129 ? NE  ? A ARG 129 NE  
29 1 Y 1 A ARG 129 ? CZ  ? A ARG 129 CZ  
30 1 Y 1 A ARG 129 ? NH1 ? A ARG 129 NH1 
31 1 Y 1 A ARG 129 ? NH2 ? A ARG 129 NH2 
32 1 Y 1 A LYS 146 ? CE  ? A LYS 146 CE  
33 1 Y 1 A LYS 146 ? NZ  ? A LYS 146 NZ  
34 1 Y 1 A GLU 174 ? CD  ? A GLU 174 CD  
35 1 Y 1 A GLU 174 ? OE1 ? A GLU 174 OE1 
36 1 Y 1 A GLU 174 ? OE2 ? A GLU 174 OE2 
37 1 Y 1 A LEU 183 ? CG  ? A LEU 183 CG  
38 1 Y 1 A LEU 183 ? CD1 ? A LEU 183 CD1 
39 1 Y 1 A LEU 183 ? CD2 ? A LEU 183 CD2 
40 1 Y 1 A LYS 184 ? CG  ? A LYS 184 CG  
41 1 Y 1 A LYS 184 ? CD  ? A LYS 184 CD  
42 1 Y 1 A LYS 184 ? CE  ? A LYS 184 CE  
43 1 Y 1 A LYS 184 ? NZ  ? A LYS 184 NZ  
# 
loop_
_chem_comp_atom.comp_id 
_chem_comp_atom.atom_id 
_chem_comp_atom.type_symbol 
_chem_comp_atom.pdbx_aromatic_flag 
_chem_comp_atom.pdbx_stereo_config 
_chem_comp_atom.pdbx_ordinal 
ALA N    N  N N 1   
ALA CA   C  N S 2   
ALA C    C  N N 3   
ALA O    O  N N 4   
ALA CB   C  N N 5   
ALA OXT  O  N N 6   
ALA H    H  N N 7   
ALA H2   H  N N 8   
ALA HA   H  N N 9   
ALA HB1  H  N N 10  
ALA HB2  H  N N 11  
ALA HB3  H  N N 12  
ALA HXT  H  N N 13  
ARG N    N  N N 14  
ARG CA   C  N S 15  
ARG C    C  N N 16  
ARG O    O  N N 17  
ARG CB   C  N N 18  
ARG CG   C  N N 19  
ARG CD   C  N N 20  
ARG NE   N  N N 21  
ARG CZ   C  N N 22  
ARG NH1  N  N N 23  
ARG NH2  N  N N 24  
ARG OXT  O  N N 25  
ARG H    H  N N 26  
ARG H2   H  N N 27  
ARG HA   H  N N 28  
ARG HB2  H  N N 29  
ARG HB3  H  N N 30  
ARG HG2  H  N N 31  
ARG HG3  H  N N 32  
ARG HD2  H  N N 33  
ARG HD3  H  N N 34  
ARG HE   H  N N 35  
ARG HH11 H  N N 36  
ARG HH12 H  N N 37  
ARG HH21 H  N N 38  
ARG HH22 H  N N 39  
ARG HXT  H  N N 40  
ASN N    N  N N 41  
ASN CA   C  N S 42  
ASN C    C  N N 43  
ASN O    O  N N 44  
ASN CB   C  N N 45  
ASN CG   C  N N 46  
ASN OD1  O  N N 47  
ASN ND2  N  N N 48  
ASN OXT  O  N N 49  
ASN H    H  N N 50  
ASN H2   H  N N 51  
ASN HA   H  N N 52  
ASN HB2  H  N N 53  
ASN HB3  H  N N 54  
ASN HD21 H  N N 55  
ASN HD22 H  N N 56  
ASN HXT  H  N N 57  
ASP N    N  N N 58  
ASP CA   C  N S 59  
ASP C    C  N N 60  
ASP O    O  N N 61  
ASP CB   C  N N 62  
ASP CG   C  N N 63  
ASP OD1  O  N N 64  
ASP OD2  O  N N 65  
ASP OXT  O  N N 66  
ASP H    H  N N 67  
ASP H2   H  N N 68  
ASP HA   H  N N 69  
ASP HB2  H  N N 70  
ASP HB3  H  N N 71  
ASP HD2  H  N N 72  
ASP HXT  H  N N 73  
CL  CL   CL N N 74  
CYS N    N  N N 75  
CYS CA   C  N R 76  
CYS C    C  N N 77  
CYS O    O  N N 78  
CYS CB   C  N N 79  
CYS SG   S  N N 80  
CYS OXT  O  N N 81  
CYS H    H  N N 82  
CYS H2   H  N N 83  
CYS HA   H  N N 84  
CYS HB2  H  N N 85  
CYS HB3  H  N N 86  
CYS HG   H  N N 87  
CYS HXT  H  N N 88  
GLN N    N  N N 89  
GLN CA   C  N S 90  
GLN C    C  N N 91  
GLN O    O  N N 92  
GLN CB   C  N N 93  
GLN CG   C  N N 94  
GLN CD   C  N N 95  
GLN OE1  O  N N 96  
GLN NE2  N  N N 97  
GLN OXT  O  N N 98  
GLN H    H  N N 99  
GLN H2   H  N N 100 
GLN HA   H  N N 101 
GLN HB2  H  N N 102 
GLN HB3  H  N N 103 
GLN HG2  H  N N 104 
GLN HG3  H  N N 105 
GLN HE21 H  N N 106 
GLN HE22 H  N N 107 
GLN HXT  H  N N 108 
GLU N    N  N N 109 
GLU CA   C  N S 110 
GLU C    C  N N 111 
GLU O    O  N N 112 
GLU CB   C  N N 113 
GLU CG   C  N N 114 
GLU CD   C  N N 115 
GLU OE1  O  N N 116 
GLU OE2  O  N N 117 
GLU OXT  O  N N 118 
GLU H    H  N N 119 
GLU H2   H  N N 120 
GLU HA   H  N N 121 
GLU HB2  H  N N 122 
GLU HB3  H  N N 123 
GLU HG2  H  N N 124 
GLU HG3  H  N N 125 
GLU HE2  H  N N 126 
GLU HXT  H  N N 127 
GLY N    N  N N 128 
GLY CA   C  N N 129 
GLY C    C  N N 130 
GLY O    O  N N 131 
GLY OXT  O  N N 132 
GLY H    H  N N 133 
GLY H2   H  N N 134 
GLY HA2  H  N N 135 
GLY HA3  H  N N 136 
GLY HXT  H  N N 137 
HIS N    N  N N 138 
HIS CA   C  N S 139 
HIS C    C  N N 140 
HIS O    O  N N 141 
HIS CB   C  N N 142 
HIS CG   C  Y N 143 
HIS ND1  N  Y N 144 
HIS CD2  C  Y N 145 
HIS CE1  C  Y N 146 
HIS NE2  N  Y N 147 
HIS OXT  O  N N 148 
HIS H    H  N N 149 
HIS H2   H  N N 150 
HIS HA   H  N N 151 
HIS HB2  H  N N 152 
HIS HB3  H  N N 153 
HIS HD1  H  N N 154 
HIS HD2  H  N N 155 
HIS HE1  H  N N 156 
HIS HE2  H  N N 157 
HIS HXT  H  N N 158 
HOH O    O  N N 159 
HOH H1   H  N N 160 
HOH H2   H  N N 161 
ILE N    N  N N 162 
ILE CA   C  N S 163 
ILE C    C  N N 164 
ILE O    O  N N 165 
ILE CB   C  N S 166 
ILE CG1  C  N N 167 
ILE CG2  C  N N 168 
ILE CD1  C  N N 169 
ILE OXT  O  N N 170 
ILE H    H  N N 171 
ILE H2   H  N N 172 
ILE HA   H  N N 173 
ILE HB   H  N N 174 
ILE HG12 H  N N 175 
ILE HG13 H  N N 176 
ILE HG21 H  N N 177 
ILE HG22 H  N N 178 
ILE HG23 H  N N 179 
ILE HD11 H  N N 180 
ILE HD12 H  N N 181 
ILE HD13 H  N N 182 
ILE HXT  H  N N 183 
LEU N    N  N N 184 
LEU CA   C  N S 185 
LEU C    C  N N 186 
LEU O    O  N N 187 
LEU CB   C  N N 188 
LEU CG   C  N N 189 
LEU CD1  C  N N 190 
LEU CD2  C  N N 191 
LEU OXT  O  N N 192 
LEU H    H  N N 193 
LEU H2   H  N N 194 
LEU HA   H  N N 195 
LEU HB2  H  N N 196 
LEU HB3  H  N N 197 
LEU HG   H  N N 198 
LEU HD11 H  N N 199 
LEU HD12 H  N N 200 
LEU HD13 H  N N 201 
LEU HD21 H  N N 202 
LEU HD22 H  N N 203 
LEU HD23 H  N N 204 
LEU HXT  H  N N 205 
LYS N    N  N N 206 
LYS CA   C  N S 207 
LYS C    C  N N 208 
LYS O    O  N N 209 
LYS CB   C  N N 210 
LYS CG   C  N N 211 
LYS CD   C  N N 212 
LYS CE   C  N N 213 
LYS NZ   N  N N 214 
LYS OXT  O  N N 215 
LYS H    H  N N 216 
LYS H2   H  N N 217 
LYS HA   H  N N 218 
LYS HB2  H  N N 219 
LYS HB3  H  N N 220 
LYS HG2  H  N N 221 
LYS HG3  H  N N 222 
LYS HD2  H  N N 223 
LYS HD3  H  N N 224 
LYS HE2  H  N N 225 
LYS HE3  H  N N 226 
LYS HZ1  H  N N 227 
LYS HZ2  H  N N 228 
LYS HZ3  H  N N 229 
LYS HXT  H  N N 230 
MET N    N  N N 231 
MET CA   C  N S 232 
MET C    C  N N 233 
MET O    O  N N 234 
MET CB   C  N N 235 
MET CG   C  N N 236 
MET SD   S  N N 237 
MET CE   C  N N 238 
MET OXT  O  N N 239 
MET H    H  N N 240 
MET H2   H  N N 241 
MET HA   H  N N 242 
MET HB2  H  N N 243 
MET HB3  H  N N 244 
MET HG2  H  N N 245 
MET HG3  H  N N 246 
MET HE1  H  N N 247 
MET HE2  H  N N 248 
MET HE3  H  N N 249 
MET HXT  H  N N 250 
PHE N    N  N N 251 
PHE CA   C  N S 252 
PHE C    C  N N 253 
PHE O    O  N N 254 
PHE CB   C  N N 255 
PHE CG   C  Y N 256 
PHE CD1  C  Y N 257 
PHE CD2  C  Y N 258 
PHE CE1  C  Y N 259 
PHE CE2  C  Y N 260 
PHE CZ   C  Y N 261 
PHE OXT  O  N N 262 
PHE H    H  N N 263 
PHE H2   H  N N 264 
PHE HA   H  N N 265 
PHE HB2  H  N N 266 
PHE HB3  H  N N 267 
PHE HD1  H  N N 268 
PHE HD2  H  N N 269 
PHE HE1  H  N N 270 
PHE HE2  H  N N 271 
PHE HZ   H  N N 272 
PHE HXT  H  N N 273 
PRO N    N  N N 274 
PRO CA   C  N S 275 
PRO C    C  N N 276 
PRO O    O  N N 277 
PRO CB   C  N N 278 
PRO CG   C  N N 279 
PRO CD   C  N N 280 
PRO OXT  O  N N 281 
PRO H    H  N N 282 
PRO HA   H  N N 283 
PRO HB2  H  N N 284 
PRO HB3  H  N N 285 
PRO HG2  H  N N 286 
PRO HG3  H  N N 287 
PRO HD2  H  N N 288 
PRO HD3  H  N N 289 
PRO HXT  H  N N 290 
SER N    N  N N 291 
SER CA   C  N S 292 
SER C    C  N N 293 
SER O    O  N N 294 
SER CB   C  N N 295 
SER OG   O  N N 296 
SER OXT  O  N N 297 
SER H    H  N N 298 
SER H2   H  N N 299 
SER HA   H  N N 300 
SER HB2  H  N N 301 
SER HB3  H  N N 302 
SER HG   H  N N 303 
SER HXT  H  N N 304 
THR N    N  N N 305 
THR CA   C  N S 306 
THR C    C  N N 307 
THR O    O  N N 308 
THR CB   C  N R 309 
THR OG1  O  N N 310 
THR CG2  C  N N 311 
THR OXT  O  N N 312 
THR H    H  N N 313 
THR H2   H  N N 314 
THR HA   H  N N 315 
THR HB   H  N N 316 
THR HG1  H  N N 317 
THR HG21 H  N N 318 
THR HG22 H  N N 319 
THR HG23 H  N N 320 
THR HXT  H  N N 321 
TRP N    N  N N 322 
TRP CA   C  N S 323 
TRP C    C  N N 324 
TRP O    O  N N 325 
TRP CB   C  N N 326 
TRP CG   C  Y N 327 
TRP CD1  C  Y N 328 
TRP CD2  C  Y N 329 
TRP NE1  N  Y N 330 
TRP CE2  C  Y N 331 
TRP CE3  C  Y N 332 
TRP CZ2  C  Y N 333 
TRP CZ3  C  Y N 334 
TRP CH2  C  Y N 335 
TRP OXT  O  N N 336 
TRP H    H  N N 337 
TRP H2   H  N N 338 
TRP HA   H  N N 339 
TRP HB2  H  N N 340 
TRP HB3  H  N N 341 
TRP HD1  H  N N 342 
TRP HE1  H  N N 343 
TRP HE3  H  N N 344 
TRP HZ2  H  N N 345 
TRP HZ3  H  N N 346 
TRP HH2  H  N N 347 
TRP HXT  H  N N 348 
TYR N    N  N N 349 
TYR CA   C  N S 350 
TYR C    C  N N 351 
TYR O    O  N N 352 
TYR CB   C  N N 353 
TYR CG   C  Y N 354 
TYR CD1  C  Y N 355 
TYR CD2  C  Y N 356 
TYR CE1  C  Y N 357 
TYR CE2  C  Y N 358 
TYR CZ   C  Y N 359 
TYR OH   O  N N 360 
TYR OXT  O  N N 361 
TYR H    H  N N 362 
TYR H2   H  N N 363 
TYR HA   H  N N 364 
TYR HB2  H  N N 365 
TYR HB3  H  N N 366 
TYR HD1  H  N N 367 
TYR HD2  H  N N 368 
TYR HE1  H  N N 369 
TYR HE2  H  N N 370 
TYR HH   H  N N 371 
TYR HXT  H  N N 372 
VAL N    N  N N 373 
VAL CA   C  N S 374 
VAL C    C  N N 375 
VAL O    O  N N 376 
VAL CB   C  N N 377 
VAL CG1  C  N N 378 
VAL CG2  C  N N 379 
VAL OXT  O  N N 380 
VAL H    H  N N 381 
VAL H2   H  N N 382 
VAL HA   H  N N 383 
VAL HB   H  N N 384 
VAL HG11 H  N N 385 
VAL HG12 H  N N 386 
VAL HG13 H  N N 387 
VAL HG21 H  N N 388 
VAL HG22 H  N N 389 
VAL HG23 H  N N 390 
VAL HXT  H  N N 391 
# 
loop_
_chem_comp_bond.comp_id 
_chem_comp_bond.atom_id_1 
_chem_comp_bond.atom_id_2 
_chem_comp_bond.value_order 
_chem_comp_bond.pdbx_aromatic_flag 
_chem_comp_bond.pdbx_stereo_config 
_chem_comp_bond.pdbx_ordinal 
ALA N   CA   sing N N 1   
ALA N   H    sing N N 2   
ALA N   H2   sing N N 3   
ALA CA  C    sing N N 4   
ALA CA  CB   sing N N 5   
ALA CA  HA   sing N N 6   
ALA C   O    doub N N 7   
ALA C   OXT  sing N N 8   
ALA CB  HB1  sing N N 9   
ALA CB  HB2  sing N N 10  
ALA CB  HB3  sing N N 11  
ALA OXT HXT  sing N N 12  
ARG N   CA   sing N N 13  
ARG N   H    sing N N 14  
ARG N   H2   sing N N 15  
ARG CA  C    sing N N 16  
ARG CA  CB   sing N N 17  
ARG CA  HA   sing N N 18  
ARG C   O    doub N N 19  
ARG C   OXT  sing N N 20  
ARG CB  CG   sing N N 21  
ARG CB  HB2  sing N N 22  
ARG CB  HB3  sing N N 23  
ARG CG  CD   sing N N 24  
ARG CG  HG2  sing N N 25  
ARG CG  HG3  sing N N 26  
ARG CD  NE   sing N N 27  
ARG CD  HD2  sing N N 28  
ARG CD  HD3  sing N N 29  
ARG NE  CZ   sing N N 30  
ARG NE  HE   sing N N 31  
ARG CZ  NH1  sing N N 32  
ARG CZ  NH2  doub N N 33  
ARG NH1 HH11 sing N N 34  
ARG NH1 HH12 sing N N 35  
ARG NH2 HH21 sing N N 36  
ARG NH2 HH22 sing N N 37  
ARG OXT HXT  sing N N 38  
ASN N   CA   sing N N 39  
ASN N   H    sing N N 40  
ASN N   H2   sing N N 41  
ASN CA  C    sing N N 42  
ASN CA  CB   sing N N 43  
ASN CA  HA   sing N N 44  
ASN C   O    doub N N 45  
ASN C   OXT  sing N N 46  
ASN CB  CG   sing N N 47  
ASN CB  HB2  sing N N 48  
ASN CB  HB3  sing N N 49  
ASN CG  OD1  doub N N 50  
ASN CG  ND2  sing N N 51  
ASN ND2 HD21 sing N N 52  
ASN ND2 HD22 sing N N 53  
ASN OXT HXT  sing N N 54  
ASP N   CA   sing N N 55  
ASP N   H    sing N N 56  
ASP N   H2   sing N N 57  
ASP CA  C    sing N N 58  
ASP CA  CB   sing N N 59  
ASP CA  HA   sing N N 60  
ASP C   O    doub N N 61  
ASP C   OXT  sing N N 62  
ASP CB  CG   sing N N 63  
ASP CB  HB2  sing N N 64  
ASP CB  HB3  sing N N 65  
ASP CG  OD1  doub N N 66  
ASP CG  OD2  sing N N 67  
ASP OD2 HD2  sing N N 68  
ASP OXT HXT  sing N N 69  
CYS N   CA   sing N N 70  
CYS N   H    sing N N 71  
CYS N   H2   sing N N 72  
CYS CA  C    sing N N 73  
CYS CA  CB   sing N N 74  
CYS CA  HA   sing N N 75  
CYS C   O    doub N N 76  
CYS C   OXT  sing N N 77  
CYS CB  SG   sing N N 78  
CYS CB  HB2  sing N N 79  
CYS CB  HB3  sing N N 80  
CYS SG  HG   sing N N 81  
CYS OXT HXT  sing N N 82  
GLN N   CA   sing N N 83  
GLN N   H    sing N N 84  
GLN N   H2   sing N N 85  
GLN CA  C    sing N N 86  
GLN CA  CB   sing N N 87  
GLN CA  HA   sing N N 88  
GLN C   O    doub N N 89  
GLN C   OXT  sing N N 90  
GLN CB  CG   sing N N 91  
GLN CB  HB2  sing N N 92  
GLN CB  HB3  sing N N 93  
GLN CG  CD   sing N N 94  
GLN CG  HG2  sing N N 95  
GLN CG  HG3  sing N N 96  
GLN CD  OE1  doub N N 97  
GLN CD  NE2  sing N N 98  
GLN NE2 HE21 sing N N 99  
GLN NE2 HE22 sing N N 100 
GLN OXT HXT  sing N N 101 
GLU N   CA   sing N N 102 
GLU N   H    sing N N 103 
GLU N   H2   sing N N 104 
GLU CA  C    sing N N 105 
GLU CA  CB   sing N N 106 
GLU CA  HA   sing N N 107 
GLU C   O    doub N N 108 
GLU C   OXT  sing N N 109 
GLU CB  CG   sing N N 110 
GLU CB  HB2  sing N N 111 
GLU CB  HB3  sing N N 112 
GLU CG  CD   sing N N 113 
GLU CG  HG2  sing N N 114 
GLU CG  HG3  sing N N 115 
GLU CD  OE1  doub N N 116 
GLU CD  OE2  sing N N 117 
GLU OE2 HE2  sing N N 118 
GLU OXT HXT  sing N N 119 
GLY N   CA   sing N N 120 
GLY N   H    sing N N 121 
GLY N   H2   sing N N 122 
GLY CA  C    sing N N 123 
GLY CA  HA2  sing N N 124 
GLY CA  HA3  sing N N 125 
GLY C   O    doub N N 126 
GLY C   OXT  sing N N 127 
GLY OXT HXT  sing N N 128 
HIS N   CA   sing N N 129 
HIS N   H    sing N N 130 
HIS N   H2   sing N N 131 
HIS CA  C    sing N N 132 
HIS CA  CB   sing N N 133 
HIS CA  HA   sing N N 134 
HIS C   O    doub N N 135 
HIS C   OXT  sing N N 136 
HIS CB  CG   sing N N 137 
HIS CB  HB2  sing N N 138 
HIS CB  HB3  sing N N 139 
HIS CG  ND1  sing Y N 140 
HIS CG  CD2  doub Y N 141 
HIS ND1 CE1  doub Y N 142 
HIS ND1 HD1  sing N N 143 
HIS CD2 NE2  sing Y N 144 
HIS CD2 HD2  sing N N 145 
HIS CE1 NE2  sing Y N 146 
HIS CE1 HE1  sing N N 147 
HIS NE2 HE2  sing N N 148 
HIS OXT HXT  sing N N 149 
HOH O   H1   sing N N 150 
HOH O   H2   sing N N 151 
ILE N   CA   sing N N 152 
ILE N   H    sing N N 153 
ILE N   H2   sing N N 154 
ILE CA  C    sing N N 155 
ILE CA  CB   sing N N 156 
ILE CA  HA   sing N N 157 
ILE C   O    doub N N 158 
ILE C   OXT  sing N N 159 
ILE CB  CG1  sing N N 160 
ILE CB  CG2  sing N N 161 
ILE CB  HB   sing N N 162 
ILE CG1 CD1  sing N N 163 
ILE CG1 HG12 sing N N 164 
ILE CG1 HG13 sing N N 165 
ILE CG2 HG21 sing N N 166 
ILE CG2 HG22 sing N N 167 
ILE CG2 HG23 sing N N 168 
ILE CD1 HD11 sing N N 169 
ILE CD1 HD12 sing N N 170 
ILE CD1 HD13 sing N N 171 
ILE OXT HXT  sing N N 172 
LEU N   CA   sing N N 173 
LEU N   H    sing N N 174 
LEU N   H2   sing N N 175 
LEU CA  C    sing N N 176 
LEU CA  CB   sing N N 177 
LEU CA  HA   sing N N 178 
LEU C   O    doub N N 179 
LEU C   OXT  sing N N 180 
LEU CB  CG   sing N N 181 
LEU CB  HB2  sing N N 182 
LEU CB  HB3  sing N N 183 
LEU CG  CD1  sing N N 184 
LEU CG  CD2  sing N N 185 
LEU CG  HG   sing N N 186 
LEU CD1 HD11 sing N N 187 
LEU CD1 HD12 sing N N 188 
LEU CD1 HD13 sing N N 189 
LEU CD2 HD21 sing N N 190 
LEU CD2 HD22 sing N N 191 
LEU CD2 HD23 sing N N 192 
LEU OXT HXT  sing N N 193 
LYS N   CA   sing N N 194 
LYS N   H    sing N N 195 
LYS N   H2   sing N N 196 
LYS CA  C    sing N N 197 
LYS CA  CB   sing N N 198 
LYS CA  HA   sing N N 199 
LYS C   O    doub N N 200 
LYS C   OXT  sing N N 201 
LYS CB  CG   sing N N 202 
LYS CB  HB2  sing N N 203 
LYS CB  HB3  sing N N 204 
LYS CG  CD   sing N N 205 
LYS CG  HG2  sing N N 206 
LYS CG  HG3  sing N N 207 
LYS CD  CE   sing N N 208 
LYS CD  HD2  sing N N 209 
LYS CD  HD3  sing N N 210 
LYS CE  NZ   sing N N 211 
LYS CE  HE2  sing N N 212 
LYS CE  HE3  sing N N 213 
LYS NZ  HZ1  sing N N 214 
LYS NZ  HZ2  sing N N 215 
LYS NZ  HZ3  sing N N 216 
LYS OXT HXT  sing N N 217 
MET N   CA   sing N N 218 
MET N   H    sing N N 219 
MET N   H2   sing N N 220 
MET CA  C    sing N N 221 
MET CA  CB   sing N N 222 
MET CA  HA   sing N N 223 
MET C   O    doub N N 224 
MET C   OXT  sing N N 225 
MET CB  CG   sing N N 226 
MET CB  HB2  sing N N 227 
MET CB  HB3  sing N N 228 
MET CG  SD   sing N N 229 
MET CG  HG2  sing N N 230 
MET CG  HG3  sing N N 231 
MET SD  CE   sing N N 232 
MET CE  HE1  sing N N 233 
MET CE  HE2  sing N N 234 
MET CE  HE3  sing N N 235 
MET OXT HXT  sing N N 236 
PHE N   CA   sing N N 237 
PHE N   H    sing N N 238 
PHE N   H2   sing N N 239 
PHE CA  C    sing N N 240 
PHE CA  CB   sing N N 241 
PHE CA  HA   sing N N 242 
PHE C   O    doub N N 243 
PHE C   OXT  sing N N 244 
PHE CB  CG   sing N N 245 
PHE CB  HB2  sing N N 246 
PHE CB  HB3  sing N N 247 
PHE CG  CD1  doub Y N 248 
PHE CG  CD2  sing Y N 249 
PHE CD1 CE1  sing Y N 250 
PHE CD1 HD1  sing N N 251 
PHE CD2 CE2  doub Y N 252 
PHE CD2 HD2  sing N N 253 
PHE CE1 CZ   doub Y N 254 
PHE CE1 HE1  sing N N 255 
PHE CE2 CZ   sing Y N 256 
PHE CE2 HE2  sing N N 257 
PHE CZ  HZ   sing N N 258 
PHE OXT HXT  sing N N 259 
PRO N   CA   sing N N 260 
PRO N   CD   sing N N 261 
PRO N   H    sing N N 262 
PRO CA  C    sing N N 263 
PRO CA  CB   sing N N 264 
PRO CA  HA   sing N N 265 
PRO C   O    doub N N 266 
PRO C   OXT  sing N N 267 
PRO CB  CG   sing N N 268 
PRO CB  HB2  sing N N 269 
PRO CB  HB3  sing N N 270 
PRO CG  CD   sing N N 271 
PRO CG  HG2  sing N N 272 
PRO CG  HG3  sing N N 273 
PRO CD  HD2  sing N N 274 
PRO CD  HD3  sing N N 275 
PRO OXT HXT  sing N N 276 
SER N   CA   sing N N 277 
SER N   H    sing N N 278 
SER N   H2   sing N N 279 
SER CA  C    sing N N 280 
SER CA  CB   sing N N 281 
SER CA  HA   sing N N 282 
SER C   O    doub N N 283 
SER C   OXT  sing N N 284 
SER CB  OG   sing N N 285 
SER CB  HB2  sing N N 286 
SER CB  HB3  sing N N 287 
SER OG  HG   sing N N 288 
SER OXT HXT  sing N N 289 
THR N   CA   sing N N 290 
THR N   H    sing N N 291 
THR N   H2   sing N N 292 
THR CA  C    sing N N 293 
THR CA  CB   sing N N 294 
THR CA  HA   sing N N 295 
THR C   O    doub N N 296 
THR C   OXT  sing N N 297 
THR CB  OG1  sing N N 298 
THR CB  CG2  sing N N 299 
THR CB  HB   sing N N 300 
THR OG1 HG1  sing N N 301 
THR CG2 HG21 sing N N 302 
THR CG2 HG22 sing N N 303 
THR CG2 HG23 sing N N 304 
THR OXT HXT  sing N N 305 
TRP N   CA   sing N N 306 
TRP N   H    sing N N 307 
TRP N   H2   sing N N 308 
TRP CA  C    sing N N 309 
TRP CA  CB   sing N N 310 
TRP CA  HA   sing N N 311 
TRP C   O    doub N N 312 
TRP C   OXT  sing N N 313 
TRP CB  CG   sing N N 314 
TRP CB  HB2  sing N N 315 
TRP CB  HB3  sing N N 316 
TRP CG  CD1  doub Y N 317 
TRP CG  CD2  sing Y N 318 
TRP CD1 NE1  sing Y N 319 
TRP CD1 HD1  sing N N 320 
TRP CD2 CE2  doub Y N 321 
TRP CD2 CE3  sing Y N 322 
TRP NE1 CE2  sing Y N 323 
TRP NE1 HE1  sing N N 324 
TRP CE2 CZ2  sing Y N 325 
TRP CE3 CZ3  doub Y N 326 
TRP CE3 HE3  sing N N 327 
TRP CZ2 CH2  doub Y N 328 
TRP CZ2 HZ2  sing N N 329 
TRP CZ3 CH2  sing Y N 330 
TRP CZ3 HZ3  sing N N 331 
TRP CH2 HH2  sing N N 332 
TRP OXT HXT  sing N N 333 
TYR N   CA   sing N N 334 
TYR N   H    sing N N 335 
TYR N   H2   sing N N 336 
TYR CA  C    sing N N 337 
TYR CA  CB   sing N N 338 
TYR CA  HA   sing N N 339 
TYR C   O    doub N N 340 
TYR C   OXT  sing N N 341 
TYR CB  CG   sing N N 342 
TYR CB  HB2  sing N N 343 
TYR CB  HB3  sing N N 344 
TYR CG  CD1  doub Y N 345 
TYR CG  CD2  sing Y N 346 
TYR CD1 CE1  sing Y N 347 
TYR CD1 HD1  sing N N 348 
TYR CD2 CE2  doub Y N 349 
TYR CD2 HD2  sing N N 350 
TYR CE1 CZ   doub Y N 351 
TYR CE1 HE1  sing N N 352 
TYR CE2 CZ   sing Y N 353 
TYR CE2 HE2  sing N N 354 
TYR CZ  OH   sing N N 355 
TYR OH  HH   sing N N 356 
TYR OXT HXT  sing N N 357 
VAL N   CA   sing N N 358 
VAL N   H    sing N N 359 
VAL N   H2   sing N N 360 
VAL CA  C    sing N N 361 
VAL CA  CB   sing N N 362 
VAL CA  HA   sing N N 363 
VAL C   O    doub N N 364 
VAL C   OXT  sing N N 365 
VAL CB  CG1  sing N N 366 
VAL CB  CG2  sing N N 367 
VAL CB  HB   sing N N 368 
VAL CG1 HG11 sing N N 369 
VAL CG1 HG12 sing N N 370 
VAL CG1 HG13 sing N N 371 
VAL CG2 HG21 sing N N 372 
VAL CG2 HG22 sing N N 373 
VAL CG2 HG23 sing N N 374 
VAL OXT HXT  sing N N 375 
# 
loop_
_pdbx_entity_nonpoly.entity_id 
_pdbx_entity_nonpoly.name 
_pdbx_entity_nonpoly.comp_id 
2 'CHLORIDE ION' CL  
3 water          HOH 
# 
_pdbx_initial_refinement_model.id               1 
_pdbx_initial_refinement_model.entity_id_list   ? 
_pdbx_initial_refinement_model.type             'experimental model' 
_pdbx_initial_refinement_model.source_name      PDB 
_pdbx_initial_refinement_model.accession_code   2HUZ 
_pdbx_initial_refinement_model.details          'PDB ENTRY 2HUZ' 
# 
